data_2A0A
#
_entry.id   2A0A
#
_entity_poly.entity_id   1
_entity_poly.type   'polypeptide(L)'
_entity_poly.pdbx_seq_one_letter_code
;MASIEGKYKLEKSEKFDEFLDKLGVGFMVKTAAKTLKPTFEVAIENDQYIFRSLSTFKNTEAKFKLGEEFEEDRADGKRV
KTVIQKEGDNKFVQTQFGDKEVKIIREFNGDEVVVTASCDGVTSVRTYKRI
;
_entity_poly.pdbx_strand_id   A
#
# COMPACT_ATOMS: atom_id res chain seq x y z
N MET A 1 -13.66 4.90 -11.11
CA MET A 1 -14.36 5.35 -9.86
C MET A 1 -15.55 4.46 -9.47
N ALA A 2 -15.53 3.13 -9.69
CA ALA A 2 -16.63 2.21 -9.36
C ALA A 2 -16.71 1.86 -7.85
N SER A 3 -16.89 2.86 -6.99
CA SER A 3 -16.80 2.77 -5.51
C SER A 3 -15.51 2.12 -5.01
N ILE A 4 -14.41 2.26 -5.78
CA ILE A 4 -13.06 1.80 -5.40
C ILE A 4 -12.47 2.56 -4.20
N GLU A 5 -13.08 3.68 -3.79
CA GLU A 5 -12.75 4.39 -2.56
C GLU A 5 -13.22 3.67 -1.28
N GLY A 6 -12.67 4.07 -0.14
CA GLY A 6 -13.02 3.55 1.19
C GLY A 6 -11.78 3.43 2.10
N LYS A 7 -12.01 2.94 3.33
CA LYS A 7 -10.96 2.70 4.34
C LYS A 7 -10.80 1.19 4.54
N TYR A 8 -9.57 0.69 4.58
CA TYR A 8 -9.32 -0.74 4.66
C TYR A 8 -8.12 -1.06 5.54
N LYS A 9 -8.19 -2.15 6.31
CA LYS A 9 -7.16 -2.51 7.31
C LYS A 9 -6.57 -3.89 7.04
N LEU A 10 -5.31 -4.11 7.41
CA LEU A 10 -4.62 -5.41 7.31
C LEU A 10 -5.42 -6.52 8.00
N GLU A 11 -5.67 -7.62 7.27
CA GLU A 11 -6.49 -8.75 7.75
C GLU A 11 -5.99 -10.12 7.21
N LYS A 12 -4.67 -10.37 7.30
CA LYS A 12 -4.05 -11.65 6.92
C LYS A 12 -2.74 -11.96 7.64
N SER A 13 -1.76 -11.05 7.51
CA SER A 13 -0.45 -11.07 8.17
C SER A 13 0.37 -12.33 7.85
N GLU A 14 0.74 -12.48 6.57
CA GLU A 14 1.45 -13.63 6.00
C GLU A 14 2.61 -13.13 5.12
N LYS A 15 3.83 -13.61 5.41
CA LYS A 15 5.14 -13.16 4.86
C LYS A 15 5.45 -11.67 5.06
N PHE A 16 4.69 -10.98 5.91
CA PHE A 16 4.93 -9.60 6.33
C PHE A 16 6.36 -9.38 6.83
N ASP A 17 6.90 -10.20 7.74
CA ASP A 17 8.27 -10.01 8.27
C ASP A 17 9.37 -10.02 7.18
N GLU A 18 9.15 -10.77 6.09
CA GLU A 18 10.01 -10.77 4.91
C GLU A 18 9.74 -9.54 4.01
N PHE A 19 8.48 -9.22 3.69
CA PHE A 19 8.11 -8.05 2.86
C PHE A 19 8.49 -6.70 3.47
N LEU A 20 8.32 -6.55 4.79
CA LEU A 20 8.64 -5.33 5.53
C LEU A 20 10.12 -4.93 5.43
N ASP A 21 11.01 -5.90 5.17
CA ASP A 21 12.42 -5.68 4.81
C ASP A 21 12.56 -4.77 3.56
N LYS A 22 11.58 -4.79 2.65
CA LYS A 22 11.50 -3.97 1.42
C LYS A 22 10.67 -2.70 1.63
N LEU A 23 9.65 -2.75 2.48
CA LEU A 23 8.80 -1.61 2.86
C LEU A 23 9.57 -0.52 3.64
N GLY A 24 10.63 -0.91 4.38
CA GLY A 24 11.56 0.00 5.08
C GLY A 24 11.33 0.12 6.59
N VAL A 25 10.25 -0.49 7.10
CA VAL A 25 9.89 -0.56 8.54
C VAL A 25 10.58 -1.71 9.26
N GLY A 26 10.39 -1.77 10.59
CA GLY A 26 10.92 -2.81 11.48
C GLY A 26 9.84 -3.41 12.37
N PHE A 27 10.20 -3.75 13.61
CA PHE A 27 9.30 -4.33 14.62
C PHE A 27 7.96 -3.59 14.73
N MET A 28 7.93 -2.26 14.53
CA MET A 28 6.72 -1.42 14.64
C MET A 28 5.58 -1.78 13.67
N VAL A 29 5.89 -2.42 12.54
CA VAL A 29 4.83 -3.00 11.68
C VAL A 29 4.77 -4.52 11.82
N LYS A 30 5.87 -5.21 12.20
CA LYS A 30 5.81 -6.64 12.60
C LYS A 30 4.83 -6.91 13.76
N THR A 31 4.74 -6.03 14.75
CA THR A 31 3.77 -6.10 15.86
C THR A 31 2.40 -5.60 15.46
N ALA A 32 2.32 -4.60 14.59
CA ALA A 32 1.06 -4.16 13.96
C ALA A 32 0.40 -5.30 13.14
N ALA A 33 1.19 -6.21 12.54
CA ALA A 33 0.70 -7.40 11.85
C ALA A 33 0.00 -8.45 12.75
N LYS A 34 0.29 -8.52 14.06
CA LYS A 34 -0.53 -9.30 15.02
C LYS A 34 -1.96 -8.74 15.23
N THR A 35 -2.29 -7.63 14.58
CA THR A 35 -3.60 -6.92 14.61
C THR A 35 -3.86 -6.27 13.26
N LEU A 36 -4.63 -5.17 13.22
CA LEU A 36 -5.04 -4.41 12.02
C LEU A 36 -4.68 -2.90 12.14
N LYS A 37 -3.67 -2.58 12.95
CA LYS A 37 -3.06 -1.23 13.05
C LYS A 37 -2.66 -0.61 11.72
N PRO A 38 -2.01 -1.31 10.75
CA PRO A 38 -1.65 -0.75 9.48
C PRO A 38 -2.89 -0.83 8.61
N THR A 39 -3.27 0.33 8.12
CA THR A 39 -4.48 0.58 7.32
C THR A 39 -4.16 1.58 6.20
N PHE A 40 -5.06 1.71 5.23
CA PHE A 40 -4.96 2.67 4.14
C PHE A 40 -6.38 3.19 3.85
N GLU A 41 -6.46 4.39 3.30
CA GLU A 41 -7.69 4.95 2.72
C GLU A 41 -7.39 5.35 1.29
N VAL A 42 -8.28 4.92 0.40
CA VAL A 42 -8.26 5.29 -0.99
C VAL A 42 -9.43 6.25 -1.21
N ALA A 43 -9.11 7.47 -1.64
CA ALA A 43 -10.08 8.52 -1.93
C ALA A 43 -9.82 9.06 -3.34
N ILE A 44 -10.62 8.55 -4.28
CA ILE A 44 -10.50 8.84 -5.72
C ILE A 44 -11.43 10.01 -6.03
N GLU A 45 -10.89 11.22 -5.95
CA GLU A 45 -11.60 12.45 -6.28
C GLU A 45 -11.51 12.72 -7.81
N ASN A 46 -12.47 13.48 -8.34
CA ASN A 46 -12.59 13.84 -9.76
C ASN A 46 -11.58 14.91 -10.25
N ASP A 47 -10.32 14.80 -9.78
CA ASP A 47 -9.15 15.62 -10.18
C ASP A 47 -7.83 14.84 -9.97
N GLN A 48 -7.65 14.23 -8.80
CA GLN A 48 -6.43 13.50 -8.37
C GLN A 48 -6.78 12.36 -7.39
N TYR A 49 -5.83 11.45 -7.17
CA TYR A 49 -5.95 10.34 -6.21
C TYR A 49 -5.33 10.75 -4.87
N ILE A 50 -6.03 10.46 -3.76
CA ILE A 50 -5.55 10.69 -2.40
C ILE A 50 -5.32 9.32 -1.76
N PHE A 51 -4.02 9.02 -1.62
CA PHE A 51 -3.44 7.76 -1.14
C PHE A 51 -3.07 7.90 0.35
N ARG A 52 -4.06 7.70 1.24
CA ARG A 52 -3.88 7.79 2.69
C ARG A 52 -3.16 6.53 3.17
N SER A 53 -1.97 6.65 3.73
CA SER A 53 -1.23 5.56 4.34
C SER A 53 -1.32 5.67 5.86
N LEU A 54 -1.73 4.61 6.54
CA LEU A 54 -1.75 4.49 8.00
C LEU A 54 -0.91 3.29 8.49
N SER A 55 -0.10 2.71 7.58
CA SER A 55 0.90 1.68 7.79
C SER A 55 2.29 2.31 7.98
N THR A 56 3.33 1.69 7.45
CA THR A 56 4.68 2.25 7.20
C THR A 56 5.38 2.89 8.42
N PHE A 57 5.01 2.44 9.65
CA PHE A 57 5.36 3.05 10.94
C PHE A 57 5.11 4.58 11.01
N LYS A 58 4.19 5.10 10.18
CA LYS A 58 3.81 6.51 10.09
C LYS A 58 2.49 6.70 9.33
N ASN A 59 1.43 7.04 10.07
CA ASN A 59 0.21 7.52 9.42
C ASN A 59 0.40 8.93 8.80
N THR A 60 -0.06 9.13 7.56
CA THR A 60 0.05 10.35 6.75
C THR A 60 -0.77 10.22 5.47
N GLU A 61 -1.21 11.33 4.87
CA GLU A 61 -1.85 11.34 3.55
C GLU A 61 -0.91 11.88 2.46
N ALA A 62 -1.03 11.30 1.27
CA ALA A 62 -0.30 11.67 0.06
C ALA A 62 -1.29 11.88 -1.10
N LYS A 63 -1.09 12.88 -1.95
CA LYS A 63 -2.04 13.26 -2.99
C LYS A 63 -1.29 13.46 -4.31
N PHE A 64 -1.67 12.70 -5.33
CA PHE A 64 -0.90 12.54 -6.57
C PHE A 64 -1.80 12.21 -7.77
N LYS A 65 -1.25 12.26 -8.98
CA LYS A 65 -1.95 11.88 -10.23
C LYS A 65 -1.92 10.36 -10.46
N LEU A 66 -2.52 9.88 -11.55
CA LEU A 66 -2.51 8.46 -11.95
C LEU A 66 -1.32 8.19 -12.90
N GLY A 67 -0.47 7.24 -12.54
CA GLY A 67 0.75 6.86 -13.29
C GLY A 67 1.90 7.86 -13.21
N GLU A 68 1.82 8.81 -12.28
CA GLU A 68 2.91 9.70 -11.88
C GLU A 68 4.13 8.92 -11.36
N GLU A 69 5.31 9.51 -11.36
CA GLU A 69 6.52 8.85 -10.83
C GLU A 69 7.49 9.87 -10.23
N PHE A 70 7.60 9.90 -8.90
CA PHE A 70 8.50 10.77 -8.14
C PHE A 70 9.23 10.00 -7.03
N GLU A 71 10.20 10.62 -6.37
CA GLU A 71 10.97 10.06 -5.25
C GLU A 71 11.13 11.18 -4.20
N GLU A 72 10.34 11.13 -3.14
CA GLU A 72 10.35 12.10 -2.03
C GLU A 72 10.23 11.44 -0.66
N ASP A 73 10.62 12.14 0.39
CA ASP A 73 10.49 11.67 1.78
C ASP A 73 9.03 11.42 2.19
N ARG A 74 8.75 10.21 2.71
CA ARG A 74 7.45 9.71 3.13
C ARG A 74 7.62 8.61 4.19
N ALA A 75 6.53 8.06 4.69
CA ALA A 75 6.51 7.08 5.78
C ALA A 75 7.32 7.54 7.01
N ASP A 76 7.87 6.61 7.80
CA ASP A 76 8.68 6.85 9.01
C ASP A 76 9.82 7.89 8.80
N GLY A 77 10.39 7.98 7.60
CA GLY A 77 11.37 9.01 7.24
C GLY A 77 12.29 8.54 6.11
N LYS A 78 11.72 8.00 5.03
CA LYS A 78 12.44 7.34 3.94
C LYS A 78 12.02 7.94 2.60
N ARG A 79 13.02 8.35 1.81
CA ARG A 79 12.83 8.89 0.46
C ARG A 79 13.09 7.77 -0.55
N VAL A 80 12.01 7.33 -1.19
CA VAL A 80 12.00 6.26 -2.21
C VAL A 80 11.02 6.61 -3.32
N LYS A 81 11.21 5.99 -4.48
CA LYS A 81 10.31 6.17 -5.62
C LYS A 81 8.87 5.82 -5.24
N THR A 82 7.90 6.40 -5.93
CA THR A 82 6.47 6.17 -5.74
C THR A 82 5.80 6.43 -7.08
N VAL A 83 5.05 5.42 -7.53
CA VAL A 83 4.24 5.43 -8.75
C VAL A 83 3.03 4.56 -8.48
N ILE A 84 1.84 5.15 -8.60
CA ILE A 84 0.56 4.52 -8.33
C ILE A 84 -0.29 4.59 -9.61
N GLN A 85 -0.68 3.45 -10.15
CA GLN A 85 -1.48 3.37 -11.39
C GLN A 85 -2.60 2.33 -11.26
N LYS A 86 -3.84 2.80 -11.36
CA LYS A 86 -5.04 1.96 -11.42
C LYS A 86 -5.06 1.21 -12.77
N GLU A 87 -5.04 -0.12 -12.71
CA GLU A 87 -5.19 -1.02 -13.86
C GLU A 87 -6.69 -1.25 -14.15
N GLY A 88 -7.17 -0.71 -15.28
CA GLY A 88 -8.56 -0.82 -15.72
C GLY A 88 -9.52 0.11 -14.95
N ASP A 89 -10.07 -0.38 -13.83
CA ASP A 89 -10.92 0.36 -12.87
C ASP A 89 -11.21 -0.44 -11.57
N ASN A 90 -10.32 -1.39 -11.20
CA ASN A 90 -10.57 -2.36 -10.12
C ASN A 90 -9.30 -2.92 -9.49
N LYS A 91 -8.29 -3.19 -10.33
CA LYS A 91 -6.91 -3.48 -9.88
C LYS A 91 -6.14 -2.19 -9.74
N PHE A 92 -5.22 -2.15 -8.79
CA PHE A 92 -4.31 -1.05 -8.50
C PHE A 92 -2.92 -1.66 -8.43
N VAL A 93 -1.93 -1.06 -9.09
CA VAL A 93 -0.54 -1.50 -9.03
C VAL A 93 0.35 -0.32 -8.68
N GLN A 94 1.33 -0.56 -7.82
CA GLN A 94 2.21 0.47 -7.29
C GLN A 94 3.63 -0.04 -7.11
N THR A 95 4.60 0.79 -7.45
CA THR A 95 6.03 0.45 -7.36
C THR A 95 6.74 1.52 -6.56
N GLN A 96 7.68 1.10 -5.69
CA GLN A 96 8.54 2.02 -4.95
C GLN A 96 9.98 1.49 -4.90
N PHE A 97 10.95 2.40 -4.84
CA PHE A 97 12.37 2.05 -4.76
C PHE A 97 12.71 1.30 -3.47
N GLY A 98 11.90 1.44 -2.40
CA GLY A 98 12.00 0.73 -1.08
C GLY A 98 13.43 0.39 -0.68
N ASP A 99 13.83 -0.86 -0.91
CA ASP A 99 15.24 -1.33 -0.83
C ASP A 99 15.92 -1.57 -2.20
N LYS A 100 15.13 -1.78 -3.26
CA LYS A 100 15.60 -1.82 -4.66
C LYS A 100 14.50 -1.50 -5.70
N GLU A 101 13.29 -2.08 -5.56
CA GLU A 101 12.12 -1.98 -6.45
C GLU A 101 11.08 -3.03 -6.05
N VAL A 102 10.23 -2.72 -5.06
CA VAL A 102 9.08 -3.56 -4.70
C VAL A 102 7.88 -3.19 -5.60
N LYS A 103 7.01 -4.15 -5.89
CA LYS A 103 5.77 -4.03 -6.66
C LYS A 103 4.62 -4.57 -5.83
N ILE A 104 3.67 -3.73 -5.47
CA ILE A 104 2.43 -4.14 -4.77
C ILE A 104 1.27 -4.01 -5.75
N ILE A 105 0.37 -4.97 -5.67
CA ILE A 105 -0.88 -5.06 -6.43
C ILE A 105 -2.01 -5.20 -5.40
N ARG A 106 -3.14 -4.55 -5.66
CA ARG A 106 -4.35 -4.53 -4.82
C ARG A 106 -5.58 -4.61 -5.73
N GLU A 107 -6.48 -5.59 -5.56
CA GLU A 107 -7.65 -5.73 -6.43
C GLU A 107 -8.95 -5.76 -5.61
N PHE A 108 -9.81 -4.77 -5.84
CA PHE A 108 -11.09 -4.51 -5.19
C PHE A 108 -12.17 -5.55 -5.50
N ASN A 109 -12.20 -6.68 -4.77
CA ASN A 109 -13.27 -7.69 -4.89
C ASN A 109 -14.68 -7.14 -4.58
N GLY A 110 -14.79 -6.16 -3.67
CA GLY A 110 -16.04 -5.44 -3.33
C GLY A 110 -16.24 -5.21 -1.83
N ASP A 111 -15.94 -6.25 -1.04
CA ASP A 111 -15.97 -6.20 0.44
C ASP A 111 -14.56 -6.25 1.06
N GLU A 112 -13.57 -6.66 0.28
CA GLU A 112 -12.15 -6.80 0.62
C GLU A 112 -11.27 -6.54 -0.61
N VAL A 113 -9.95 -6.48 -0.40
CA VAL A 113 -8.93 -6.22 -1.42
C VAL A 113 -7.82 -7.26 -1.30
N VAL A 114 -7.52 -8.00 -2.37
CA VAL A 114 -6.37 -8.95 -2.40
C VAL A 114 -5.07 -8.20 -2.67
N VAL A 115 -4.12 -8.24 -1.73
CA VAL A 115 -2.77 -7.69 -1.90
C VAL A 115 -1.82 -8.76 -2.39
N THR A 116 -0.94 -8.36 -3.30
CA THR A 116 0.14 -9.16 -3.91
C THR A 116 1.38 -8.27 -3.98
N ALA A 117 2.24 -8.39 -2.96
CA ALA A 117 3.56 -7.73 -2.99
C ALA A 117 4.60 -8.64 -3.63
N SER A 118 5.56 -8.09 -4.37
CA SER A 118 6.69 -8.82 -4.95
C SER A 118 7.89 -7.88 -5.20
N CYS A 119 9.07 -8.25 -4.69
CA CYS A 119 10.34 -7.53 -4.84
C CYS A 119 11.34 -8.41 -5.63
N ASP A 120 12.63 -8.14 -5.45
CA ASP A 120 13.79 -8.87 -6.01
C ASP A 120 13.69 -10.40 -5.88
N GLY A 121 13.24 -10.86 -4.71
CA GLY A 121 12.95 -12.28 -4.40
C GLY A 121 12.11 -12.46 -3.14
N VAL A 122 11.22 -11.51 -2.86
CA VAL A 122 10.38 -11.42 -1.64
C VAL A 122 8.95 -11.15 -2.06
N THR A 123 8.06 -12.09 -1.78
CA THR A 123 6.64 -12.02 -2.18
C THR A 123 5.77 -12.06 -0.92
N SER A 124 4.69 -11.29 -0.92
CA SER A 124 3.73 -11.21 0.20
C SER A 124 2.31 -11.23 -0.32
N VAL A 125 1.40 -11.64 0.57
CA VAL A 125 -0.02 -11.79 0.29
C VAL A 125 -0.80 -11.50 1.57
N ARG A 126 -1.65 -10.48 1.49
CA ARG A 126 -2.60 -10.12 2.54
C ARG A 126 -3.95 -9.71 1.97
N THR A 127 -5.05 -10.11 2.59
CA THR A 127 -6.36 -9.57 2.26
C THR A 127 -6.61 -8.36 3.18
N TYR A 128 -6.94 -7.23 2.58
CA TYR A 128 -7.33 -6.01 3.27
C TYR A 128 -8.86 -5.98 3.44
N LYS A 129 -9.33 -5.85 4.68
CA LYS A 129 -10.77 -5.71 5.01
C LYS A 129 -11.22 -4.27 4.77
N ARG A 130 -12.06 -4.03 3.76
CA ARG A 130 -12.65 -2.71 3.46
C ARG A 130 -14.00 -2.49 4.18
N ILE A 131 -14.22 -1.25 4.64
CA ILE A 131 -15.35 -0.79 5.48
C ILE A 131 -15.60 0.74 5.37
N MET A 1 -17.94 -1.08 -5.16
CA MET A 1 -17.09 -0.25 -6.06
C MET A 1 -17.56 1.21 -6.16
N ALA A 2 -17.84 1.91 -5.04
CA ALA A 2 -18.41 3.27 -5.07
C ALA A 2 -17.52 4.29 -5.82
N SER A 3 -16.20 4.20 -5.62
CA SER A 3 -15.15 4.94 -6.38
C SER A 3 -13.75 4.39 -6.04
N ILE A 4 -13.61 3.06 -5.87
CA ILE A 4 -12.44 2.37 -5.26
C ILE A 4 -11.90 3.09 -3.99
N GLU A 5 -12.81 3.68 -3.21
CA GLU A 5 -12.55 4.52 -2.04
C GLU A 5 -13.02 3.90 -0.72
N GLY A 6 -12.50 4.41 0.39
CA GLY A 6 -12.79 3.96 1.77
C GLY A 6 -11.53 3.76 2.60
N LYS A 7 -11.67 3.15 3.79
CA LYS A 7 -10.56 2.72 4.65
C LYS A 7 -10.29 1.22 4.44
N TYR A 8 -9.02 0.86 4.31
CA TYR A 8 -8.58 -0.52 4.05
C TYR A 8 -7.51 -0.94 5.06
N LYS A 9 -7.82 -1.88 5.95
CA LYS A 9 -6.92 -2.31 7.04
C LYS A 9 -6.23 -3.63 6.68
N LEU A 10 -4.92 -3.77 6.96
CA LEU A 10 -4.17 -5.02 6.72
C LEU A 10 -4.83 -6.21 7.45
N GLU A 11 -5.06 -7.29 6.71
CA GLU A 11 -5.63 -8.58 7.12
C GLU A 11 -4.86 -9.73 6.42
N LYS A 12 -5.15 -10.99 6.76
CA LYS A 12 -4.44 -12.22 6.34
C LYS A 12 -3.00 -12.38 6.88
N SER A 13 -2.21 -11.31 6.87
CA SER A 13 -0.82 -11.22 7.35
C SER A 13 0.06 -12.46 7.08
N GLU A 14 0.53 -12.60 5.84
CA GLU A 14 1.39 -13.70 5.36
C GLU A 14 2.58 -13.18 4.54
N LYS A 15 3.77 -13.74 4.80
CA LYS A 15 5.10 -13.31 4.30
C LYS A 15 5.48 -11.84 4.60
N PHE A 16 4.68 -11.14 5.42
CA PHE A 16 4.94 -9.76 5.87
C PHE A 16 6.34 -9.60 6.48
N ASP A 17 6.82 -10.52 7.32
CA ASP A 17 8.13 -10.37 7.98
C ASP A 17 9.31 -10.37 6.97
N GLU A 18 9.12 -10.98 5.80
CA GLU A 18 10.04 -10.95 4.66
C GLU A 18 9.84 -9.68 3.81
N PHE A 19 8.60 -9.30 3.48
CA PHE A 19 8.29 -8.08 2.71
C PHE A 19 8.65 -6.77 3.42
N LEU A 20 8.39 -6.68 4.73
CA LEU A 20 8.66 -5.50 5.54
C LEU A 20 10.18 -5.17 5.61
N ASP A 21 11.05 -6.17 5.40
CA ASP A 21 12.49 -6.02 5.17
C ASP A 21 12.80 -5.15 3.94
N LYS A 22 11.85 -5.05 2.99
CA LYS A 22 11.92 -4.27 1.76
C LYS A 22 11.05 -3.01 1.80
N LEU A 23 9.93 -3.03 2.54
CA LEU A 23 9.09 -1.83 2.77
C LEU A 23 9.84 -0.75 3.57
N GLY A 24 10.76 -1.15 4.46
CA GLY A 24 11.66 -0.25 5.21
C GLY A 24 11.29 -0.09 6.70
N VAL A 25 10.12 -0.63 7.09
CA VAL A 25 9.57 -0.65 8.45
C VAL A 25 10.19 -1.77 9.30
N GLY A 26 9.65 -2.00 10.50
CA GLY A 26 10.10 -3.05 11.43
C GLY A 26 8.97 -3.55 12.33
N PHE A 27 9.31 -3.89 13.58
CA PHE A 27 8.38 -4.45 14.56
C PHE A 27 7.09 -3.64 14.71
N MET A 28 7.15 -2.30 14.63
CA MET A 28 5.97 -1.41 14.64
C MET A 28 4.88 -1.74 13.61
N VAL A 29 5.23 -2.39 12.49
CA VAL A 29 4.26 -2.87 11.48
C VAL A 29 4.02 -4.37 11.60
N LYS A 30 5.03 -5.16 12.01
CA LYS A 30 4.85 -6.60 12.31
C LYS A 30 3.79 -6.84 13.41
N THR A 31 3.85 -6.08 14.51
CA THR A 31 2.89 -6.19 15.63
C THR A 31 1.54 -5.61 15.25
N ALA A 32 1.54 -4.56 14.41
CA ALA A 32 0.34 -4.00 13.81
C ALA A 32 -0.37 -4.99 12.85
N ALA A 33 0.33 -5.97 12.27
CA ALA A 33 -0.23 -7.04 11.45
C ALA A 33 -1.08 -8.08 12.25
N LYS A 34 -0.87 -8.22 13.57
CA LYS A 34 -1.78 -8.98 14.47
C LYS A 34 -3.12 -8.26 14.72
N THR A 35 -3.17 -6.96 14.47
CA THR A 35 -4.37 -6.10 14.64
C THR A 35 -4.65 -5.38 13.31
N LEU A 36 -5.32 -4.23 13.36
CA LEU A 36 -5.76 -3.43 12.22
C LEU A 36 -5.34 -1.94 12.37
N LYS A 37 -4.20 -1.72 13.05
CA LYS A 37 -3.51 -0.42 13.15
C LYS A 37 -3.11 0.18 11.80
N PRO A 38 -2.50 -0.59 10.86
CA PRO A 38 -2.06 -0.07 9.56
C PRO A 38 -3.22 -0.10 8.56
N THR A 39 -3.58 1.09 8.07
CA THR A 39 -4.77 1.31 7.26
C THR A 39 -4.41 2.14 6.02
N PHE A 40 -5.29 2.22 5.04
CA PHE A 40 -5.16 3.08 3.86
C PHE A 40 -6.50 3.77 3.60
N GLU A 41 -6.50 5.11 3.49
CA GLU A 41 -7.68 5.88 3.10
C GLU A 41 -7.52 6.28 1.63
N VAL A 42 -8.23 5.59 0.75
CA VAL A 42 -8.27 5.94 -0.66
C VAL A 42 -9.42 6.92 -0.85
N ALA A 43 -9.13 8.12 -1.34
CA ALA A 43 -10.11 9.17 -1.62
C ALA A 43 -9.94 9.64 -3.07
N ILE A 44 -10.77 9.11 -3.96
CA ILE A 44 -10.72 9.36 -5.40
C ILE A 44 -11.69 10.51 -5.72
N GLU A 45 -11.13 11.69 -5.94
CA GLU A 45 -11.85 12.95 -6.15
C GLU A 45 -11.85 13.28 -7.66
N ASN A 46 -12.74 12.61 -8.40
CA ASN A 46 -12.89 12.58 -9.87
C ASN A 46 -11.65 12.01 -10.62
N ASP A 47 -10.51 12.68 -10.50
CA ASP A 47 -9.22 12.37 -11.14
C ASP A 47 -8.06 12.42 -10.13
N GLN A 48 -8.18 13.23 -9.07
CA GLN A 48 -7.25 13.26 -7.95
C GLN A 48 -7.28 11.93 -7.19
N TYR A 49 -6.09 11.44 -6.84
CA TYR A 49 -5.86 10.14 -6.25
C TYR A 49 -5.15 10.35 -4.90
N ILE A 50 -5.91 10.78 -3.89
CA ILE A 50 -5.42 10.96 -2.53
C ILE A 50 -5.26 9.55 -1.90
N PHE A 51 -4.02 9.07 -1.90
CA PHE A 51 -3.59 7.76 -1.44
C PHE A 51 -2.99 7.87 -0.03
N ARG A 52 -3.87 8.02 0.97
CA ARG A 52 -3.48 8.10 2.39
C ARG A 52 -2.95 6.74 2.85
N SER A 53 -1.71 6.68 3.30
CA SER A 53 -1.10 5.51 3.92
C SER A 53 -1.07 5.73 5.43
N LEU A 54 -2.00 5.10 6.15
CA LEU A 54 -2.06 5.08 7.62
C LEU A 54 -1.31 3.86 8.19
N SER A 55 -0.27 3.42 7.48
CA SER A 55 0.54 2.23 7.77
C SER A 55 1.98 2.67 8.07
N THR A 56 2.98 1.96 7.53
CA THR A 56 4.37 2.40 7.36
C THR A 56 5.03 3.02 8.61
N PHE A 57 4.77 2.40 9.77
CA PHE A 57 5.00 2.88 11.14
C PHE A 57 4.23 4.16 11.53
N LYS A 58 4.11 5.15 10.63
CA LYS A 58 3.42 6.44 10.85
C LYS A 58 2.52 6.81 9.68
N ASN A 59 1.31 7.25 9.98
CA ASN A 59 0.36 7.70 8.97
C ASN A 59 0.88 8.92 8.17
N THR A 60 0.50 8.99 6.88
CA THR A 60 0.93 10.02 5.93
C THR A 60 -0.05 10.12 4.77
N GLU A 61 -0.62 11.31 4.56
CA GLU A 61 -1.37 11.63 3.35
C GLU A 61 -0.43 11.93 2.17
N ALA A 62 -0.78 11.40 0.99
CA ALA A 62 -0.12 11.67 -0.27
C ALA A 62 -1.18 11.83 -1.36
N LYS A 63 -0.90 12.68 -2.36
CA LYS A 63 -1.84 13.06 -3.42
C LYS A 63 -1.17 12.95 -4.79
N PHE A 64 -1.69 12.06 -5.62
CA PHE A 64 -1.16 11.73 -6.94
C PHE A 64 -2.30 11.60 -7.96
N LYS A 65 -1.98 11.11 -9.16
CA LYS A 65 -2.90 10.95 -10.30
C LYS A 65 -2.94 9.46 -10.71
N LEU A 66 -2.57 9.11 -11.94
CA LEU A 66 -2.42 7.74 -12.44
C LEU A 66 -1.06 7.66 -13.15
N GLY A 67 -0.27 6.63 -12.84
CA GLY A 67 1.08 6.39 -13.38
C GLY A 67 2.12 7.46 -12.99
N GLU A 68 1.75 8.38 -12.07
CA GLU A 68 2.63 9.41 -11.52
C GLU A 68 3.82 8.77 -10.81
N GLU A 69 5.04 9.16 -11.15
CA GLU A 69 6.27 8.59 -10.58
C GLU A 69 7.13 9.69 -9.97
N PHE A 70 7.34 9.59 -8.65
CA PHE A 70 8.06 10.58 -7.85
C PHE A 70 8.84 9.91 -6.72
N GLU A 71 9.60 10.69 -5.95
CA GLU A 71 10.35 10.23 -4.78
C GLU A 71 10.35 11.33 -3.71
N GLU A 72 9.94 10.97 -2.50
CA GLU A 72 9.71 11.90 -1.39
C GLU A 72 9.92 11.22 -0.02
N ASP A 73 10.36 11.99 0.97
CA ASP A 73 10.64 11.51 2.33
C ASP A 73 9.40 11.61 3.23
N ARG A 74 8.82 10.47 3.69
CA ARG A 74 7.61 10.41 4.54
C ARG A 74 7.55 9.20 5.48
N ALA A 75 7.16 8.04 4.96
CA ALA A 75 7.04 6.77 5.68
C ALA A 75 8.34 6.41 6.41
N ASP A 76 8.29 5.89 7.64
CA ASP A 76 9.47 5.61 8.51
C ASP A 76 10.56 6.73 8.57
N GLY A 77 10.23 7.97 8.20
CA GLY A 77 11.20 9.02 7.94
C GLY A 77 12.28 8.63 6.90
N LYS A 78 11.91 7.84 5.88
CA LYS A 78 12.74 7.43 4.74
C LYS A 78 12.24 8.06 3.43
N ARG A 79 13.06 7.97 2.39
CA ARG A 79 12.79 8.44 1.02
C ARG A 79 13.05 7.32 0.02
N VAL A 80 12.02 7.01 -0.77
CA VAL A 80 12.05 6.02 -1.87
C VAL A 80 11.10 6.46 -3.00
N LYS A 81 11.25 5.85 -4.18
CA LYS A 81 10.28 5.99 -5.29
C LYS A 81 8.87 5.64 -4.83
N THR A 82 7.88 6.22 -5.52
CA THR A 82 6.45 5.94 -5.37
C THR A 82 5.78 6.21 -6.71
N VAL A 83 5.16 5.16 -7.26
CA VAL A 83 4.38 5.22 -8.50
C VAL A 83 3.23 4.23 -8.44
N ILE A 84 2.02 4.69 -8.78
CA ILE A 84 0.82 3.87 -8.70
C ILE A 84 -0.06 4.04 -9.93
N GLN A 85 -0.60 2.93 -10.44
CA GLN A 85 -1.37 2.88 -11.69
C GLN A 85 -2.67 2.08 -11.54
N LYS A 86 -3.80 2.76 -11.77
CA LYS A 86 -5.15 2.20 -11.85
C LYS A 86 -5.35 1.41 -13.15
N GLU A 87 -5.50 0.10 -13.03
CA GLU A 87 -5.89 -0.81 -14.11
C GLU A 87 -7.41 -1.06 -14.04
N GLY A 88 -8.14 -0.53 -15.03
CA GLY A 88 -9.58 -0.74 -15.25
C GLY A 88 -10.47 -0.42 -14.03
N ASP A 89 -10.15 0.62 -13.26
CA ASP A 89 -10.82 1.02 -12.00
C ASP A 89 -11.09 -0.16 -11.03
N ASN A 90 -10.08 -1.03 -10.89
CA ASN A 90 -10.17 -2.26 -10.09
C ASN A 90 -8.84 -2.68 -9.45
N LYS A 91 -7.75 -2.65 -10.23
CA LYS A 91 -6.38 -3.01 -9.81
C LYS A 91 -5.55 -1.74 -9.62
N PHE A 92 -4.62 -1.79 -8.67
CA PHE A 92 -3.74 -0.68 -8.31
C PHE A 92 -2.33 -1.21 -8.04
N VAL A 93 -1.50 -1.22 -9.09
CA VAL A 93 -0.08 -1.63 -9.01
C VAL A 93 0.72 -0.45 -8.47
N GLN A 94 1.17 -0.52 -7.23
CA GLN A 94 2.13 0.42 -6.63
C GLN A 94 3.54 -0.16 -6.69
N THR A 95 4.52 0.68 -7.03
CA THR A 95 5.94 0.33 -7.05
C THR A 95 6.71 1.37 -6.26
N GLN A 96 7.62 0.92 -5.40
CA GLN A 96 8.41 1.78 -4.53
C GLN A 96 9.86 1.26 -4.44
N PHE A 97 10.85 2.17 -4.35
CA PHE A 97 12.27 1.81 -4.24
C PHE A 97 12.66 1.40 -2.80
N GLY A 98 11.69 0.86 -2.02
CA GLY A 98 11.74 0.51 -0.60
C GLY A 98 13.13 0.07 -0.09
N ASP A 99 13.69 -0.95 -0.75
CA ASP A 99 15.11 -1.34 -0.67
C ASP A 99 15.73 -1.59 -2.05
N LYS A 100 14.95 -2.10 -3.03
CA LYS A 100 15.41 -2.37 -4.42
C LYS A 100 14.37 -2.00 -5.49
N GLU A 101 13.12 -2.45 -5.33
CA GLU A 101 11.91 -2.15 -6.13
C GLU A 101 10.78 -3.09 -5.65
N VAL A 102 10.13 -2.77 -4.53
CA VAL A 102 8.90 -3.49 -4.13
C VAL A 102 7.77 -3.13 -5.09
N LYS A 103 7.02 -4.13 -5.57
CA LYS A 103 5.85 -3.94 -6.42
C LYS A 103 4.64 -4.65 -5.83
N ILE A 104 3.68 -3.88 -5.33
CA ILE A 104 2.44 -4.37 -4.70
C ILE A 104 1.30 -4.20 -5.71
N ILE A 105 0.44 -5.21 -5.80
CA ILE A 105 -0.75 -5.23 -6.65
C ILE A 105 -1.96 -5.37 -5.75
N ARG A 106 -2.82 -4.33 -5.70
CA ARG A 106 -4.04 -4.25 -4.88
C ARG A 106 -5.26 -4.33 -5.79
N GLU A 107 -6.09 -5.37 -5.68
CA GLU A 107 -7.29 -5.53 -6.55
C GLU A 107 -8.60 -5.64 -5.73
N PHE A 108 -9.59 -4.81 -6.10
CA PHE A 108 -10.93 -4.72 -5.48
C PHE A 108 -11.80 -5.95 -5.77
N ASN A 109 -11.92 -6.89 -4.83
CA ASN A 109 -12.76 -8.08 -4.96
C ASN A 109 -14.28 -7.77 -4.81
N GLY A 110 -14.65 -6.94 -3.83
CA GLY A 110 -16.04 -6.56 -3.57
C GLY A 110 -16.28 -6.02 -2.14
N ASP A 111 -15.84 -6.78 -1.14
CA ASP A 111 -15.89 -6.44 0.30
C ASP A 111 -14.48 -6.37 0.93
N GLU A 112 -13.45 -6.74 0.17
CA GLU A 112 -12.03 -6.67 0.50
C GLU A 112 -11.20 -6.41 -0.76
N VAL A 113 -9.90 -6.21 -0.58
CA VAL A 113 -8.88 -6.07 -1.64
C VAL A 113 -7.81 -7.14 -1.45
N VAL A 114 -7.35 -7.77 -2.53
CA VAL A 114 -6.22 -8.71 -2.50
C VAL A 114 -4.92 -7.97 -2.81
N VAL A 115 -3.90 -8.13 -1.95
CA VAL A 115 -2.57 -7.50 -2.08
C VAL A 115 -1.55 -8.58 -2.46
N THR A 116 -0.75 -8.31 -3.48
CA THR A 116 0.31 -9.18 -3.99
C THR A 116 1.59 -8.34 -4.12
N ALA A 117 2.45 -8.38 -3.09
CA ALA A 117 3.78 -7.79 -3.13
C ALA A 117 4.75 -8.70 -3.89
N SER A 118 5.71 -8.13 -4.62
CA SER A 118 6.78 -8.82 -5.35
C SER A 118 7.93 -7.85 -5.65
N CYS A 119 9.08 -8.01 -4.99
CA CYS A 119 10.30 -7.25 -5.27
C CYS A 119 11.35 -8.12 -6.00
N ASP A 120 12.62 -7.68 -6.02
CA ASP A 120 13.84 -8.39 -6.41
C ASP A 120 13.78 -9.93 -6.29
N GLY A 121 13.34 -10.44 -5.13
CA GLY A 121 13.11 -11.87 -4.87
C GLY A 121 12.29 -12.16 -3.61
N VAL A 122 11.43 -11.23 -3.19
CA VAL A 122 10.57 -11.30 -2.01
C VAL A 122 9.14 -11.01 -2.42
N THR A 123 8.26 -11.97 -2.22
CA THR A 123 6.84 -11.93 -2.59
C THR A 123 5.98 -12.10 -1.34
N SER A 124 4.92 -11.32 -1.23
CA SER A 124 4.03 -11.28 -0.07
C SER A 124 2.57 -11.28 -0.47
N VAL A 125 1.71 -11.63 0.48
CA VAL A 125 0.27 -11.71 0.23
C VAL A 125 -0.48 -11.36 1.52
N ARG A 126 -1.28 -10.30 1.44
CA ARG A 126 -2.17 -9.84 2.51
C ARG A 126 -3.51 -9.44 1.92
N THR A 127 -4.58 -9.54 2.71
CA THR A 127 -5.91 -9.05 2.29
C THR A 127 -6.13 -7.69 2.96
N TYR A 128 -7.00 -6.87 2.39
CA TYR A 128 -7.32 -5.53 2.88
C TYR A 128 -8.80 -5.46 3.23
N LYS A 129 -9.11 -5.37 4.53
CA LYS A 129 -10.47 -5.19 5.05
C LYS A 129 -10.98 -3.79 4.74
N ARG A 130 -11.82 -3.68 3.70
CA ARG A 130 -12.52 -2.47 3.28
C ARG A 130 -13.69 -2.15 4.21
N ILE A 131 -13.63 -1.02 4.92
CA ILE A 131 -14.67 -0.51 5.83
C ILE A 131 -14.58 1.02 6.02
N MET A 1 -13.18 5.02 -11.02
CA MET A 1 -13.94 5.56 -9.84
C MET A 1 -15.18 4.71 -9.49
N ALA A 2 -15.05 3.36 -9.44
CA ALA A 2 -16.17 2.43 -9.21
C ALA A 2 -16.42 2.13 -7.72
N SER A 3 -16.56 3.19 -6.90
CA SER A 3 -16.64 3.13 -5.42
C SER A 3 -15.48 2.34 -4.76
N ILE A 4 -14.29 2.49 -5.33
CA ILE A 4 -13.01 2.00 -4.76
C ILE A 4 -12.52 2.85 -3.56
N GLU A 5 -13.20 3.95 -3.21
CA GLU A 5 -12.87 4.74 -2.01
C GLU A 5 -13.26 4.04 -0.71
N GLY A 6 -12.55 4.34 0.38
CA GLY A 6 -12.81 3.78 1.71
C GLY A 6 -11.54 3.59 2.57
N LYS A 7 -11.71 3.02 3.77
CA LYS A 7 -10.62 2.55 4.65
C LYS A 7 -10.40 1.05 4.48
N TYR A 8 -9.15 0.60 4.51
CA TYR A 8 -8.74 -0.78 4.27
C TYR A 8 -7.62 -1.20 5.24
N LYS A 9 -7.91 -2.11 6.17
CA LYS A 9 -6.97 -2.52 7.24
C LYS A 9 -6.29 -3.86 6.92
N LEU A 10 -4.99 -3.99 7.25
CA LEU A 10 -4.20 -5.22 7.10
C LEU A 10 -4.87 -6.47 7.68
N GLU A 11 -5.21 -7.42 6.82
CA GLU A 11 -5.74 -8.75 7.13
C GLU A 11 -4.84 -9.84 6.54
N LYS A 12 -5.12 -11.10 6.89
CA LYS A 12 -4.38 -12.33 6.52
C LYS A 12 -2.97 -12.43 7.10
N SER A 13 -2.20 -11.34 7.08
CA SER A 13 -0.86 -11.18 7.66
C SER A 13 0.03 -12.41 7.48
N GLU A 14 0.53 -12.61 6.25
CA GLU A 14 1.44 -13.72 5.90
C GLU A 14 2.57 -13.23 4.98
N LYS A 15 3.81 -13.69 5.26
CA LYS A 15 5.07 -13.21 4.63
C LYS A 15 5.36 -11.70 4.76
N PHE A 16 4.59 -10.98 5.58
CA PHE A 16 4.82 -9.57 5.92
C PHE A 16 6.25 -9.34 6.44
N ASP A 17 6.73 -10.10 7.40
CA ASP A 17 8.06 -9.92 8.00
C ASP A 17 9.23 -9.99 6.98
N GLU A 18 9.04 -10.74 5.89
CA GLU A 18 9.98 -10.81 4.77
C GLU A 18 9.84 -9.58 3.85
N PHE A 19 8.61 -9.19 3.47
CA PHE A 19 8.33 -8.02 2.64
C PHE A 19 8.60 -6.67 3.33
N LEU A 20 8.40 -6.54 4.63
CA LEU A 20 8.63 -5.32 5.39
C LEU A 20 10.09 -4.87 5.34
N ASP A 21 11.03 -5.81 5.18
CA ASP A 21 12.44 -5.54 4.85
C ASP A 21 12.58 -4.55 3.66
N LYS A 22 11.67 -4.68 2.69
CA LYS A 22 11.57 -3.88 1.48
C LYS A 22 10.72 -2.62 1.70
N LEU A 23 9.61 -2.70 2.42
CA LEU A 23 8.74 -1.55 2.75
C LEU A 23 9.43 -0.51 3.66
N GLY A 24 10.37 -0.93 4.51
CA GLY A 24 11.25 -0.09 5.35
C GLY A 24 11.05 -0.30 6.86
N VAL A 25 9.80 -0.62 7.23
CA VAL A 25 9.37 -1.12 8.55
C VAL A 25 9.96 -2.49 8.92
N GLY A 26 9.63 -2.99 10.11
CA GLY A 26 9.91 -4.36 10.54
C GLY A 26 9.08 -4.69 11.77
N PHE A 27 9.67 -4.54 12.97
CA PHE A 27 8.98 -4.78 14.24
C PHE A 27 7.70 -3.95 14.39
N MET A 28 7.71 -2.69 13.95
CA MET A 28 6.55 -1.78 14.07
C MET A 28 5.30 -2.27 13.31
N VAL A 29 5.46 -2.94 12.16
CA VAL A 29 4.33 -3.53 11.41
C VAL A 29 4.15 -5.01 11.74
N LYS A 30 5.19 -5.75 12.15
CA LYS A 30 5.06 -7.13 12.67
C LYS A 30 4.17 -7.20 13.91
N THR A 31 4.31 -6.30 14.88
CA THR A 31 3.38 -6.21 16.03
C THR A 31 2.02 -5.65 15.62
N ALA A 32 1.98 -4.75 14.62
CA ALA A 32 0.73 -4.21 14.09
C ALA A 32 -0.09 -5.24 13.27
N ALA A 33 0.54 -6.26 12.69
CA ALA A 33 -0.07 -7.34 11.92
C ALA A 33 -0.98 -8.28 12.74
N LYS A 34 -0.77 -8.32 14.06
CA LYS A 34 -1.67 -8.93 15.07
C LYS A 34 -2.95 -8.12 15.36
N THR A 35 -3.01 -6.88 14.88
CA THR A 35 -4.14 -5.95 15.00
C THR A 35 -4.40 -5.31 13.63
N LEU A 36 -5.08 -4.15 13.57
CA LEU A 36 -5.50 -3.45 12.35
C LEU A 36 -4.92 -2.02 12.27
N LYS A 37 -3.79 -1.77 12.95
CA LYS A 37 -3.04 -0.50 12.93
C LYS A 37 -2.63 -0.04 11.52
N PRO A 38 -2.01 -0.90 10.67
CA PRO A 38 -1.59 -0.51 9.35
C PRO A 38 -2.80 -0.57 8.42
N THR A 39 -3.35 0.60 8.14
CA THR A 39 -4.53 0.81 7.30
C THR A 39 -4.21 1.82 6.20
N PHE A 40 -5.01 1.82 5.16
CA PHE A 40 -4.92 2.77 4.04
C PHE A 40 -6.28 3.43 3.85
N GLU A 41 -6.27 4.65 3.34
CA GLU A 41 -7.46 5.36 2.89
C GLU A 41 -7.23 5.74 1.43
N VAL A 42 -8.17 5.37 0.57
CA VAL A 42 -8.15 5.71 -0.84
C VAL A 42 -9.35 6.61 -1.08
N ALA A 43 -9.10 7.79 -1.65
CA ALA A 43 -10.15 8.75 -2.00
C ALA A 43 -9.97 9.19 -3.45
N ILE A 44 -11.08 9.21 -4.18
CA ILE A 44 -11.16 9.39 -5.62
C ILE A 44 -12.03 10.61 -5.91
N GLU A 45 -11.37 11.75 -6.13
CA GLU A 45 -12.01 13.04 -6.40
C GLU A 45 -12.44 13.18 -7.89
N ASN A 46 -12.86 12.06 -8.50
CA ASN A 46 -13.25 11.91 -9.91
C ASN A 46 -12.20 12.41 -10.94
N ASP A 47 -10.95 12.56 -10.51
CA ASP A 47 -9.78 12.98 -11.32
C ASP A 47 -8.49 12.87 -10.48
N GLN A 48 -8.46 13.53 -9.32
CA GLN A 48 -7.36 13.46 -8.36
C GLN A 48 -7.42 12.17 -7.53
N TYR A 49 -6.25 11.66 -7.18
CA TYR A 49 -6.07 10.38 -6.47
C TYR A 49 -5.32 10.64 -5.15
N ILE A 50 -5.94 10.28 -4.03
CA ILE A 50 -5.41 10.51 -2.69
C ILE A 50 -5.13 9.14 -2.05
N PHE A 51 -3.84 8.81 -1.99
CA PHE A 51 -3.29 7.53 -1.56
C PHE A 51 -2.75 7.65 -0.12
N ARG A 52 -3.69 7.73 0.82
CA ARG A 52 -3.42 7.88 2.25
C ARG A 52 -2.92 6.55 2.82
N SER A 53 -1.83 6.61 3.58
CA SER A 53 -1.13 5.45 4.16
C SER A 53 -0.99 5.68 5.66
N LEU A 54 -1.74 4.94 6.47
CA LEU A 54 -1.73 5.03 7.94
C LEU A 54 -0.86 3.91 8.54
N SER A 55 -0.02 3.26 7.73
CA SER A 55 0.89 2.18 8.11
C SER A 55 2.34 2.69 8.20
N THR A 56 3.30 2.01 7.57
CA THR A 56 4.71 2.40 7.38
C THR A 56 5.37 3.03 8.62
N PHE A 57 5.11 2.49 9.82
CA PHE A 57 5.44 3.01 11.18
C PHE A 57 4.79 4.37 11.52
N LYS A 58 4.63 5.27 10.55
CA LYS A 58 4.10 6.63 10.68
C LYS A 58 3.14 6.93 9.53
N ASN A 59 1.91 7.30 9.89
CA ASN A 59 0.88 7.78 8.98
C ASN A 59 1.33 8.97 8.11
N THR A 60 0.86 8.99 6.86
CA THR A 60 1.18 10.00 5.84
C THR A 60 0.08 10.06 4.78
N GLU A 61 -0.29 11.27 4.34
CA GLU A 61 -1.16 11.49 3.16
C GLU A 61 -0.34 11.91 1.94
N ALA A 62 -0.77 11.45 0.77
CA ALA A 62 -0.12 11.68 -0.52
C ALA A 62 -1.21 11.81 -1.61
N LYS A 63 -1.10 12.81 -2.49
CA LYS A 63 -2.19 13.19 -3.42
C LYS A 63 -1.67 13.73 -4.75
N PHE A 64 -1.98 13.00 -5.82
CA PHE A 64 -1.32 13.12 -7.13
C PHE A 64 -2.25 12.72 -8.30
N LYS A 65 -1.71 12.69 -9.52
CA LYS A 65 -2.33 12.10 -10.72
C LYS A 65 -2.11 10.58 -10.83
N LEU A 66 -2.67 9.97 -11.86
CA LEU A 66 -2.54 8.53 -12.14
C LEU A 66 -1.25 8.23 -12.94
N GLY A 67 -0.47 7.25 -12.49
CA GLY A 67 0.84 6.94 -13.07
C GLY A 67 1.92 8.01 -12.77
N GLU A 68 1.66 8.86 -11.76
CA GLU A 68 2.63 9.81 -11.20
C GLU A 68 3.92 9.10 -10.77
N GLU A 69 5.09 9.72 -10.89
CA GLU A 69 6.33 9.13 -10.38
C GLU A 69 7.27 10.19 -9.82
N PHE A 70 7.62 10.06 -8.54
CA PHE A 70 8.46 10.99 -7.79
C PHE A 70 9.28 10.26 -6.70
N GLU A 71 10.14 10.97 -5.97
CA GLU A 71 10.84 10.47 -4.79
C GLU A 71 10.94 11.60 -3.74
N GLU A 72 10.43 11.35 -2.53
CA GLU A 72 10.38 12.33 -1.44
C GLU A 72 10.57 11.68 -0.06
N ASP A 73 11.13 12.43 0.88
CA ASP A 73 11.34 12.03 2.28
C ASP A 73 10.02 12.05 3.07
N ARG A 74 9.41 10.87 3.24
CA ARG A 74 8.07 10.66 3.82
C ARG A 74 8.01 9.33 4.60
N ALA A 75 6.83 8.79 4.86
CA ALA A 75 6.61 7.53 5.60
C ALA A 75 7.41 7.48 6.94
N ASP A 76 8.17 6.42 7.20
CA ASP A 76 9.08 6.26 8.35
C ASP A 76 10.35 7.15 8.31
N GLY A 77 10.27 8.34 7.73
CA GLY A 77 11.40 9.26 7.57
C GLY A 77 12.41 8.75 6.54
N LYS A 78 11.90 8.24 5.41
CA LYS A 78 12.67 7.59 4.33
C LYS A 78 12.33 8.17 2.96
N ARG A 79 13.26 8.04 2.02
CA ARG A 79 13.22 8.71 0.70
C ARG A 79 13.44 7.71 -0.43
N VAL A 80 12.33 7.31 -1.05
CA VAL A 80 12.26 6.26 -2.08
C VAL A 80 11.27 6.66 -3.17
N LYS A 81 11.38 6.06 -4.37
CA LYS A 81 10.39 6.25 -5.46
C LYS A 81 8.98 6.00 -4.95
N THR A 82 8.01 6.73 -5.48
CA THR A 82 6.58 6.54 -5.27
C THR A 82 5.89 6.66 -6.64
N VAL A 83 5.14 5.61 -7.04
CA VAL A 83 4.32 5.59 -8.27
C VAL A 83 3.14 4.66 -8.09
N ILE A 84 1.94 5.17 -8.38
CA ILE A 84 0.66 4.46 -8.20
C ILE A 84 -0.14 4.51 -9.50
N GLN A 85 -0.72 3.37 -9.90
CA GLN A 85 -1.51 3.22 -11.12
C GLN A 85 -2.71 2.28 -10.92
N LYS A 86 -3.92 2.84 -11.03
CA LYS A 86 -5.19 2.11 -11.09
C LYS A 86 -5.30 1.37 -12.43
N GLU A 87 -5.10 0.07 -12.43
CA GLU A 87 -5.45 -0.80 -13.56
C GLU A 87 -6.99 -0.88 -13.72
N GLY A 88 -7.51 -0.17 -14.72
CA GLY A 88 -8.93 -0.08 -15.03
C GLY A 88 -9.71 0.71 -13.99
N ASP A 89 -10.45 0.02 -13.12
CA ASP A 89 -11.35 0.60 -12.10
C ASP A 89 -11.62 -0.35 -10.91
N ASN A 90 -10.70 -1.28 -10.66
CA ASN A 90 -10.84 -2.36 -9.67
C ASN A 90 -9.49 -2.93 -9.18
N LYS A 91 -8.42 -2.77 -9.97
CA LYS A 91 -7.07 -3.25 -9.67
C LYS A 91 -6.14 -2.05 -9.51
N PHE A 92 -5.13 -2.19 -8.67
CA PHE A 92 -4.22 -1.10 -8.31
C PHE A 92 -2.81 -1.67 -8.21
N VAL A 93 -1.85 -0.94 -8.78
CA VAL A 93 -0.44 -1.26 -8.71
C VAL A 93 0.30 -0.07 -8.11
N GLN A 94 1.26 -0.39 -7.25
CA GLN A 94 2.15 0.57 -6.62
C GLN A 94 3.57 0.04 -6.78
N THR A 95 4.51 0.93 -7.09
CA THR A 95 5.94 0.62 -7.09
C THR A 95 6.69 1.65 -6.25
N GLN A 96 7.61 1.21 -5.39
CA GLN A 96 8.49 2.08 -4.62
C GLN A 96 9.92 1.55 -4.58
N PHE A 97 10.91 2.44 -4.44
CA PHE A 97 12.34 2.07 -4.34
C PHE A 97 12.74 1.67 -2.90
N GLY A 98 11.79 1.20 -2.12
CA GLY A 98 11.86 0.85 -0.69
C GLY A 98 13.22 0.30 -0.24
N ASP A 99 13.68 -0.74 -0.95
CA ASP A 99 15.07 -1.22 -0.94
C ASP A 99 15.66 -1.36 -2.37
N LYS A 100 14.83 -1.65 -3.39
CA LYS A 100 15.24 -1.76 -4.80
C LYS A 100 14.12 -1.54 -5.84
N GLU A 101 12.94 -2.11 -5.63
CA GLU A 101 11.72 -1.98 -6.47
C GLU A 101 10.59 -2.87 -5.91
N VAL A 102 9.97 -2.43 -4.81
CA VAL A 102 8.76 -3.08 -4.28
C VAL A 102 7.65 -2.95 -5.32
N LYS A 103 6.98 -4.04 -5.70
CA LYS A 103 5.94 -4.05 -6.75
C LYS A 103 4.67 -4.69 -6.18
N ILE A 104 3.74 -3.84 -5.77
CA ILE A 104 2.49 -4.23 -5.12
C ILE A 104 1.41 -4.32 -6.19
N ILE A 105 0.66 -5.42 -6.20
CA ILE A 105 -0.50 -5.66 -7.05
C ILE A 105 -1.67 -6.04 -6.13
N ARG A 106 -2.76 -5.26 -6.16
CA ARG A 106 -3.93 -5.46 -5.29
C ARG A 106 -5.24 -5.27 -6.06
N GLU A 107 -6.29 -6.02 -5.73
CA GLU A 107 -7.56 -6.00 -6.49
C GLU A 107 -8.79 -6.09 -5.57
N PHE A 108 -9.73 -5.17 -5.78
CA PHE A 108 -11.00 -5.07 -5.06
C PHE A 108 -11.98 -6.17 -5.48
N ASN A 109 -12.21 -7.15 -4.60
CA ASN A 109 -13.11 -8.27 -4.84
C ASN A 109 -14.60 -7.89 -4.63
N GLY A 110 -14.89 -7.02 -3.66
CA GLY A 110 -16.24 -6.48 -3.39
C GLY A 110 -16.49 -6.14 -1.92
N ASP A 111 -15.95 -6.95 -1.01
CA ASP A 111 -16.05 -6.78 0.47
C ASP A 111 -14.66 -6.72 1.13
N GLU A 112 -13.64 -7.19 0.42
CA GLU A 112 -12.21 -7.21 0.80
C GLU A 112 -11.34 -7.05 -0.47
N VAL A 113 -10.04 -6.87 -0.26
CA VAL A 113 -9.02 -6.65 -1.31
C VAL A 113 -7.84 -7.57 -1.02
N VAL A 114 -7.29 -8.25 -2.02
CA VAL A 114 -6.04 -9.03 -1.88
C VAL A 114 -4.84 -8.14 -2.19
N VAL A 115 -3.69 -8.37 -1.55
CA VAL A 115 -2.43 -7.63 -1.72
C VAL A 115 -1.30 -8.63 -1.94
N THR A 116 -0.84 -8.70 -3.18
CA THR A 116 0.31 -9.49 -3.61
C THR A 116 1.47 -8.53 -3.84
N ALA A 117 2.35 -8.38 -2.84
CA ALA A 117 3.62 -7.68 -3.06
C ALA A 117 4.61 -8.60 -3.76
N SER A 118 5.56 -8.07 -4.53
CA SER A 118 6.70 -8.78 -5.08
C SER A 118 7.91 -7.84 -5.26
N CYS A 119 9.00 -8.08 -4.55
CA CYS A 119 10.20 -7.24 -4.54
C CYS A 119 11.46 -8.11 -4.48
N ASP A 120 12.32 -8.08 -5.51
CA ASP A 120 13.51 -8.94 -5.58
C ASP A 120 13.22 -10.45 -5.35
N GLY A 121 12.01 -10.89 -5.71
CA GLY A 121 11.49 -12.25 -5.48
C GLY A 121 10.87 -12.50 -4.09
N VAL A 122 11.05 -11.58 -3.14
CA VAL A 122 10.32 -11.54 -1.87
C VAL A 122 8.87 -11.11 -2.15
N THR A 123 7.96 -12.06 -2.05
CA THR A 123 6.52 -11.88 -2.31
C THR A 123 5.75 -11.91 -0.99
N SER A 124 4.78 -11.00 -0.81
CA SER A 124 3.90 -10.94 0.37
C SER A 124 2.47 -11.28 -0.02
N VAL A 125 1.69 -11.82 0.92
CA VAL A 125 0.28 -12.18 0.70
C VAL A 125 -0.55 -11.69 1.89
N ARG A 126 -1.18 -10.52 1.70
CA ARG A 126 -1.98 -9.83 2.71
C ARG A 126 -3.39 -9.60 2.15
N THR A 127 -4.37 -9.43 3.02
CA THR A 127 -5.75 -9.03 2.67
C THR A 127 -6.00 -7.63 3.24
N TYR A 128 -7.10 -7.01 2.85
CA TYR A 128 -7.47 -5.65 3.21
C TYR A 128 -8.98 -5.62 3.51
N LYS A 129 -9.34 -5.55 4.79
CA LYS A 129 -10.74 -5.41 5.24
C LYS A 129 -11.24 -3.99 4.96
N ARG A 130 -12.05 -3.86 3.91
CA ARG A 130 -12.76 -2.62 3.54
C ARG A 130 -13.89 -2.32 4.53
N ILE A 131 -13.89 -1.14 5.11
CA ILE A 131 -14.96 -0.67 6.02
C ILE A 131 -15.28 0.82 5.83
N MET A 1 -14.97 3.78 -9.56
CA MET A 1 -15.25 5.06 -8.87
C MET A 1 -16.49 4.91 -7.98
N ALA A 2 -16.55 5.63 -6.85
CA ALA A 2 -17.66 5.60 -5.87
C ALA A 2 -18.02 4.20 -5.32
N SER A 3 -17.04 3.28 -5.27
CA SER A 3 -17.23 1.90 -4.77
C SER A 3 -15.90 1.25 -4.36
N ILE A 4 -14.87 1.40 -5.19
CA ILE A 4 -13.45 1.06 -4.90
C ILE A 4 -12.81 1.92 -3.79
N GLU A 5 -13.50 2.98 -3.33
CA GLU A 5 -13.08 3.84 -2.24
C GLU A 5 -13.60 3.36 -0.87
N GLY A 6 -12.89 3.75 0.19
CA GLY A 6 -13.18 3.38 1.58
C GLY A 6 -11.91 3.18 2.40
N LYS A 7 -12.06 2.94 3.71
CA LYS A 7 -10.97 2.59 4.62
C LYS A 7 -10.84 1.07 4.69
N TYR A 8 -9.63 0.54 4.86
CA TYR A 8 -9.39 -0.90 4.96
C TYR A 8 -8.18 -1.22 5.83
N LYS A 9 -8.44 -2.06 6.84
CA LYS A 9 -7.49 -2.56 7.82
C LYS A 9 -7.04 -3.99 7.47
N LEU A 10 -5.92 -4.41 8.05
CA LEU A 10 -5.28 -5.73 7.85
C LEU A 10 -6.25 -6.92 7.94
N GLU A 11 -6.15 -7.90 7.03
CA GLU A 11 -7.00 -9.11 7.00
C GLU A 11 -6.24 -10.35 6.47
N LYS A 12 -5.00 -10.55 6.93
CA LYS A 12 -4.22 -11.79 6.70
C LYS A 12 -3.07 -11.91 7.71
N SER A 13 -2.08 -11.01 7.57
CA SER A 13 -0.76 -11.09 8.23
C SER A 13 -0.05 -12.45 8.02
N GLU A 14 0.66 -12.55 6.90
CA GLU A 14 1.54 -13.67 6.55
C GLU A 14 2.69 -13.16 5.66
N LYS A 15 3.87 -13.78 5.78
CA LYS A 15 5.14 -13.33 5.17
C LYS A 15 5.52 -11.85 5.37
N PHE A 16 4.84 -11.14 6.27
CA PHE A 16 5.10 -9.74 6.62
C PHE A 16 6.56 -9.52 7.06
N ASP A 17 7.14 -10.41 7.88
CA ASP A 17 8.52 -10.26 8.37
C ASP A 17 9.56 -10.34 7.24
N GLU A 18 9.24 -11.04 6.14
CA GLU A 18 10.06 -11.09 4.92
C GLU A 18 9.83 -9.87 4.02
N PHE A 19 8.57 -9.45 3.80
CA PHE A 19 8.23 -8.24 3.04
C PHE A 19 8.73 -6.95 3.70
N LEU A 20 8.64 -6.84 5.03
CA LEU A 20 9.05 -5.64 5.78
C LEU A 20 10.57 -5.40 5.72
N ASP A 21 11.37 -6.42 5.38
CA ASP A 21 12.78 -6.27 4.99
C ASP A 21 12.98 -5.38 3.75
N LYS A 22 11.91 -5.19 2.95
CA LYS A 22 11.85 -4.39 1.72
C LYS A 22 11.02 -3.11 1.85
N LEU A 23 10.07 -3.08 2.78
CA LEU A 23 9.33 -1.88 3.19
C LEU A 23 10.19 -0.92 4.06
N GLY A 24 11.08 -1.49 4.90
CA GLY A 24 12.03 -0.75 5.75
C GLY A 24 11.41 -0.12 7.01
N VAL A 25 10.14 -0.42 7.33
CA VAL A 25 9.33 0.28 8.33
C VAL A 25 9.86 0.22 9.76
N GLY A 26 9.89 -0.98 10.36
CA GLY A 26 10.23 -1.17 11.78
C GLY A 26 9.33 -2.19 12.51
N PHE A 27 9.81 -2.65 13.67
CA PHE A 27 9.25 -3.78 14.39
C PHE A 27 7.88 -3.46 15.03
N MET A 28 7.66 -2.19 15.38
CA MET A 28 6.40 -1.65 15.91
C MET A 28 5.18 -1.92 15.01
N VAL A 29 5.37 -2.20 13.73
CA VAL A 29 4.28 -2.58 12.80
C VAL A 29 4.35 -4.03 12.34
N LYS A 30 5.54 -4.65 12.36
CA LYS A 30 5.65 -6.11 12.19
C LYS A 30 4.87 -6.85 13.29
N THR A 31 4.90 -6.37 14.52
CA THR A 31 4.06 -6.91 15.61
C THR A 31 2.60 -6.50 15.47
N ALA A 32 2.33 -5.29 14.94
CA ALA A 32 0.98 -4.85 14.60
C ALA A 32 0.29 -5.70 13.52
N ALA A 33 1.04 -6.56 12.81
CA ALA A 33 0.50 -7.55 11.90
C ALA A 33 -0.50 -8.51 12.62
N LYS A 34 -0.31 -8.79 13.91
CA LYS A 34 -1.24 -9.55 14.76
C LYS A 34 -2.50 -8.76 15.19
N THR A 35 -2.72 -7.57 14.62
CA THR A 35 -3.90 -6.72 14.82
C THR A 35 -4.22 -5.93 13.54
N LEU A 36 -5.04 -4.88 13.66
CA LEU A 36 -5.61 -4.09 12.56
C LEU A 36 -5.20 -2.61 12.67
N LYS A 37 -4.04 -2.33 13.28
CA LYS A 37 -3.39 -1.01 13.35
C LYS A 37 -3.01 -0.43 11.97
N PRO A 38 -2.29 -1.15 11.08
CA PRO A 38 -1.98 -0.61 9.76
C PRO A 38 -3.24 -0.60 8.90
N THR A 39 -3.53 0.57 8.33
CA THR A 39 -4.75 0.84 7.58
C THR A 39 -4.48 1.88 6.49
N PHE A 40 -5.36 1.95 5.51
CA PHE A 40 -5.25 2.80 4.32
C PHE A 40 -6.65 3.28 3.93
N GLU A 41 -6.72 4.36 3.16
CA GLU A 41 -7.97 4.86 2.59
C GLU A 41 -7.73 5.18 1.11
N VAL A 42 -8.43 4.50 0.19
CA VAL A 42 -8.45 4.92 -1.21
C VAL A 42 -9.64 5.87 -1.36
N ALA A 43 -9.40 7.01 -2.00
CA ALA A 43 -10.42 7.95 -2.44
C ALA A 43 -10.12 8.38 -3.88
N ILE A 44 -11.17 8.49 -4.70
CA ILE A 44 -11.08 8.74 -6.15
C ILE A 44 -12.04 9.86 -6.50
N GLU A 45 -11.52 11.09 -6.44
CA GLU A 45 -12.26 12.30 -6.79
C GLU A 45 -12.30 12.47 -8.32
N ASN A 46 -13.22 13.29 -8.83
CA ASN A 46 -13.41 13.59 -10.26
C ASN A 46 -12.32 14.52 -10.86
N ASP A 47 -11.06 14.24 -10.53
CA ASP A 47 -9.84 14.91 -11.02
C ASP A 47 -8.59 14.04 -10.75
N GLN A 48 -8.47 13.46 -9.55
CA GLN A 48 -7.34 12.60 -9.16
C GLN A 48 -7.71 11.56 -8.08
N TYR A 49 -6.84 10.56 -7.87
CA TYR A 49 -6.88 9.70 -6.68
C TYR A 49 -6.21 10.38 -5.47
N ILE A 50 -6.48 9.82 -4.28
CA ILE A 50 -5.87 10.17 -3.00
C ILE A 50 -5.58 8.84 -2.28
N PHE A 51 -4.31 8.41 -2.32
CA PHE A 51 -3.83 7.18 -1.66
C PHE A 51 -3.44 7.49 -0.20
N ARG A 52 -4.39 7.42 0.74
CA ARG A 52 -4.13 7.58 2.17
C ARG A 52 -3.45 6.32 2.69
N SER A 53 -2.32 6.48 3.37
CA SER A 53 -1.58 5.42 4.08
C SER A 53 -1.44 5.80 5.55
N LEU A 54 -1.92 4.93 6.43
CA LEU A 54 -1.85 5.04 7.89
C LEU A 54 -1.16 3.79 8.48
N SER A 55 -0.28 3.20 7.68
CA SER A 55 0.61 2.08 8.01
C SER A 55 2.04 2.63 8.16
N THR A 56 3.07 1.83 7.87
CA THR A 56 4.46 2.28 7.67
C THR A 56 5.02 3.10 8.86
N PHE A 57 4.60 2.77 10.10
CA PHE A 57 4.93 3.46 11.37
C PHE A 57 4.52 4.95 11.41
N LYS A 58 3.66 5.40 10.48
CA LYS A 58 3.30 6.81 10.29
C LYS A 58 1.88 6.98 9.73
N ASN A 59 1.55 8.17 9.23
CA ASN A 59 0.31 8.45 8.51
C ASN A 59 0.46 9.66 7.57
N THR A 60 -0.03 9.54 6.34
CA THR A 60 0.11 10.54 5.27
C THR A 60 -0.75 10.18 4.05
N GLU A 61 -1.10 11.15 3.22
CA GLU A 61 -1.82 10.95 1.95
C GLU A 61 -0.95 11.23 0.72
N ALA A 62 -1.26 10.54 -0.37
CA ALA A 62 -0.54 10.61 -1.65
C ALA A 62 -1.51 10.86 -2.80
N LYS A 63 -2.07 12.08 -2.89
CA LYS A 63 -2.84 12.52 -4.07
C LYS A 63 -1.94 13.00 -5.20
N PHE A 64 -2.08 12.42 -6.40
CA PHE A 64 -1.37 12.79 -7.62
C PHE A 64 -2.14 12.36 -8.88
N LYS A 65 -1.66 12.72 -10.08
CA LYS A 65 -2.34 12.56 -11.39
C LYS A 65 -2.68 11.09 -11.73
N LEU A 66 -1.79 10.40 -12.45
CA LEU A 66 -1.88 8.97 -12.81
C LEU A 66 -0.58 8.48 -13.47
N GLY A 67 0.05 7.45 -12.92
CA GLY A 67 1.30 6.87 -13.44
C GLY A 67 2.54 7.77 -13.26
N GLU A 68 2.39 8.88 -12.52
CA GLU A 68 3.49 9.78 -12.15
C GLU A 68 4.53 9.10 -11.25
N GLU A 69 5.77 9.60 -11.23
CA GLU A 69 6.87 9.02 -10.44
C GLU A 69 7.74 10.13 -9.81
N PHE A 70 7.95 10.03 -8.51
CA PHE A 70 8.76 10.93 -7.68
C PHE A 70 9.56 10.13 -6.63
N GLU A 71 10.46 10.78 -5.88
CA GLU A 71 11.21 10.18 -4.78
C GLU A 71 11.52 11.23 -3.69
N GLU A 72 11.19 10.94 -2.44
CA GLU A 72 11.35 11.84 -1.29
C GLU A 72 11.18 11.13 0.06
N ASP A 73 11.73 11.70 1.13
CA ASP A 73 11.58 11.20 2.51
C ASP A 73 10.13 11.26 3.01
N ARG A 74 9.56 10.09 3.30
CA ARG A 74 8.17 9.87 3.75
C ARG A 74 8.02 8.57 4.57
N ALA A 75 6.79 8.19 4.90
CA ALA A 75 6.47 7.01 5.70
C ALA A 75 7.20 7.03 7.06
N ASP A 76 7.77 5.90 7.49
CA ASP A 76 8.60 5.78 8.69
C ASP A 76 9.80 6.74 8.77
N GLY A 77 10.25 7.25 7.61
CA GLY A 77 11.44 8.07 7.46
C GLY A 77 12.39 7.56 6.38
N LYS A 78 11.85 7.13 5.23
CA LYS A 78 12.59 6.53 4.11
C LYS A 78 12.35 7.29 2.79
N ARG A 79 13.38 7.35 1.95
CA ARG A 79 13.45 8.22 0.74
C ARG A 79 13.71 7.40 -0.52
N VAL A 80 12.63 7.00 -1.17
CA VAL A 80 12.62 6.06 -2.30
C VAL A 80 11.59 6.48 -3.35
N LYS A 81 11.66 5.88 -4.55
CA LYS A 81 10.65 6.09 -5.60
C LYS A 81 9.23 5.83 -5.09
N THR A 82 8.26 6.51 -5.68
CA THR A 82 6.83 6.38 -5.39
C THR A 82 6.07 6.67 -6.67
N VAL A 83 5.39 5.64 -7.19
CA VAL A 83 4.57 5.68 -8.41
C VAL A 83 3.36 4.77 -8.18
N ILE A 84 2.16 5.34 -8.31
CA ILE A 84 0.88 4.65 -8.12
C ILE A 84 -0.03 4.90 -9.34
N GLN A 85 -0.83 3.90 -9.69
CA GLN A 85 -1.73 3.94 -10.83
C GLN A 85 -2.92 2.99 -10.63
N LYS A 86 -4.06 3.35 -11.23
CA LYS A 86 -5.38 2.74 -11.10
C LYS A 86 -5.79 2.13 -12.44
N GLU A 87 -5.73 0.81 -12.54
CA GLU A 87 -6.13 0.07 -13.76
C GLU A 87 -7.67 -0.06 -13.80
N GLY A 88 -8.30 0.64 -14.75
CA GLY A 88 -9.74 0.58 -15.04
C GLY A 88 -10.67 0.62 -13.83
N ASP A 89 -10.34 1.44 -12.82
CA ASP A 89 -11.06 1.58 -11.55
C ASP A 89 -11.47 0.24 -10.92
N ASN A 90 -10.49 -0.66 -10.77
CA ASN A 90 -10.61 -1.98 -10.12
C ASN A 90 -9.30 -2.47 -9.47
N LYS A 91 -8.15 -2.20 -10.13
CA LYS A 91 -6.82 -2.63 -9.70
C LYS A 91 -5.94 -1.43 -9.38
N PHE A 92 -4.99 -1.60 -8.46
CA PHE A 92 -4.10 -0.55 -8.00
C PHE A 92 -2.69 -1.15 -7.88
N VAL A 93 -1.70 -0.52 -8.51
CA VAL A 93 -0.31 -0.93 -8.40
C VAL A 93 0.55 0.23 -7.93
N GLN A 94 1.35 -0.02 -6.91
CA GLN A 94 2.26 0.95 -6.30
C GLN A 94 3.67 0.35 -6.22
N THR A 95 4.59 0.89 -7.01
CA THR A 95 6.00 0.47 -7.07
C THR A 95 6.88 1.52 -6.40
N GLN A 96 7.85 1.05 -5.61
CA GLN A 96 8.74 1.93 -4.84
C GLN A 96 10.13 1.30 -4.68
N PHE A 97 11.18 2.13 -4.63
CA PHE A 97 12.58 1.71 -4.55
C PHE A 97 13.00 1.30 -3.10
N GLY A 98 12.03 0.89 -2.28
CA GLY A 98 12.09 0.62 -0.83
C GLY A 98 13.44 0.06 -0.35
N ASP A 99 13.87 -1.03 -0.96
CA ASP A 99 15.24 -1.57 -0.89
C ASP A 99 15.79 -1.94 -2.28
N LYS A 100 14.92 -2.35 -3.23
CA LYS A 100 15.27 -2.70 -4.61
C LYS A 100 14.23 -2.21 -5.63
N GLU A 101 12.97 -2.65 -5.48
CA GLU A 101 11.80 -2.32 -6.32
C GLU A 101 10.59 -3.15 -5.87
N VAL A 102 10.11 -2.94 -4.62
CA VAL A 102 8.89 -3.63 -4.16
C VAL A 102 7.66 -3.10 -4.93
N LYS A 103 6.88 -4.01 -5.49
CA LYS A 103 5.70 -3.74 -6.33
C LYS A 103 4.48 -4.36 -5.66
N ILE A 104 3.69 -3.52 -5.02
CA ILE A 104 2.44 -3.90 -4.33
C ILE A 104 1.32 -3.77 -5.38
N ILE A 105 0.80 -4.90 -5.85
CA ILE A 105 -0.41 -4.98 -6.67
C ILE A 105 -1.57 -5.44 -5.80
N ARG A 106 -2.69 -4.71 -5.85
CA ARG A 106 -3.93 -5.07 -5.15
C ARG A 106 -5.18 -4.83 -6.01
N GLU A 107 -6.24 -5.57 -5.75
CA GLU A 107 -7.48 -5.50 -6.54
C GLU A 107 -8.73 -5.60 -5.63
N PHE A 108 -9.70 -4.72 -5.89
CA PHE A 108 -10.98 -4.69 -5.18
C PHE A 108 -11.96 -5.73 -5.74
N ASN A 109 -12.32 -6.74 -4.93
CA ASN A 109 -13.32 -7.75 -5.30
C ASN A 109 -14.76 -7.24 -5.13
N GLY A 110 -15.04 -6.50 -4.04
CA GLY A 110 -16.37 -5.97 -3.72
C GLY A 110 -16.62 -5.77 -2.23
N ASP A 111 -16.07 -6.68 -1.39
CA ASP A 111 -16.25 -6.67 0.07
C ASP A 111 -14.92 -6.70 0.84
N GLU A 112 -13.83 -7.08 0.17
CA GLU A 112 -12.43 -7.03 0.60
C GLU A 112 -11.52 -6.79 -0.61
N VAL A 113 -10.22 -6.53 -0.36
CA VAL A 113 -9.19 -6.43 -1.40
C VAL A 113 -8.03 -7.37 -1.09
N VAL A 114 -7.45 -8.00 -2.11
CA VAL A 114 -6.25 -8.86 -1.97
C VAL A 114 -5.02 -8.07 -2.41
N VAL A 115 -3.94 -8.15 -1.63
CA VAL A 115 -2.63 -7.57 -1.94
C VAL A 115 -1.65 -8.70 -2.24
N THR A 116 -0.83 -8.47 -3.26
CA THR A 116 0.27 -9.31 -3.73
C THR A 116 1.48 -8.38 -3.88
N ALA A 117 2.42 -8.44 -2.95
CA ALA A 117 3.70 -7.77 -3.08
C ALA A 117 4.66 -8.64 -3.91
N SER A 118 5.52 -8.04 -4.73
CA SER A 118 6.53 -8.76 -5.52
C SER A 118 7.75 -7.89 -5.85
N CYS A 119 8.76 -7.89 -4.97
CA CYS A 119 10.02 -7.19 -5.22
C CYS A 119 10.99 -8.00 -6.12
N ASP A 120 12.24 -7.53 -6.23
CA ASP A 120 13.43 -8.25 -6.72
C ASP A 120 13.41 -9.78 -6.59
N GLY A 121 12.98 -10.30 -5.43
CA GLY A 121 12.76 -11.73 -5.18
C GLY A 121 11.99 -12.03 -3.89
N VAL A 122 11.15 -11.10 -3.45
CA VAL A 122 10.32 -11.23 -2.24
C VAL A 122 8.85 -11.05 -2.61
N THR A 123 8.16 -12.18 -2.75
CA THR A 123 6.71 -12.22 -3.02
C THR A 123 5.96 -12.40 -1.70
N SER A 124 5.00 -11.52 -1.43
CA SER A 124 4.17 -11.55 -0.22
C SER A 124 2.69 -11.43 -0.58
N VAL A 125 1.82 -11.74 0.37
CA VAL A 125 0.38 -11.81 0.16
C VAL A 125 -0.36 -11.47 1.44
N ARG A 126 -1.32 -10.54 1.32
CA ARG A 126 -2.11 -10.01 2.43
C ARG A 126 -3.46 -9.50 1.95
N THR A 127 -4.56 -10.05 2.45
CA THR A 127 -5.91 -9.50 2.23
C THR A 127 -6.19 -8.35 3.21
N TYR A 128 -7.16 -7.51 2.88
CA TYR A 128 -7.52 -6.27 3.57
C TYR A 128 -9.05 -6.14 3.68
N LYS A 129 -9.57 -5.80 4.86
CA LYS A 129 -11.00 -5.72 5.18
C LYS A 129 -11.56 -4.33 4.87
N ARG A 130 -12.30 -4.18 3.78
CA ARG A 130 -12.94 -2.92 3.39
C ARG A 130 -14.13 -2.59 4.30
N ILE A 131 -14.08 -1.40 4.92
CA ILE A 131 -15.07 -0.82 5.83
C ILE A 131 -15.10 0.72 5.66
N MET A 1 -14.43 7.13 -9.06
CA MET A 1 -14.52 6.57 -7.68
C MET A 1 -15.86 5.86 -7.43
N ALA A 2 -16.16 4.77 -8.16
CA ALA A 2 -17.46 4.10 -8.07
C ALA A 2 -17.75 3.51 -6.67
N SER A 3 -16.80 2.74 -6.11
CA SER A 3 -16.82 2.22 -4.72
C SER A 3 -15.42 1.76 -4.25
N ILE A 4 -14.38 2.44 -4.73
CA ILE A 4 -12.95 2.12 -4.52
C ILE A 4 -12.27 3.07 -3.50
N GLU A 5 -13.05 3.91 -2.83
CA GLU A 5 -12.62 4.79 -1.75
C GLU A 5 -13.28 4.42 -0.41
N GLY A 6 -12.59 4.75 0.69
CA GLY A 6 -12.95 4.34 2.06
C GLY A 6 -11.73 4.08 2.93
N LYS A 7 -11.90 3.37 4.04
CA LYS A 7 -10.81 2.92 4.92
C LYS A 7 -10.58 1.41 4.73
N TYR A 8 -9.32 1.01 4.57
CA TYR A 8 -8.94 -0.37 4.33
C TYR A 8 -7.77 -0.75 5.24
N LYS A 9 -7.82 -1.95 5.82
CA LYS A 9 -6.81 -2.43 6.78
C LYS A 9 -6.27 -3.77 6.32
N LEU A 10 -5.00 -4.01 6.57
CA LEU A 10 -4.37 -5.31 6.31
C LEU A 10 -5.14 -6.42 7.07
N GLU A 11 -5.18 -7.60 6.48
CA GLU A 11 -5.82 -8.82 6.98
C GLU A 11 -5.04 -10.03 6.44
N LYS A 12 -5.25 -11.23 6.97
CA LYS A 12 -4.58 -12.50 6.59
C LYS A 12 -3.12 -12.62 7.03
N SER A 13 -2.30 -11.57 6.82
CA SER A 13 -0.89 -11.44 7.23
C SER A 13 -0.04 -12.69 6.94
N GLU A 14 0.56 -12.72 5.75
CA GLU A 14 1.41 -13.83 5.27
C GLU A 14 2.58 -13.25 4.46
N LYS A 15 3.81 -13.71 4.73
CA LYS A 15 5.09 -13.14 4.20
C LYS A 15 5.32 -11.65 4.48
N PHE A 16 4.52 -11.03 5.37
CA PHE A 16 4.72 -9.66 5.83
C PHE A 16 6.16 -9.43 6.32
N ASP A 17 6.72 -10.30 7.19
CA ASP A 17 8.03 -10.07 7.81
C ASP A 17 9.17 -9.93 6.77
N GLU A 18 9.00 -10.61 5.62
CA GLU A 18 9.87 -10.54 4.45
C GLU A 18 9.54 -9.31 3.56
N PHE A 19 8.26 -8.97 3.32
CA PHE A 19 7.86 -7.73 2.62
C PHE A 19 8.28 -6.44 3.37
N LEU A 20 8.15 -6.40 4.70
CA LEU A 20 8.48 -5.21 5.50
C LEU A 20 9.95 -4.80 5.39
N ASP A 21 10.83 -5.77 5.09
CA ASP A 21 12.23 -5.54 4.67
C ASP A 21 12.29 -4.53 3.50
N LYS A 22 11.42 -4.72 2.49
CA LYS A 22 11.26 -3.90 1.29
C LYS A 22 10.34 -2.68 1.47
N LEU A 23 9.47 -2.65 2.49
CA LEU A 23 8.62 -1.49 2.77
C LEU A 23 9.42 -0.33 3.40
N GLY A 24 10.35 -0.64 4.33
CA GLY A 24 11.24 0.33 4.99
C GLY A 24 10.96 0.53 6.49
N VAL A 25 9.80 0.06 6.95
CA VAL A 25 9.33 0.06 8.34
C VAL A 25 10.09 -0.94 9.23
N GLY A 26 9.75 -0.99 10.52
CA GLY A 26 10.33 -1.90 11.52
C GLY A 26 9.25 -2.67 12.29
N PHE A 27 9.58 -3.06 13.53
CA PHE A 27 8.72 -3.85 14.41
C PHE A 27 7.31 -3.28 14.56
N MET A 28 7.14 -1.95 14.51
CA MET A 28 5.83 -1.27 14.60
C MET A 28 4.78 -1.77 13.60
N VAL A 29 5.18 -2.22 12.40
CA VAL A 29 4.26 -2.84 11.42
C VAL A 29 4.33 -4.37 11.50
N LYS A 30 5.49 -4.94 11.85
CA LYS A 30 5.61 -6.40 12.06
C LYS A 30 4.68 -6.93 13.17
N THR A 31 4.47 -6.15 14.23
CA THR A 31 3.51 -6.44 15.31
C THR A 31 2.08 -6.06 14.93
N ALA A 32 1.89 -5.00 14.14
CA ALA A 32 0.58 -4.63 13.60
C ALA A 32 0.02 -5.72 12.64
N ALA A 33 0.91 -6.41 11.90
CA ALA A 33 0.56 -7.52 11.00
C ALA A 33 -0.18 -8.68 11.69
N LYS A 34 0.11 -8.99 12.97
CA LYS A 34 -0.62 -9.97 13.81
C LYS A 34 -2.13 -9.69 13.92
N THR A 35 -2.55 -8.45 13.70
CA THR A 35 -3.94 -7.96 13.79
C THR A 35 -4.27 -7.11 12.55
N LEU A 36 -5.02 -6.01 12.68
CA LEU A 36 -5.35 -5.05 11.61
C LEU A 36 -5.08 -3.58 12.04
N LYS A 37 -4.12 -3.38 12.94
CA LYS A 37 -3.57 -2.06 13.30
C LYS A 37 -3.09 -1.20 12.11
N PRO A 38 -2.52 -1.73 11.00
CA PRO A 38 -2.16 -0.92 9.85
C PRO A 38 -3.41 -0.54 9.03
N THR A 39 -3.64 0.76 8.90
CA THR A 39 -4.83 1.35 8.24
C THR A 39 -4.40 2.29 7.11
N PHE A 40 -5.12 2.20 5.99
CA PHE A 40 -4.85 2.95 4.76
C PHE A 40 -6.19 3.49 4.23
N GLU A 41 -6.37 4.82 4.31
CA GLU A 41 -7.52 5.48 3.68
C GLU A 41 -7.23 5.59 2.18
N VAL A 42 -8.01 4.91 1.34
CA VAL A 42 -7.86 4.99 -0.12
C VAL A 42 -8.87 6.02 -0.58
N ALA A 43 -8.43 7.02 -1.32
CA ALA A 43 -9.26 8.05 -1.91
C ALA A 43 -8.85 8.28 -3.38
N ILE A 44 -9.86 8.48 -4.22
CA ILE A 44 -9.74 8.66 -5.66
C ILE A 44 -10.58 9.89 -5.98
N GLU A 45 -9.90 11.00 -6.30
CA GLU A 45 -10.55 12.19 -6.84
C GLU A 45 -10.67 12.05 -8.38
N ASN A 46 -11.56 12.83 -8.99
CA ASN A 46 -11.86 12.77 -10.43
C ASN A 46 -10.78 13.47 -11.30
N ASP A 47 -9.51 13.11 -11.07
CA ASP A 47 -8.28 13.68 -11.64
C ASP A 47 -7.04 12.86 -11.18
N GLN A 48 -6.91 12.59 -9.86
CA GLN A 48 -5.72 12.05 -9.19
C GLN A 48 -6.11 11.13 -8.01
N TYR A 49 -5.19 10.26 -7.60
CA TYR A 49 -5.36 9.41 -6.41
C TYR A 49 -4.79 10.07 -5.14
N ILE A 50 -5.22 9.58 -3.97
CA ILE A 50 -4.75 9.95 -2.64
C ILE A 50 -4.62 8.67 -1.79
N PHE A 51 -3.44 8.08 -1.81
CA PHE A 51 -3.02 6.97 -0.95
C PHE A 51 -2.65 7.50 0.45
N ARG A 52 -3.60 7.51 1.38
CA ARG A 52 -3.35 7.76 2.81
C ARG A 52 -2.82 6.46 3.44
N SER A 53 -1.88 6.60 4.38
CA SER A 53 -1.30 5.52 5.17
C SER A 53 -1.21 5.98 6.63
N LEU A 54 -2.12 5.50 7.49
CA LEU A 54 -2.20 5.87 8.90
C LEU A 54 -1.39 4.91 9.79
N SER A 55 -0.36 4.29 9.23
CA SER A 55 0.48 3.29 9.88
C SER A 55 1.95 3.52 9.52
N THR A 56 2.65 2.48 9.06
CA THR A 56 4.02 2.52 8.54
C THR A 56 4.97 3.34 9.40
N PHE A 57 5.03 2.98 10.70
CA PHE A 57 5.73 3.65 11.82
C PHE A 57 5.23 5.07 12.18
N LYS A 58 4.85 5.86 11.17
CA LYS A 58 4.36 7.25 11.24
C LYS A 58 3.41 7.50 10.07
N ASN A 59 2.17 7.87 10.41
CA ASN A 59 1.10 8.21 9.48
C ASN A 59 1.51 9.30 8.46
N THR A 60 0.97 9.23 7.23
CA THR A 60 1.14 10.22 6.16
C THR A 60 0.03 10.14 5.11
N GLU A 61 0.02 11.11 4.19
CA GLU A 61 -0.72 11.06 2.92
C GLU A 61 0.22 11.20 1.72
N ALA A 62 -0.11 10.52 0.62
CA ALA A 62 0.56 10.61 -0.68
C ALA A 62 -0.48 10.78 -1.79
N LYS A 63 -0.26 11.73 -2.71
CA LYS A 63 -1.14 12.02 -3.85
C LYS A 63 -0.34 12.52 -5.05
N PHE A 64 -0.67 12.03 -6.24
CA PHE A 64 -0.01 12.36 -7.51
C PHE A 64 -0.86 11.94 -8.73
N LYS A 65 -0.38 12.24 -9.94
CA LYS A 65 -0.96 11.79 -11.22
C LYS A 65 -0.92 10.27 -11.33
N LEU A 66 -2.03 9.71 -11.83
CA LEU A 66 -2.20 8.29 -12.11
C LEU A 66 -1.13 7.82 -13.13
N GLY A 67 -0.12 7.09 -12.65
CA GLY A 67 1.01 6.57 -13.43
C GLY A 67 2.30 7.41 -13.37
N GLU A 68 2.30 8.61 -12.77
CA GLU A 68 3.55 9.36 -12.51
C GLU A 68 4.31 8.80 -11.30
N GLU A 69 5.63 8.99 -11.31
CA GLU A 69 6.54 8.47 -10.29
C GLU A 69 7.51 9.57 -9.79
N PHE A 70 7.68 9.66 -8.47
CA PHE A 70 8.55 10.62 -7.79
C PHE A 70 9.26 9.98 -6.60
N GLU A 71 10.38 10.56 -6.14
CA GLU A 71 11.18 10.07 -5.01
C GLU A 71 11.59 11.25 -4.11
N GLU A 72 11.10 11.25 -2.87
CA GLU A 72 11.27 12.31 -1.86
C GLU A 72 10.68 11.87 -0.50
N ASP A 73 10.77 12.74 0.52
CA ASP A 73 10.21 12.51 1.87
C ASP A 73 8.71 12.12 1.87
N ARG A 74 8.40 11.02 2.56
CA ARG A 74 7.08 10.36 2.63
C ARG A 74 6.83 9.74 4.02
N ALA A 75 6.00 8.69 4.09
CA ALA A 75 5.69 7.90 5.30
C ALA A 75 6.96 7.44 6.03
N ASP A 76 6.87 7.07 7.32
CA ASP A 76 8.04 6.70 8.16
C ASP A 76 9.23 7.72 8.14
N GLY A 77 9.02 8.93 7.60
CA GLY A 77 10.08 9.86 7.21
C GLY A 77 11.08 9.30 6.17
N LYS A 78 10.78 8.18 5.48
CA LYS A 78 11.62 7.60 4.42
C LYS A 78 11.61 8.45 3.14
N ARG A 79 12.52 8.15 2.20
CA ARG A 79 12.67 8.84 0.91
C ARG A 79 13.00 7.84 -0.21
N VAL A 80 11.97 7.41 -0.92
CA VAL A 80 12.00 6.38 -1.98
C VAL A 80 10.96 6.69 -3.08
N LYS A 81 11.06 6.03 -4.24
CA LYS A 81 10.09 6.18 -5.34
C LYS A 81 8.64 5.92 -4.86
N THR A 82 7.67 6.48 -5.58
CA THR A 82 6.23 6.28 -5.32
C THR A 82 5.47 6.58 -6.61
N VAL A 83 4.76 5.55 -7.10
CA VAL A 83 3.83 5.61 -8.23
C VAL A 83 2.65 4.69 -7.91
N ILE A 84 1.44 5.21 -8.13
CA ILE A 84 0.19 4.44 -8.03
C ILE A 84 -0.49 4.53 -9.41
N GLN A 85 -1.02 3.39 -9.85
CA GLN A 85 -1.73 3.25 -11.11
C GLN A 85 -2.93 2.31 -10.95
N LYS A 86 -4.09 2.73 -11.44
CA LYS A 86 -5.35 1.98 -11.46
C LYS A 86 -5.55 1.39 -12.86
N GLU A 87 -5.85 0.11 -12.88
CA GLU A 87 -6.24 -0.69 -14.04
C GLU A 87 -7.65 -1.25 -13.76
N GLY A 88 -8.59 -1.01 -14.68
CA GLY A 88 -9.96 -1.53 -14.61
C GLY A 88 -10.82 -1.06 -13.42
N ASP A 89 -10.49 0.08 -12.78
CA ASP A 89 -11.12 0.61 -11.55
C ASP A 89 -11.31 -0.45 -10.43
N ASN A 90 -10.32 -1.34 -10.32
CA ASN A 90 -10.28 -2.38 -9.28
C ASN A 90 -8.86 -2.85 -8.93
N LYS A 91 -7.89 -2.82 -9.86
CA LYS A 91 -6.50 -3.27 -9.68
C LYS A 91 -5.56 -2.07 -9.54
N PHE A 92 -5.13 -1.80 -8.32
CA PHE A 92 -4.23 -0.70 -7.96
C PHE A 92 -2.81 -1.24 -7.76
N VAL A 93 -1.88 -0.86 -8.64
CA VAL A 93 -0.45 -1.18 -8.46
C VAL A 93 0.25 0.02 -7.83
N GLN A 94 1.06 -0.26 -6.81
CA GLN A 94 1.96 0.64 -6.11
C GLN A 94 3.38 0.12 -6.28
N THR A 95 4.28 0.99 -6.74
CA THR A 95 5.72 0.68 -6.84
C THR A 95 6.50 1.71 -6.03
N GLN A 96 7.47 1.23 -5.23
CA GLN A 96 8.40 2.08 -4.51
C GLN A 96 9.83 1.52 -4.49
N PHE A 97 10.81 2.42 -4.37
CA PHE A 97 12.24 2.11 -4.24
C PHE A 97 12.63 1.75 -2.80
N GLY A 98 11.67 1.31 -1.97
CA GLY A 98 11.78 1.00 -0.53
C GLY A 98 13.15 0.43 -0.13
N ASP A 99 13.58 -0.58 -0.89
CA ASP A 99 14.98 -1.03 -0.96
C ASP A 99 15.53 -1.07 -2.40
N LYS A 100 14.71 -1.43 -3.41
CA LYS A 100 15.10 -1.49 -4.84
C LYS A 100 13.95 -1.27 -5.82
N GLU A 101 12.81 -1.94 -5.65
CA GLU A 101 11.59 -1.85 -6.48
C GLU A 101 10.54 -2.88 -6.00
N VAL A 102 9.91 -2.61 -4.86
CA VAL A 102 8.73 -3.39 -4.44
C VAL A 102 7.57 -3.09 -5.39
N LYS A 103 6.79 -4.10 -5.77
CA LYS A 103 5.57 -4.04 -6.58
C LYS A 103 4.44 -4.62 -5.72
N ILE A 104 3.57 -3.77 -5.19
CA ILE A 104 2.35 -4.19 -4.47
C ILE A 104 1.18 -3.97 -5.43
N ILE A 105 0.35 -4.98 -5.63
CA ILE A 105 -0.87 -4.92 -6.43
C ILE A 105 -2.05 -5.22 -5.50
N ARG A 106 -3.15 -4.49 -5.60
CA ARG A 106 -4.36 -4.66 -4.79
C ARG A 106 -5.59 -4.74 -5.70
N GLU A 107 -6.30 -5.86 -5.71
CA GLU A 107 -7.50 -6.06 -6.55
C GLU A 107 -8.78 -6.17 -5.70
N PHE A 108 -9.74 -5.29 -5.96
CA PHE A 108 -11.06 -5.28 -5.32
C PHE A 108 -11.94 -6.48 -5.74
N ASN A 109 -12.38 -7.28 -4.76
CA ASN A 109 -13.32 -8.39 -4.94
C ASN A 109 -14.77 -7.96 -4.68
N GLY A 110 -15.03 -7.23 -3.59
CA GLY A 110 -16.36 -6.69 -3.24
C GLY A 110 -16.52 -6.37 -1.75
N ASP A 111 -16.20 -7.34 -0.89
CA ASP A 111 -16.18 -7.22 0.58
C ASP A 111 -14.75 -7.06 1.12
N GLU A 112 -13.76 -7.54 0.36
CA GLU A 112 -12.33 -7.48 0.64
C GLU A 112 -11.54 -7.20 -0.66
N VAL A 113 -10.22 -7.12 -0.52
CA VAL A 113 -9.23 -6.88 -1.58
C VAL A 113 -8.12 -7.91 -1.43
N VAL A 114 -7.57 -8.42 -2.54
CA VAL A 114 -6.40 -9.31 -2.55
C VAL A 114 -5.13 -8.52 -2.89
N VAL A 115 -4.14 -8.55 -1.97
CA VAL A 115 -2.84 -7.90 -2.16
C VAL A 115 -1.82 -8.94 -2.65
N THR A 116 -0.97 -8.51 -3.58
CA THR A 116 0.11 -9.28 -4.21
C THR A 116 1.36 -8.39 -4.20
N ALA A 117 2.22 -8.55 -3.20
CA ALA A 117 3.55 -7.93 -3.20
C ALA A 117 4.53 -8.83 -3.96
N SER A 118 5.50 -8.23 -4.64
CA SER A 118 6.68 -8.88 -5.23
C SER A 118 7.85 -7.90 -5.33
N CYS A 119 9.05 -8.37 -5.01
CA CYS A 119 10.33 -7.65 -5.07
C CYS A 119 11.45 -8.62 -5.48
N ASP A 120 12.71 -8.29 -5.17
CA ASP A 120 13.90 -9.08 -5.49
C ASP A 120 14.03 -10.39 -4.67
N GLY A 121 13.08 -11.33 -4.87
CA GLY A 121 12.99 -12.60 -4.12
C GLY A 121 12.13 -12.50 -2.85
N VAL A 122 11.20 -11.53 -2.80
CA VAL A 122 10.31 -11.23 -1.67
C VAL A 122 8.89 -11.08 -2.22
N THR A 123 8.05 -12.08 -2.00
CA THR A 123 6.66 -12.11 -2.50
C THR A 123 5.74 -12.27 -1.31
N SER A 124 4.67 -11.47 -1.25
CA SER A 124 3.74 -11.39 -0.11
C SER A 124 2.29 -11.45 -0.58
N VAL A 125 1.44 -11.97 0.29
CA VAL A 125 0.04 -12.27 -0.01
C VAL A 125 -0.77 -12.09 1.26
N ARG A 126 -1.43 -10.92 1.36
CA ARG A 126 -2.33 -10.54 2.44
C ARG A 126 -3.65 -10.07 1.85
N THR A 127 -4.73 -10.20 2.61
CA THR A 127 -6.06 -9.69 2.22
C THR A 127 -6.22 -8.30 2.84
N TYR A 128 -7.18 -7.51 2.37
CA TYR A 128 -7.49 -6.17 2.86
C TYR A 128 -8.99 -6.08 3.18
N LYS A 129 -9.32 -5.72 4.42
CA LYS A 129 -10.70 -5.52 4.90
C LYS A 129 -11.14 -4.08 4.61
N ARG A 130 -12.15 -3.92 3.75
CA ARG A 130 -12.80 -2.63 3.41
C ARG A 130 -13.92 -2.32 4.41
N ILE A 131 -13.83 -1.18 5.09
CA ILE A 131 -14.86 -0.64 6.01
C ILE A 131 -14.74 0.91 6.14
N MET A 1 -14.72 7.73 -8.15
CA MET A 1 -15.21 7.05 -6.92
C MET A 1 -16.28 5.97 -7.21
N ALA A 2 -15.95 4.92 -7.96
CA ALA A 2 -16.89 3.85 -8.36
C ALA A 2 -17.05 2.73 -7.29
N SER A 3 -17.30 3.11 -6.02
CA SER A 3 -17.27 2.22 -4.85
C SER A 3 -15.94 1.46 -4.67
N ILE A 4 -14.84 2.18 -4.90
CA ILE A 4 -13.45 1.70 -4.72
C ILE A 4 -12.64 2.53 -3.71
N GLU A 5 -13.23 3.62 -3.20
CA GLU A 5 -12.63 4.49 -2.19
C GLU A 5 -13.11 4.11 -0.78
N GLY A 6 -12.33 4.48 0.24
CA GLY A 6 -12.61 4.16 1.64
C GLY A 6 -11.35 3.82 2.43
N LYS A 7 -11.56 3.45 3.69
CA LYS A 7 -10.52 2.97 4.60
C LYS A 7 -10.46 1.44 4.55
N TYR A 8 -9.28 0.89 4.78
CA TYR A 8 -9.06 -0.56 4.84
C TYR A 8 -7.81 -0.87 5.66
N LYS A 9 -7.76 -2.10 6.18
CA LYS A 9 -6.63 -2.60 6.98
C LYS A 9 -6.10 -3.90 6.41
N LEU A 10 -4.86 -4.23 6.78
CA LEU A 10 -4.32 -5.54 6.47
C LEU A 10 -5.14 -6.69 7.10
N GLU A 11 -4.99 -7.87 6.54
CA GLU A 11 -5.55 -9.15 7.00
C GLU A 11 -4.69 -10.27 6.40
N LYS A 12 -4.89 -11.53 6.84
CA LYS A 12 -4.10 -12.69 6.37
C LYS A 12 -2.58 -12.46 6.47
N SER A 13 -2.13 -11.83 7.55
CA SER A 13 -0.71 -11.55 7.81
C SER A 13 0.11 -12.85 7.86
N GLU A 14 0.79 -13.14 6.74
CA GLU A 14 1.73 -14.24 6.58
C GLU A 14 2.88 -13.77 5.70
N LYS A 15 4.11 -14.13 6.10
CA LYS A 15 5.39 -13.79 5.43
C LYS A 15 5.71 -12.27 5.39
N PHE A 16 4.79 -11.41 5.86
CA PHE A 16 4.90 -9.96 5.99
C PHE A 16 6.22 -9.48 6.61
N ASP A 17 6.74 -10.13 7.66
CA ASP A 17 8.00 -9.74 8.31
C ASP A 17 9.19 -9.62 7.33
N GLU A 18 9.21 -10.43 6.26
CA GLU A 18 10.18 -10.36 5.15
C GLU A 18 9.81 -9.30 4.08
N PHE A 19 8.53 -8.94 3.94
CA PHE A 19 8.04 -7.95 2.97
C PHE A 19 8.18 -6.52 3.48
N LEU A 20 7.93 -6.30 4.76
CA LEU A 20 8.07 -5.00 5.42
C LEU A 20 9.53 -4.53 5.44
N ASP A 21 10.50 -5.46 5.45
CA ASP A 21 11.93 -5.18 5.16
C ASP A 21 12.08 -4.35 3.87
N LYS A 22 11.36 -4.74 2.81
CA LYS A 22 11.39 -4.08 1.49
C LYS A 22 10.43 -2.90 1.37
N LEU A 23 9.47 -2.74 2.28
CA LEU A 23 8.63 -1.55 2.41
C LEU A 23 9.34 -0.42 3.21
N GLY A 24 10.50 -0.69 3.81
CA GLY A 24 11.43 0.28 4.43
C GLY A 24 11.31 0.34 5.96
N VAL A 25 10.09 0.13 6.43
CA VAL A 25 9.67 -0.08 7.83
C VAL A 25 10.22 -1.37 8.47
N GLY A 26 9.91 -1.61 9.75
CA GLY A 26 10.44 -2.72 10.56
C GLY A 26 9.46 -3.25 11.60
N PHE A 27 9.81 -3.23 12.88
CA PHE A 27 8.99 -3.84 13.95
C PHE A 27 7.65 -3.14 14.15
N MET A 28 7.58 -1.80 14.03
CA MET A 28 6.36 -1.00 14.17
C MET A 28 5.18 -1.47 13.29
N VAL A 29 5.49 -2.06 12.13
CA VAL A 29 4.50 -2.64 11.21
C VAL A 29 4.38 -4.16 11.35
N LYS A 30 5.42 -4.87 11.82
CA LYS A 30 5.30 -6.30 12.15
C LYS A 30 4.30 -6.53 13.31
N THR A 31 4.36 -5.66 14.33
CA THR A 31 3.43 -5.68 15.46
C THR A 31 2.03 -5.18 15.07
N ALA A 32 1.96 -4.26 14.09
CA ALA A 32 0.69 -3.83 13.51
C ALA A 32 0.04 -4.97 12.71
N ALA A 33 0.83 -5.71 11.91
CA ALA A 33 0.39 -6.83 11.09
C ALA A 33 -0.25 -7.99 11.89
N LYS A 34 0.11 -8.15 13.18
CA LYS A 34 -0.59 -9.06 14.12
C LYS A 34 -2.07 -8.72 14.38
N THR A 35 -2.51 -7.50 14.06
CA THR A 35 -3.85 -6.94 14.34
C THR A 35 -4.31 -6.08 13.14
N LEU A 36 -5.10 -5.02 13.35
CA LEU A 36 -5.58 -4.10 12.32
C LEU A 36 -5.16 -2.64 12.63
N LYS A 37 -3.98 -2.47 13.24
CA LYS A 37 -3.27 -1.18 13.33
C LYS A 37 -2.85 -0.59 11.96
N PRO A 38 -2.40 -1.37 10.95
CA PRO A 38 -2.01 -0.81 9.68
C PRO A 38 -3.26 -0.49 8.87
N THR A 39 -3.56 0.80 8.76
CA THR A 39 -4.74 1.35 8.10
C THR A 39 -4.29 2.22 6.93
N PHE A 40 -4.99 2.11 5.82
CA PHE A 40 -4.74 2.84 4.60
C PHE A 40 -6.08 3.40 4.10
N GLU A 41 -6.05 4.57 3.45
CA GLU A 41 -7.23 5.20 2.85
C GLU A 41 -6.94 5.41 1.37
N VAL A 42 -7.91 5.05 0.53
CA VAL A 42 -7.81 5.17 -0.92
C VAL A 42 -8.91 6.12 -1.34
N ALA A 43 -8.52 7.19 -2.03
CA ALA A 43 -9.41 8.23 -2.51
C ALA A 43 -9.08 8.54 -3.98
N ILE A 44 -10.12 8.46 -4.82
CA ILE A 44 -10.04 8.56 -6.29
C ILE A 44 -10.90 9.76 -6.69
N GLU A 45 -10.25 10.91 -6.79
CA GLU A 45 -10.81 12.20 -7.20
C GLU A 45 -10.93 12.26 -8.74
N ASN A 46 -11.78 11.37 -9.27
CA ASN A 46 -12.10 11.13 -10.71
C ASN A 46 -10.92 10.53 -11.52
N ASP A 47 -9.74 11.12 -11.39
CA ASP A 47 -8.50 10.72 -12.05
C ASP A 47 -7.30 10.84 -11.07
N GLN A 48 -7.21 11.94 -10.31
CA GLN A 48 -6.24 12.13 -9.23
C GLN A 48 -6.35 11.04 -8.16
N TYR A 49 -5.19 10.57 -7.66
CA TYR A 49 -5.09 9.45 -6.73
C TYR A 49 -4.43 9.92 -5.43
N ILE A 50 -5.12 9.69 -4.31
CA ILE A 50 -4.68 10.06 -2.96
C ILE A 50 -4.52 8.77 -2.15
N PHE A 51 -3.28 8.33 -2.06
CA PHE A 51 -2.83 7.15 -1.31
C PHE A 51 -2.49 7.56 0.14
N ARG A 52 -3.46 7.41 1.05
CA ARG A 52 -3.29 7.74 2.46
C ARG A 52 -2.70 6.53 3.19
N SER A 53 -1.65 6.77 3.98
CA SER A 53 -0.92 5.72 4.72
C SER A 53 -0.95 6.00 6.23
N LEU A 54 -2.01 5.58 6.93
CA LEU A 54 -2.18 5.76 8.39
C LEU A 54 -1.44 4.69 9.21
N SER A 55 -0.24 4.31 8.77
CA SER A 55 0.58 3.27 9.40
C SER A 55 2.06 3.52 9.13
N THR A 56 2.78 2.54 8.58
CA THR A 56 4.15 2.59 8.07
C THR A 56 5.11 3.35 9.00
N PHE A 57 5.15 2.93 10.28
CA PHE A 57 5.81 3.54 11.45
C PHE A 57 5.23 4.91 11.87
N LYS A 58 4.94 5.77 10.89
CA LYS A 58 4.34 7.10 11.03
C LYS A 58 3.34 7.35 9.90
N ASN A 59 2.12 7.70 10.31
CA ASN A 59 1.03 8.09 9.43
C ASN A 59 1.37 9.29 8.53
N THR A 60 0.95 9.23 7.26
CA THR A 60 1.18 10.27 6.23
C THR A 60 0.14 10.22 5.11
N GLU A 61 0.10 11.24 4.26
CA GLU A 61 -0.74 11.33 3.05
C GLU A 61 0.14 11.56 1.83
N ALA A 62 -0.16 10.87 0.72
CA ALA A 62 0.59 10.92 -0.53
C ALA A 62 -0.38 11.07 -1.72
N LYS A 63 -0.50 12.30 -2.24
CA LYS A 63 -1.44 12.66 -3.34
C LYS A 63 -0.68 13.02 -4.61
N PHE A 64 -1.03 12.38 -5.71
CA PHE A 64 -0.37 12.53 -7.02
C PHE A 64 -1.38 12.41 -8.18
N LYS A 65 -0.89 12.61 -9.41
CA LYS A 65 -1.60 12.28 -10.65
C LYS A 65 -1.71 10.77 -10.83
N LEU A 66 -2.56 10.36 -11.78
CA LEU A 66 -2.77 8.96 -12.17
C LEU A 66 -1.53 8.38 -12.86
N GLY A 67 -0.68 7.69 -12.10
CA GLY A 67 0.53 7.05 -12.61
C GLY A 67 1.74 7.98 -12.77
N GLU A 68 1.83 9.04 -11.97
CA GLU A 68 3.04 9.87 -11.90
C GLU A 68 3.99 9.36 -10.81
N GLU A 69 5.11 8.82 -11.26
CA GLU A 69 6.23 8.38 -10.43
C GLU A 69 6.99 9.57 -9.83
N PHE A 70 7.22 9.53 -8.51
CA PHE A 70 7.84 10.60 -7.73
C PHE A 70 8.74 10.04 -6.62
N GLU A 71 9.51 10.88 -5.94
CA GLU A 71 10.37 10.51 -4.81
C GLU A 71 10.49 11.69 -3.83
N GLU A 72 10.10 11.50 -2.56
CA GLU A 72 10.23 12.50 -1.49
C GLU A 72 10.41 11.83 -0.11
N ASP A 73 10.92 12.58 0.86
CA ASP A 73 10.97 12.14 2.27
C ASP A 73 9.59 12.17 2.93
N ARG A 74 9.12 11.01 3.43
CA ARG A 74 7.85 10.81 4.15
C ARG A 74 7.75 9.41 4.78
N ALA A 75 6.54 8.95 5.08
CA ALA A 75 6.23 7.71 5.79
C ALA A 75 7.05 7.61 7.09
N ASP A 76 7.95 6.62 7.22
CA ASP A 76 8.81 6.43 8.39
C ASP A 76 10.03 7.39 8.49
N GLY A 77 10.02 8.49 7.71
CA GLY A 77 11.15 9.42 7.60
C GLY A 77 12.16 8.96 6.55
N LYS A 78 11.66 8.39 5.43
CA LYS A 78 12.45 7.81 4.33
C LYS A 78 12.07 8.42 2.99
N ARG A 79 13.00 8.38 2.03
CA ARG A 79 12.83 8.93 0.67
C ARG A 79 13.08 7.86 -0.38
N VAL A 80 11.98 7.37 -0.93
CA VAL A 80 11.94 6.30 -1.94
C VAL A 80 10.91 6.62 -3.01
N LYS A 81 11.03 5.95 -4.16
CA LYS A 81 10.07 6.08 -5.27
C LYS A 81 8.65 5.80 -4.79
N THR A 82 7.67 6.42 -5.42
CA THR A 82 6.24 6.21 -5.19
C THR A 82 5.50 6.47 -6.51
N VAL A 83 4.80 5.45 -6.97
CA VAL A 83 3.91 5.47 -8.14
C VAL A 83 2.73 4.57 -7.84
N ILE A 84 1.51 5.12 -7.92
CA ILE A 84 0.27 4.37 -7.72
C ILE A 84 -0.70 4.78 -8.84
N GLN A 85 -1.29 3.78 -9.49
CA GLN A 85 -2.24 3.98 -10.59
C GLN A 85 -3.35 2.93 -10.61
N LYS A 86 -4.50 3.35 -11.16
CA LYS A 86 -5.72 2.58 -11.28
C LYS A 86 -5.78 1.91 -12.65
N GLU A 87 -5.53 0.61 -12.68
CA GLU A 87 -5.70 -0.24 -13.85
C GLU A 87 -7.20 -0.53 -14.10
N GLY A 88 -7.80 0.23 -15.02
CA GLY A 88 -9.14 -0.01 -15.55
C GLY A 88 -10.27 -0.04 -14.51
N ASP A 89 -10.20 0.84 -13.51
CA ASP A 89 -11.22 1.04 -12.46
C ASP A 89 -11.67 -0.25 -11.72
N ASN A 90 -10.69 -1.10 -11.41
CA ASN A 90 -10.88 -2.40 -10.72
C ASN A 90 -9.60 -2.88 -10.02
N LYS A 91 -8.45 -2.73 -10.69
CA LYS A 91 -7.14 -3.18 -10.25
C LYS A 91 -6.27 -1.97 -9.91
N PHE A 92 -5.29 -2.18 -9.05
CA PHE A 92 -4.38 -1.17 -8.55
C PHE A 92 -2.97 -1.74 -8.53
N VAL A 93 -2.03 -0.91 -8.95
CA VAL A 93 -0.61 -1.21 -9.00
C VAL A 93 0.14 -0.06 -8.36
N GLN A 94 1.00 -0.41 -7.41
CA GLN A 94 1.77 0.52 -6.61
C GLN A 94 3.19 0.01 -6.45
N THR A 95 4.17 0.81 -6.85
CA THR A 95 5.59 0.45 -6.84
C THR A 95 6.38 1.47 -6.05
N GLN A 96 7.23 1.01 -5.12
CA GLN A 96 8.06 1.88 -4.29
C GLN A 96 9.49 1.34 -4.13
N PHE A 97 10.49 2.22 -4.06
CA PHE A 97 11.92 1.86 -3.97
C PHE A 97 12.35 1.55 -2.52
N GLY A 98 11.42 1.08 -1.67
CA GLY A 98 11.55 0.89 -0.21
C GLY A 98 12.89 0.29 0.23
N ASP A 99 13.33 -0.76 -0.46
CA ASP A 99 14.73 -1.27 -0.45
C ASP A 99 15.40 -1.25 -1.84
N LYS A 100 14.62 -1.42 -2.92
CA LYS A 100 15.09 -1.43 -4.32
C LYS A 100 13.97 -1.34 -5.39
N GLU A 101 12.77 -1.80 -5.03
CA GLU A 101 11.53 -1.92 -5.84
C GLU A 101 10.63 -3.00 -5.22
N VAL A 102 9.51 -2.58 -4.63
CA VAL A 102 8.40 -3.42 -4.14
C VAL A 102 7.24 -3.23 -5.11
N LYS A 103 6.89 -4.22 -5.94
CA LYS A 103 5.79 -4.13 -6.91
C LYS A 103 4.53 -4.78 -6.33
N ILE A 104 3.65 -3.97 -5.76
CA ILE A 104 2.37 -4.41 -5.18
C ILE A 104 1.27 -4.33 -6.24
N ILE A 105 0.47 -5.38 -6.30
CA ILE A 105 -0.72 -5.53 -7.16
C ILE A 105 -1.90 -5.92 -6.26
N ARG A 106 -2.98 -5.14 -6.29
CA ARG A 106 -4.20 -5.38 -5.48
C ARG A 106 -5.45 -5.17 -6.34
N GLU A 107 -6.50 -5.97 -6.12
CA GLU A 107 -7.74 -5.93 -6.92
C GLU A 107 -8.97 -5.98 -6.02
N PHE A 108 -9.93 -5.11 -6.30
CA PHE A 108 -11.20 -5.00 -5.59
C PHE A 108 -12.16 -6.16 -5.91
N ASN A 109 -12.80 -6.75 -4.89
CA ASN A 109 -13.82 -7.79 -5.08
C ASN A 109 -15.25 -7.28 -4.79
N GLY A 110 -15.44 -6.51 -3.70
CA GLY A 110 -16.72 -5.88 -3.34
C GLY A 110 -16.85 -5.55 -1.86
N ASP A 111 -16.38 -6.44 -0.99
CA ASP A 111 -16.34 -6.27 0.48
C ASP A 111 -14.90 -6.29 1.04
N GLU A 112 -13.94 -6.79 0.27
CA GLU A 112 -12.51 -6.90 0.56
C GLU A 112 -11.72 -6.80 -0.74
N VAL A 113 -10.39 -6.74 -0.65
CA VAL A 113 -9.47 -6.70 -1.78
C VAL A 113 -8.29 -7.66 -1.53
N VAL A 114 -7.71 -8.26 -2.58
CA VAL A 114 -6.49 -9.10 -2.49
C VAL A 114 -5.24 -8.22 -2.64
N VAL A 115 -4.10 -8.62 -2.07
CA VAL A 115 -2.82 -7.89 -2.16
C VAL A 115 -1.66 -8.87 -2.40
N THR A 116 -0.87 -8.58 -3.42
CA THR A 116 0.24 -9.39 -3.90
C THR A 116 1.44 -8.48 -4.22
N ALA A 117 2.40 -8.38 -3.31
CA ALA A 117 3.70 -7.76 -3.57
C ALA A 117 4.60 -8.68 -4.40
N SER A 118 5.67 -8.12 -4.95
CA SER A 118 6.71 -8.81 -5.73
C SER A 118 7.93 -7.89 -5.79
N CYS A 119 8.76 -7.95 -4.74
CA CYS A 119 10.07 -7.29 -4.70
C CYS A 119 11.12 -8.11 -5.48
N ASP A 120 12.41 -7.83 -5.25
CA ASP A 120 13.58 -8.58 -5.75
C ASP A 120 13.67 -10.05 -5.24
N GLY A 121 12.68 -10.89 -5.59
CA GLY A 121 12.56 -12.30 -5.16
C GLY A 121 11.75 -12.51 -3.87
N VAL A 122 10.83 -11.58 -3.57
CA VAL A 122 10.08 -11.52 -2.30
C VAL A 122 8.61 -11.19 -2.64
N THR A 123 7.75 -12.20 -2.72
CA THR A 123 6.36 -12.07 -3.21
C THR A 123 5.36 -12.20 -2.08
N SER A 124 4.47 -11.21 -1.91
CA SER A 124 3.41 -11.24 -0.88
C SER A 124 2.08 -11.80 -1.37
N VAL A 125 1.23 -12.10 -0.39
CA VAL A 125 -0.11 -12.68 -0.55
C VAL A 125 -0.86 -12.48 0.78
N ARG A 126 -1.54 -11.34 0.89
CA ARG A 126 -2.37 -10.94 2.04
C ARG A 126 -3.73 -10.43 1.53
N THR A 127 -4.77 -10.51 2.36
CA THR A 127 -6.10 -9.95 2.05
C THR A 127 -6.25 -8.62 2.80
N TYR A 128 -7.04 -7.68 2.30
CA TYR A 128 -7.25 -6.37 2.91
C TYR A 128 -8.75 -6.15 3.16
N LYS A 129 -9.10 -5.88 4.42
CA LYS A 129 -10.48 -5.74 4.90
C LYS A 129 -10.96 -4.31 4.68
N ARG A 130 -11.89 -4.09 3.74
CA ARG A 130 -12.48 -2.78 3.43
C ARG A 130 -13.63 -2.42 4.38
N ILE A 131 -13.64 -1.18 4.88
CA ILE A 131 -14.52 -0.63 5.94
C ILE A 131 -15.03 0.79 5.58
N MET A 1 -15.25 5.13 -9.65
CA MET A 1 -14.63 5.86 -8.51
C MET A 1 -15.26 5.46 -7.17
N ALA A 2 -16.59 5.63 -6.98
CA ALA A 2 -17.38 5.32 -5.79
C ALA A 2 -17.52 3.81 -5.43
N SER A 3 -16.43 3.04 -5.54
CA SER A 3 -16.33 1.60 -5.26
C SER A 3 -14.88 1.19 -4.94
N ILE A 4 -13.93 1.76 -5.68
CA ILE A 4 -12.48 1.65 -5.46
C ILE A 4 -11.96 2.63 -4.39
N GLU A 5 -12.85 3.47 -3.83
CA GLU A 5 -12.60 4.37 -2.70
C GLU A 5 -13.18 3.82 -1.40
N GLY A 6 -12.55 4.13 -0.27
CA GLY A 6 -12.93 3.64 1.06
C GLY A 6 -11.76 3.54 2.04
N LYS A 7 -11.96 2.80 3.14
CA LYS A 7 -10.95 2.47 4.15
C LYS A 7 -10.64 0.97 4.10
N TYR A 8 -9.39 0.57 4.32
CA TYR A 8 -8.95 -0.83 4.19
C TYR A 8 -7.82 -1.16 5.17
N LYS A 9 -7.96 -2.26 5.93
CA LYS A 9 -6.97 -2.72 6.93
C LYS A 9 -6.37 -4.09 6.63
N LEU A 10 -5.08 -4.23 6.91
CA LEU A 10 -4.34 -5.50 6.87
C LEU A 10 -5.05 -6.60 7.70
N GLU A 11 -5.28 -7.76 7.09
CA GLU A 11 -5.95 -8.93 7.70
C GLU A 11 -5.38 -10.25 7.14
N LYS A 12 -4.08 -10.48 7.33
CA LYS A 12 -3.41 -11.76 6.97
C LYS A 12 -2.07 -12.04 7.69
N SER A 13 -1.20 -11.02 7.71
CA SER A 13 0.21 -11.06 8.16
C SER A 13 0.98 -12.32 7.72
N GLU A 14 1.28 -12.42 6.41
CA GLU A 14 2.13 -13.47 5.82
C GLU A 14 3.22 -12.91 4.89
N LYS A 15 4.41 -13.51 4.98
CA LYS A 15 5.71 -13.07 4.39
C LYS A 15 6.12 -11.61 4.69
N PHE A 16 5.42 -10.96 5.63
CA PHE A 16 5.68 -9.60 6.10
C PHE A 16 7.07 -9.44 6.70
N ASP A 17 7.55 -10.35 7.56
CA ASP A 17 8.86 -10.18 8.23
C ASP A 17 10.03 -10.03 7.25
N GLU A 18 9.94 -10.75 6.13
CA GLU A 18 10.82 -10.62 4.96
C GLU A 18 10.48 -9.39 4.08
N PHE A 19 9.20 -9.08 3.82
CA PHE A 19 8.78 -7.91 3.04
C PHE A 19 9.14 -6.56 3.68
N LEU A 20 9.14 -6.48 5.00
CA LEU A 20 9.58 -5.35 5.83
C LEU A 20 11.04 -4.97 5.55
N ASP A 21 11.91 -5.94 5.25
CA ASP A 21 13.27 -5.71 4.74
C ASP A 21 13.30 -4.86 3.45
N LYS A 22 12.19 -4.86 2.69
CA LYS A 22 12.03 -4.16 1.40
C LYS A 22 11.10 -2.94 1.49
N LEU A 23 10.10 -2.97 2.37
CA LEU A 23 9.20 -1.85 2.67
C LEU A 23 9.84 -0.83 3.64
N GLY A 24 11.03 -1.12 4.20
CA GLY A 24 11.86 -0.24 5.04
C GLY A 24 11.50 -0.27 6.54
N VAL A 25 10.22 -0.57 6.83
CA VAL A 25 9.63 -0.81 8.15
C VAL A 25 10.15 -2.09 8.85
N GLY A 26 9.69 -2.33 10.08
CA GLY A 26 10.15 -3.44 10.94
C GLY A 26 9.17 -3.69 12.08
N PHE A 27 9.67 -3.78 13.32
CA PHE A 27 8.85 -3.98 14.54
C PHE A 27 7.55 -3.18 14.57
N MET A 28 7.59 -1.90 14.22
CA MET A 28 6.43 -0.99 14.32
C MET A 28 5.23 -1.38 13.44
N VAL A 29 5.46 -2.13 12.35
CA VAL A 29 4.38 -2.74 11.56
C VAL A 29 4.23 -4.23 11.86
N LYS A 30 5.26 -4.95 12.31
CA LYS A 30 5.15 -6.33 12.83
C LYS A 30 4.16 -6.43 14.01
N THR A 31 4.20 -5.47 14.94
CA THR A 31 3.26 -5.36 16.08
C THR A 31 1.85 -4.97 15.64
N ALA A 32 1.74 -4.10 14.63
CA ALA A 32 0.46 -3.72 14.02
C ALA A 32 -0.17 -4.87 13.20
N ALA A 33 0.65 -5.68 12.53
CA ALA A 33 0.30 -6.83 11.68
C ALA A 33 -0.19 -8.06 12.45
N LYS A 34 0.15 -8.18 13.74
CA LYS A 34 -0.49 -9.09 14.71
C LYS A 34 -2.02 -8.89 14.85
N THR A 35 -2.54 -7.77 14.34
CA THR A 35 -3.94 -7.38 14.32
C THR A 35 -4.21 -6.55 13.04
N LEU A 36 -5.16 -5.62 13.07
CA LEU A 36 -5.57 -4.73 11.97
C LEU A 36 -5.42 -3.23 12.35
N LYS A 37 -4.43 -2.91 13.20
CA LYS A 37 -4.05 -1.53 13.53
C LYS A 37 -3.71 -0.64 12.31
N PRO A 38 -2.94 -1.12 11.32
CA PRO A 38 -2.62 -0.31 10.15
C PRO A 38 -3.78 -0.26 9.15
N THR A 39 -4.09 0.94 8.65
CA THR A 39 -5.14 1.17 7.64
C THR A 39 -4.61 1.94 6.43
N PHE A 40 -5.46 2.06 5.40
CA PHE A 40 -5.28 2.88 4.23
C PHE A 40 -6.63 3.50 3.88
N GLU A 41 -6.65 4.77 3.51
CA GLU A 41 -7.82 5.44 2.98
C GLU A 41 -7.50 5.83 1.53
N VAL A 42 -8.32 5.36 0.58
CA VAL A 42 -8.12 5.59 -0.84
C VAL A 42 -9.26 6.49 -1.31
N ALA A 43 -8.93 7.70 -1.76
CA ALA A 43 -9.86 8.67 -2.32
C ALA A 43 -9.47 8.98 -3.75
N ILE A 44 -10.43 8.90 -4.66
CA ILE A 44 -10.27 9.11 -6.11
C ILE A 44 -11.15 10.30 -6.48
N GLU A 45 -10.58 11.49 -6.29
CA GLU A 45 -11.21 12.76 -6.68
C GLU A 45 -11.04 12.99 -8.19
N ASN A 46 -11.94 13.75 -8.81
CA ASN A 46 -11.90 14.13 -10.24
C ASN A 46 -10.84 15.22 -10.55
N ASP A 47 -9.58 14.91 -10.23
CA ASP A 47 -8.36 15.69 -10.54
C ASP A 47 -7.09 14.87 -10.30
N GLN A 48 -7.05 14.10 -9.22
CA GLN A 48 -5.92 13.29 -8.77
C GLN A 48 -6.38 12.20 -7.77
N TYR A 49 -5.50 11.26 -7.46
CA TYR A 49 -5.76 10.22 -6.46
C TYR A 49 -5.04 10.59 -5.15
N ILE A 50 -5.63 10.19 -4.02
CA ILE A 50 -5.17 10.51 -2.67
C ILE A 50 -5.07 9.19 -1.89
N PHE A 51 -3.83 8.79 -1.61
CA PHE A 51 -3.42 7.54 -0.99
C PHE A 51 -3.02 7.83 0.45
N ARG A 52 -4.01 7.85 1.35
CA ARG A 52 -3.76 7.97 2.79
C ARG A 52 -3.16 6.66 3.30
N SER A 53 -1.90 6.70 3.72
CA SER A 53 -1.27 5.59 4.43
C SER A 53 -1.43 5.81 5.93
N LEU A 54 -2.05 4.86 6.64
CA LEU A 54 -2.18 4.85 8.09
C LEU A 54 -1.48 3.60 8.64
N SER A 55 -0.33 3.27 8.04
CA SER A 55 0.50 2.09 8.26
C SER A 55 1.97 2.54 8.27
N THR A 56 2.87 1.71 7.71
CA THR A 56 4.23 2.04 7.30
C THR A 56 5.05 2.76 8.38
N PHE A 57 4.92 2.30 9.63
CA PHE A 57 5.46 2.88 10.90
C PHE A 57 4.77 4.19 11.31
N LYS A 58 4.55 5.08 10.33
CA LYS A 58 4.26 6.50 10.48
C LYS A 58 3.21 6.93 9.45
N ASN A 59 1.99 7.09 9.93
CA ASN A 59 0.82 7.54 9.16
C ASN A 59 1.01 8.92 8.50
N THR A 60 0.47 9.10 7.28
CA THR A 60 0.60 10.29 6.41
C THR A 60 -0.31 10.19 5.18
N GLU A 61 -0.69 11.32 4.58
CA GLU A 61 -1.33 11.34 3.25
C GLU A 61 -0.30 11.50 2.11
N ALA A 62 -0.59 10.89 0.97
CA ALA A 62 0.13 11.06 -0.30
C ALA A 62 -0.90 11.39 -1.40
N LYS A 63 -0.54 12.26 -2.35
CA LYS A 63 -1.42 12.67 -3.45
C LYS A 63 -0.61 12.84 -4.74
N PHE A 64 -0.98 12.07 -5.75
CA PHE A 64 -0.26 11.99 -7.04
C PHE A 64 -1.20 11.62 -8.19
N LYS A 65 -0.70 11.78 -9.42
CA LYS A 65 -1.35 11.34 -10.64
C LYS A 65 -1.25 9.82 -10.81
N LEU A 66 -2.07 9.28 -11.71
CA LEU A 66 -2.09 7.88 -12.12
C LEU A 66 -0.87 7.58 -13.02
N GLY A 67 0.18 6.99 -12.45
CA GLY A 67 1.41 6.57 -13.15
C GLY A 67 2.59 7.55 -13.08
N GLU A 68 2.52 8.61 -12.26
CA GLU A 68 3.65 9.53 -12.04
C GLU A 68 4.61 9.00 -10.96
N GLU A 69 5.72 8.39 -11.40
CA GLU A 69 6.82 7.97 -10.54
C GLU A 69 7.49 9.17 -9.85
N PHE A 70 7.39 9.26 -8.51
CA PHE A 70 7.89 10.35 -7.67
C PHE A 70 8.47 9.83 -6.36
N GLU A 71 9.11 10.70 -5.56
CA GLU A 71 9.64 10.39 -4.23
C GLU A 71 8.86 11.13 -3.13
N GLU A 72 8.93 10.61 -1.89
CA GLU A 72 8.31 11.22 -0.69
C GLU A 72 9.08 10.83 0.57
N ASP A 73 9.70 11.80 1.24
CA ASP A 73 10.42 11.68 2.52
C ASP A 73 9.47 11.63 3.73
N ARG A 74 8.92 10.44 4.01
CA ARG A 74 7.86 10.19 5.03
C ARG A 74 7.80 8.70 5.43
N ALA A 75 6.70 8.22 5.98
CA ALA A 75 6.45 6.79 6.25
C ALA A 75 7.60 6.05 7.00
N ASP A 76 8.20 6.74 7.99
CA ASP A 76 9.35 6.41 8.87
C ASP A 76 10.58 7.30 8.60
N GLY A 77 10.37 8.51 8.05
CA GLY A 77 11.47 9.37 7.57
C GLY A 77 12.31 8.71 6.47
N LYS A 78 11.71 7.84 5.65
CA LYS A 78 12.33 7.13 4.52
C LYS A 78 11.81 7.72 3.20
N ARG A 79 12.45 7.40 2.08
CA ARG A 79 12.06 7.86 0.74
C ARG A 79 12.18 6.74 -0.28
N VAL A 80 11.12 6.62 -1.08
CA VAL A 80 10.93 5.56 -2.07
C VAL A 80 10.24 6.14 -3.28
N LYS A 81 10.39 5.49 -4.44
CA LYS A 81 9.66 5.81 -5.67
C LYS A 81 8.16 5.50 -5.64
N THR A 82 7.42 6.16 -4.76
CA THR A 82 5.95 6.21 -4.73
C THR A 82 5.38 6.45 -6.13
N VAL A 83 4.80 5.40 -6.71
CA VAL A 83 3.99 5.44 -7.93
C VAL A 83 2.76 4.57 -7.72
N ILE A 84 1.63 5.03 -8.23
CA ILE A 84 0.35 4.34 -8.14
C ILE A 84 -0.32 4.46 -9.51
N GLN A 85 -0.78 3.33 -10.04
CA GLN A 85 -1.47 3.27 -11.32
C GLN A 85 -2.56 2.19 -11.31
N LYS A 86 -3.79 2.63 -11.52
CA LYS A 86 -4.96 1.78 -11.75
C LYS A 86 -4.78 1.00 -13.06
N GLU A 87 -5.00 -0.31 -13.00
CA GLU A 87 -4.93 -1.26 -14.12
C GLU A 87 -6.35 -1.79 -14.42
N GLY A 88 -6.95 -1.32 -15.51
CA GLY A 88 -8.32 -1.70 -15.92
C GLY A 88 -9.38 -0.81 -15.27
N ASP A 89 -10.02 -1.30 -14.20
CA ASP A 89 -11.05 -0.58 -13.40
C ASP A 89 -11.27 -1.18 -11.99
N ASN A 90 -10.31 -1.98 -11.51
CA ASN A 90 -10.45 -2.83 -10.30
C ASN A 90 -9.14 -3.29 -9.64
N LYS A 91 -8.06 -3.42 -10.42
CA LYS A 91 -6.70 -3.73 -9.95
C LYS A 91 -5.88 -2.44 -9.93
N PHE A 92 -4.96 -2.32 -8.98
CA PHE A 92 -4.10 -1.14 -8.81
C PHE A 92 -2.71 -1.58 -8.40
N VAL A 93 -1.75 -1.42 -9.31
CA VAL A 93 -0.35 -1.72 -9.01
C VAL A 93 0.31 -0.50 -8.39
N GLN A 94 1.17 -0.76 -7.41
CA GLN A 94 1.95 0.20 -6.62
C GLN A 94 3.41 -0.25 -6.68
N THR A 95 4.25 0.55 -7.29
CA THR A 95 5.70 0.32 -7.24
C THR A 95 6.30 1.29 -6.22
N GLN A 96 7.31 0.85 -5.48
CA GLN A 96 7.98 1.63 -4.44
C GLN A 96 9.44 1.19 -4.31
N PHE A 97 10.39 2.12 -4.40
CA PHE A 97 11.84 1.86 -4.26
C PHE A 97 12.27 1.69 -2.78
N GLY A 98 11.47 1.01 -1.96
CA GLY A 98 11.70 0.88 -0.51
C GLY A 98 13.10 0.32 -0.17
N ASP A 99 13.57 -0.62 -1.01
CA ASP A 99 14.99 -1.04 -1.09
C ASP A 99 15.46 -1.23 -2.54
N LYS A 100 14.65 -1.87 -3.42
CA LYS A 100 15.01 -2.14 -4.83
C LYS A 100 13.91 -1.81 -5.84
N GLU A 101 12.67 -2.23 -5.58
CA GLU A 101 11.43 -2.03 -6.38
C GLU A 101 10.34 -3.01 -5.89
N VAL A 102 9.72 -2.74 -4.73
CA VAL A 102 8.54 -3.50 -4.28
C VAL A 102 7.37 -3.19 -5.21
N LYS A 103 6.74 -4.23 -5.76
CA LYS A 103 5.63 -4.16 -6.73
C LYS A 103 4.39 -4.78 -6.09
N ILE A 104 3.75 -3.99 -5.23
CA ILE A 104 2.43 -4.28 -4.65
C ILE A 104 1.37 -4.22 -5.76
N ILE A 105 0.34 -5.03 -5.61
CA ILE A 105 -0.87 -5.11 -6.42
C ILE A 105 -2.00 -5.24 -5.41
N ARG A 106 -3.12 -4.55 -5.63
CA ARG A 106 -4.36 -4.72 -4.87
C ARG A 106 -5.53 -4.82 -5.84
N GLU A 107 -6.53 -5.63 -5.52
CA GLU A 107 -7.72 -5.83 -6.37
C GLU A 107 -8.99 -5.85 -5.52
N PHE A 108 -9.94 -4.96 -5.85
CA PHE A 108 -11.24 -4.88 -5.20
C PHE A 108 -12.09 -6.12 -5.53
N ASN A 109 -12.66 -6.76 -4.49
CA ASN A 109 -13.60 -7.89 -4.62
C ASN A 109 -15.06 -7.45 -4.31
N GLY A 110 -15.24 -6.64 -3.26
CA GLY A 110 -16.52 -6.01 -2.90
C GLY A 110 -16.69 -5.81 -1.39
N ASP A 111 -16.34 -6.83 -0.61
CA ASP A 111 -16.34 -6.84 0.87
C ASP A 111 -14.92 -6.78 1.46
N GLU A 112 -13.93 -7.21 0.67
CA GLU A 112 -12.50 -7.23 0.98
C GLU A 112 -11.68 -6.95 -0.31
N VAL A 113 -10.35 -6.90 -0.16
CA VAL A 113 -9.34 -6.65 -1.19
C VAL A 113 -8.23 -7.68 -1.05
N VAL A 114 -7.57 -8.06 -2.14
CA VAL A 114 -6.44 -9.02 -2.12
C VAL A 114 -5.15 -8.31 -2.51
N VAL A 115 -4.22 -8.16 -1.57
CA VAL A 115 -2.89 -7.55 -1.79
C VAL A 115 -1.88 -8.64 -2.16
N THR A 116 -1.05 -8.36 -3.16
CA THR A 116 0.00 -9.21 -3.73
C THR A 116 1.25 -8.37 -3.94
N ALA A 117 2.27 -8.53 -3.11
CA ALA A 117 3.57 -7.88 -3.26
C ALA A 117 4.57 -8.80 -3.99
N SER A 118 5.48 -8.20 -4.75
CA SER A 118 6.48 -8.91 -5.57
C SER A 118 7.65 -7.98 -5.90
N CYS A 119 8.70 -7.93 -5.08
CA CYS A 119 9.92 -7.18 -5.37
C CYS A 119 10.96 -8.04 -6.14
N ASP A 120 12.20 -7.54 -6.25
CA ASP A 120 13.41 -8.19 -6.78
C ASP A 120 13.52 -9.72 -6.57
N GLY A 121 13.14 -10.22 -5.39
CA GLY A 121 13.12 -11.64 -5.05
C GLY A 121 12.36 -11.98 -3.78
N VAL A 122 11.27 -11.25 -3.52
CA VAL A 122 10.42 -11.37 -2.32
C VAL A 122 8.97 -11.20 -2.76
N THR A 123 8.13 -12.16 -2.39
CA THR A 123 6.71 -12.23 -2.77
C THR A 123 5.85 -12.42 -1.54
N SER A 124 4.83 -11.58 -1.38
CA SER A 124 4.00 -11.46 -0.17
C SER A 124 2.54 -11.34 -0.56
N VAL A 125 1.65 -11.68 0.38
CA VAL A 125 0.22 -11.77 0.12
C VAL A 125 -0.55 -11.53 1.40
N ARG A 126 -1.51 -10.59 1.34
CA ARG A 126 -2.40 -10.26 2.47
C ARG A 126 -3.77 -9.79 2.00
N THR A 127 -4.83 -10.38 2.56
CA THR A 127 -6.19 -9.85 2.39
C THR A 127 -6.34 -8.56 3.21
N TYR A 128 -7.18 -7.65 2.72
CA TYR A 128 -7.46 -6.33 3.28
C TYR A 128 -8.97 -6.21 3.55
N LYS A 129 -9.35 -5.90 4.80
CA LYS A 129 -10.73 -5.73 5.24
C LYS A 129 -11.22 -4.32 4.91
N ARG A 130 -12.13 -4.18 3.93
CA ARG A 130 -12.79 -2.91 3.58
C ARG A 130 -13.76 -2.47 4.69
N ILE A 131 -13.66 -1.22 5.13
CA ILE A 131 -14.46 -0.55 6.18
C ILE A 131 -14.69 0.94 5.82
N MET A 1 -18.66 -1.04 -4.47
CA MET A 1 -17.52 -1.05 -5.41
C MET A 1 -17.42 0.23 -6.25
N ALA A 2 -18.53 0.83 -6.70
CA ALA A 2 -18.63 1.98 -7.62
C ALA A 2 -18.03 3.35 -7.14
N SER A 3 -16.83 3.30 -6.58
CA SER A 3 -16.11 4.40 -5.93
C SER A 3 -14.65 4.03 -5.66
N ILE A 4 -14.37 2.73 -5.49
CA ILE A 4 -13.09 2.11 -5.11
C ILE A 4 -12.36 2.84 -3.95
N GLU A 5 -13.13 3.45 -3.05
CA GLU A 5 -12.62 4.33 -2.00
C GLU A 5 -13.06 3.87 -0.60
N GLY A 6 -12.44 4.43 0.43
CA GLY A 6 -12.67 4.04 1.83
C GLY A 6 -11.38 3.77 2.61
N LYS A 7 -11.52 3.27 3.85
CA LYS A 7 -10.39 2.81 4.68
C LYS A 7 -10.18 1.31 4.49
N TYR A 8 -8.92 0.86 4.37
CA TYR A 8 -8.57 -0.56 4.16
C TYR A 8 -7.48 -1.00 5.16
N LYS A 9 -7.86 -1.69 6.24
CA LYS A 9 -6.98 -2.22 7.32
C LYS A 9 -6.33 -3.56 6.92
N LEU A 10 -5.25 -3.99 7.58
CA LEU A 10 -4.65 -5.33 7.37
C LEU A 10 -5.62 -6.51 7.65
N GLU A 11 -5.53 -7.57 6.85
CA GLU A 11 -6.21 -8.85 7.03
C GLU A 11 -5.38 -9.98 6.39
N LYS A 12 -5.65 -11.25 6.76
CA LYS A 12 -4.95 -12.47 6.29
C LYS A 12 -3.43 -12.26 6.09
N SER A 13 -2.72 -11.71 7.07
CA SER A 13 -1.29 -11.41 6.95
C SER A 13 -0.47 -12.67 6.64
N GLU A 14 0.42 -12.59 5.64
CA GLU A 14 1.33 -13.67 5.29
C GLU A 14 2.50 -13.14 4.49
N LYS A 15 3.69 -13.70 4.75
CA LYS A 15 4.99 -13.19 4.25
C LYS A 15 5.23 -11.69 4.52
N PHE A 16 4.55 -11.13 5.53
CA PHE A 16 4.78 -9.77 6.03
C PHE A 16 6.23 -9.58 6.51
N ASP A 17 6.79 -10.51 7.29
CA ASP A 17 8.17 -10.41 7.77
C ASP A 17 9.19 -10.33 6.61
N GLU A 18 8.86 -10.90 5.45
CA GLU A 18 9.68 -10.81 4.24
C GLU A 18 9.47 -9.45 3.52
N PHE A 19 8.22 -9.01 3.33
CA PHE A 19 7.87 -7.73 2.69
C PHE A 19 8.34 -6.52 3.50
N LEU A 20 8.24 -6.57 4.84
CA LEU A 20 8.65 -5.50 5.73
C LEU A 20 10.14 -5.15 5.59
N ASP A 21 10.98 -6.08 5.09
CA ASP A 21 12.35 -5.80 4.66
C ASP A 21 12.44 -4.80 3.49
N LYS A 22 11.45 -4.78 2.59
CA LYS A 22 11.33 -3.82 1.48
C LYS A 22 10.58 -2.54 1.89
N LEU A 23 9.57 -2.64 2.75
CA LEU A 23 8.77 -1.49 3.22
C LEU A 23 9.58 -0.54 4.13
N GLY A 24 10.52 -1.08 4.92
CA GLY A 24 11.48 -0.30 5.72
C GLY A 24 11.01 -0.04 7.16
N VAL A 25 9.79 -0.46 7.49
CA VAL A 25 9.22 -0.47 8.84
C VAL A 25 9.94 -1.46 9.79
N GLY A 26 9.49 -1.51 11.06
CA GLY A 26 10.00 -2.41 12.10
C GLY A 26 8.90 -3.25 12.77
N PHE A 27 9.18 -3.75 13.97
CA PHE A 27 8.30 -4.63 14.75
C PHE A 27 6.89 -4.06 14.94
N MET A 28 6.74 -2.73 14.98
CA MET A 28 5.44 -2.03 15.06
C MET A 28 4.45 -2.40 13.95
N VAL A 29 4.94 -2.82 12.77
CA VAL A 29 4.08 -3.26 11.65
C VAL A 29 4.16 -4.78 11.47
N LYS A 30 5.25 -5.44 11.91
CA LYS A 30 5.31 -6.90 12.05
C LYS A 30 4.26 -7.42 13.05
N THR A 31 4.01 -6.73 14.17
CA THR A 31 2.94 -7.13 15.10
C THR A 31 1.57 -6.78 14.55
N ALA A 32 1.46 -5.74 13.73
CA ALA A 32 0.23 -5.40 13.04
C ALA A 32 -0.21 -6.47 12.01
N ALA A 33 0.70 -7.38 11.61
CA ALA A 33 0.34 -8.63 10.94
C ALA A 33 -0.73 -9.42 11.71
N LYS A 34 -0.71 -9.34 13.04
CA LYS A 34 -1.61 -10.09 13.94
C LYS A 34 -2.65 -9.19 14.63
N THR A 35 -2.74 -7.89 14.28
CA THR A 35 -3.79 -6.96 14.76
C THR A 35 -3.97 -5.72 13.86
N LEU A 36 -5.21 -5.35 13.52
CA LEU A 36 -5.53 -4.28 12.56
C LEU A 36 -4.90 -2.94 12.99
N LYS A 37 -4.09 -2.34 12.11
CA LYS A 37 -3.37 -1.05 12.35
C LYS A 37 -2.99 -0.34 11.05
N PRO A 38 -2.29 -1.01 10.10
CA PRO A 38 -1.83 -0.38 8.88
C PRO A 38 -3.00 -0.23 7.91
N THR A 39 -3.57 0.97 7.90
CA THR A 39 -4.79 1.29 7.14
C THR A 39 -4.48 2.26 6.01
N PHE A 40 -5.32 2.24 4.97
CA PHE A 40 -5.14 3.08 3.78
C PHE A 40 -6.45 3.79 3.44
N GLU A 41 -6.49 5.13 3.48
CA GLU A 41 -7.65 5.94 3.09
C GLU A 41 -7.51 6.30 1.60
N VAL A 42 -8.08 5.45 0.74
CA VAL A 42 -8.19 5.74 -0.69
C VAL A 42 -9.39 6.68 -0.89
N ALA A 43 -9.19 7.75 -1.67
CA ALA A 43 -10.26 8.64 -2.13
C ALA A 43 -10.02 9.03 -3.60
N ILE A 44 -10.99 8.79 -4.48
CA ILE A 44 -10.87 9.00 -5.93
C ILE A 44 -11.77 10.16 -6.33
N GLU A 45 -11.14 11.30 -6.61
CA GLU A 45 -11.79 12.58 -6.90
C GLU A 45 -11.81 12.83 -8.42
N ASN A 46 -12.75 12.15 -9.10
CA ASN A 46 -12.88 12.00 -10.57
C ASN A 46 -11.69 11.36 -11.27
N ASP A 47 -10.53 12.02 -11.24
CA ASP A 47 -9.30 11.55 -11.91
C ASP A 47 -8.07 11.62 -11.01
N GLN A 48 -8.00 12.62 -10.12
CA GLN A 48 -6.97 12.70 -9.09
C GLN A 48 -7.31 11.75 -7.95
N TYR A 49 -6.46 10.74 -7.70
CA TYR A 49 -6.53 9.93 -6.48
C TYR A 49 -5.84 10.60 -5.30
N ILE A 50 -6.26 10.20 -4.10
CA ILE A 50 -5.63 10.48 -2.82
C ILE A 50 -5.39 9.12 -2.16
N PHE A 51 -4.12 8.81 -1.96
CA PHE A 51 -3.62 7.56 -1.41
C PHE A 51 -3.05 7.82 -0.01
N ARG A 52 -3.94 7.95 0.98
CA ARG A 52 -3.56 8.21 2.38
C ARG A 52 -3.05 6.92 3.02
N SER A 53 -1.79 6.90 3.43
CA SER A 53 -1.22 5.81 4.20
C SER A 53 -1.13 6.21 5.67
N LEU A 54 -2.08 5.76 6.47
CA LEU A 54 -2.08 5.93 7.94
C LEU A 54 -1.44 4.72 8.63
N SER A 55 -0.40 4.16 7.97
CA SER A 55 0.34 2.98 8.40
C SER A 55 1.84 3.28 8.53
N THR A 56 2.69 2.38 8.03
CA THR A 56 4.15 2.54 7.83
C THR A 56 4.94 3.15 9.01
N PHE A 57 4.46 2.97 10.25
CA PHE A 57 4.97 3.65 11.46
C PHE A 57 5.04 5.19 11.32
N LYS A 58 4.30 5.77 10.36
CA LYS A 58 4.19 7.21 10.09
C LYS A 58 3.01 7.50 9.16
N ASN A 59 1.95 8.11 9.70
CA ASN A 59 0.82 8.58 8.89
C ASN A 59 1.24 9.67 7.88
N THR A 60 0.83 9.54 6.61
CA THR A 60 1.21 10.44 5.50
C THR A 60 0.15 10.43 4.40
N GLU A 61 -0.14 11.58 3.78
CA GLU A 61 -1.08 11.68 2.66
C GLU A 61 -0.37 11.91 1.31
N ALA A 62 -0.73 11.11 0.29
CA ALA A 62 -0.25 11.25 -1.08
C ALA A 62 -1.42 11.57 -2.02
N LYS A 63 -1.23 12.46 -2.99
CA LYS A 63 -2.31 12.88 -3.90
C LYS A 63 -1.75 13.36 -5.24
N PHE A 64 -2.11 12.68 -6.32
CA PHE A 64 -1.52 12.90 -7.65
C PHE A 64 -2.49 12.54 -8.80
N LYS A 65 -2.05 12.77 -10.04
CA LYS A 65 -2.79 12.44 -11.28
C LYS A 65 -2.96 10.92 -11.48
N LEU A 66 -2.15 10.28 -12.34
CA LEU A 66 -2.15 8.83 -12.56
C LEU A 66 -0.82 8.44 -13.21
N GLY A 67 0.05 7.73 -12.46
CA GLY A 67 1.40 7.36 -12.91
C GLY A 67 2.50 8.38 -12.56
N GLU A 68 2.20 9.36 -11.69
CA GLU A 68 3.17 10.34 -11.19
C GLU A 68 4.35 9.59 -10.53
N GLU A 69 5.58 9.75 -11.06
CA GLU A 69 6.78 9.03 -10.61
C GLU A 69 7.87 10.01 -10.15
N PHE A 70 8.13 10.02 -8.84
CA PHE A 70 9.07 10.93 -8.16
C PHE A 70 9.81 10.23 -7.03
N GLU A 71 10.67 10.94 -6.28
CA GLU A 71 11.34 10.44 -5.08
C GLU A 71 11.36 11.52 -3.99
N GLU A 72 10.80 11.22 -2.82
CA GLU A 72 10.66 12.15 -1.69
C GLU A 72 10.47 11.40 -0.36
N ASP A 73 10.64 12.08 0.77
CA ASP A 73 10.52 11.45 2.09
C ASP A 73 9.09 10.93 2.38
N ARG A 74 8.98 9.68 2.84
CA ARG A 74 7.73 8.94 3.06
C ARG A 74 7.94 7.73 3.98
N ALA A 75 6.87 6.97 4.26
CA ALA A 75 6.86 5.92 5.28
C ALA A 75 7.50 6.43 6.60
N ASP A 76 8.04 5.51 7.42
CA ASP A 76 8.68 5.81 8.71
C ASP A 76 9.62 7.04 8.67
N GLY A 77 10.46 7.12 7.64
CA GLY A 77 11.38 8.24 7.44
C GLY A 77 12.42 7.95 6.37
N LYS A 78 11.97 7.53 5.18
CA LYS A 78 12.84 7.04 4.09
C LYS A 78 12.49 7.73 2.77
N ARG A 79 13.48 8.00 1.92
CA ARG A 79 13.28 8.77 0.66
C ARG A 79 13.62 7.91 -0.54
N VAL A 80 12.59 7.48 -1.26
CA VAL A 80 12.67 6.48 -2.33
C VAL A 80 11.68 6.80 -3.44
N LYS A 81 11.81 6.14 -4.61
CA LYS A 81 10.82 6.26 -5.68
C LYS A 81 9.40 6.04 -5.15
N THR A 82 8.44 6.79 -5.67
CA THR A 82 7.01 6.69 -5.40
C THR A 82 6.27 6.87 -6.72
N VAL A 83 5.64 5.78 -7.18
CA VAL A 83 4.77 5.78 -8.36
C VAL A 83 3.60 4.86 -8.09
N ILE A 84 2.38 5.35 -8.36
CA ILE A 84 1.13 4.63 -8.14
C ILE A 84 0.22 4.83 -9.37
N GLN A 85 -0.44 3.75 -9.80
CA GLN A 85 -1.29 3.69 -10.97
C GLN A 85 -2.47 2.72 -10.77
N LYS A 86 -3.60 2.98 -11.43
CA LYS A 86 -4.87 2.26 -11.26
C LYS A 86 -5.31 1.62 -12.58
N GLU A 87 -5.70 0.35 -12.52
CA GLU A 87 -6.09 -0.47 -13.66
C GLU A 87 -7.62 -0.63 -13.63
N GLY A 88 -8.31 0.11 -14.52
CA GLY A 88 -9.76 0.03 -14.75
C GLY A 88 -10.62 0.10 -13.50
N ASP A 89 -10.26 0.97 -12.54
CA ASP A 89 -10.88 1.04 -11.22
C ASP A 89 -11.18 -0.34 -10.62
N ASN A 90 -10.10 -1.11 -10.44
CA ASN A 90 -10.13 -2.44 -9.81
C ASN A 90 -8.79 -2.84 -9.16
N LYS A 91 -7.65 -2.61 -9.86
CA LYS A 91 -6.29 -2.93 -9.40
C LYS A 91 -5.46 -1.65 -9.21
N PHE A 92 -4.51 -1.66 -8.28
CA PHE A 92 -3.63 -0.56 -7.93
C PHE A 92 -2.18 -1.06 -7.88
N VAL A 93 -1.43 -0.88 -8.96
CA VAL A 93 0.01 -1.15 -8.96
C VAL A 93 0.73 0.09 -8.42
N GLN A 94 1.60 -0.11 -7.44
CA GLN A 94 2.47 0.93 -6.90
C GLN A 94 3.87 0.37 -6.71
N THR A 95 4.87 1.06 -7.25
CA THR A 95 6.27 0.63 -7.25
C THR A 95 7.13 1.68 -6.58
N GLN A 96 8.03 1.26 -5.69
CA GLN A 96 8.85 2.16 -4.88
C GLN A 96 10.29 1.64 -4.81
N PHE A 97 11.29 2.48 -4.58
CA PHE A 97 12.70 2.05 -4.46
C PHE A 97 13.06 1.67 -3.02
N GLY A 98 12.05 1.24 -2.24
CA GLY A 98 12.07 1.02 -0.79
C GLY A 98 13.39 0.51 -0.21
N ASP A 99 13.90 -0.59 -0.78
CA ASP A 99 15.27 -1.06 -0.60
C ASP A 99 16.05 -1.13 -1.94
N LYS A 100 15.34 -1.12 -3.08
CA LYS A 100 15.87 -1.14 -4.46
C LYS A 100 14.78 -1.16 -5.54
N GLU A 101 13.62 -1.75 -5.26
CA GLU A 101 12.46 -1.92 -6.16
C GLU A 101 11.42 -2.86 -5.50
N VAL A 102 10.33 -2.34 -4.94
CA VAL A 102 9.20 -3.12 -4.39
C VAL A 102 7.97 -2.85 -5.26
N LYS A 103 7.21 -3.89 -5.64
CA LYS A 103 6.01 -3.79 -6.50
C LYS A 103 4.81 -4.31 -5.72
N ILE A 104 4.08 -3.39 -5.09
CA ILE A 104 2.78 -3.69 -4.47
C ILE A 104 1.71 -3.65 -5.56
N ILE A 105 0.85 -4.66 -5.53
CA ILE A 105 -0.44 -4.71 -6.22
C ILE A 105 -1.50 -4.74 -5.12
N ARG A 106 -2.57 -3.96 -5.24
CA ARG A 106 -3.77 -4.02 -4.40
C ARG A 106 -4.98 -4.16 -5.31
N GLU A 107 -5.88 -5.10 -5.11
CA GLU A 107 -7.06 -5.29 -5.99
C GLU A 107 -8.35 -5.42 -5.17
N PHE A 108 -9.42 -4.73 -5.56
CA PHE A 108 -10.66 -4.63 -4.80
C PHE A 108 -11.70 -5.70 -5.21
N ASN A 109 -11.97 -6.66 -4.33
CA ASN A 109 -12.99 -7.70 -4.54
C ASN A 109 -14.42 -7.18 -4.30
N GLY A 110 -14.62 -6.32 -3.30
CA GLY A 110 -15.89 -5.63 -3.05
C GLY A 110 -16.21 -5.43 -1.57
N ASP A 111 -15.96 -6.45 -0.76
CA ASP A 111 -16.02 -6.40 0.71
C ASP A 111 -14.60 -6.31 1.33
N GLU A 112 -13.57 -6.64 0.56
CA GLU A 112 -12.16 -6.59 0.96
C GLU A 112 -11.26 -6.31 -0.26
N VAL A 113 -9.95 -6.10 -0.03
CA VAL A 113 -8.91 -5.99 -1.05
C VAL A 113 -7.90 -7.12 -0.91
N VAL A 114 -7.25 -7.55 -1.99
CA VAL A 114 -6.07 -8.43 -1.94
C VAL A 114 -4.80 -7.62 -2.22
N VAL A 115 -3.72 -7.89 -1.49
CA VAL A 115 -2.41 -7.24 -1.65
C VAL A 115 -1.37 -8.29 -2.07
N THR A 116 -0.47 -7.88 -2.97
CA THR A 116 0.63 -8.69 -3.52
C THR A 116 1.87 -7.80 -3.55
N ALA A 117 2.73 -7.91 -2.54
CA ALA A 117 3.99 -7.17 -2.53
C ALA A 117 5.12 -8.04 -3.10
N SER A 118 5.29 -7.96 -4.41
CA SER A 118 6.31 -8.71 -5.16
C SER A 118 7.58 -7.89 -5.40
N CYS A 119 8.74 -8.51 -5.22
CA CYS A 119 10.05 -7.84 -5.21
C CYS A 119 11.14 -8.80 -5.75
N ASP A 120 12.39 -8.67 -5.27
CA ASP A 120 13.57 -9.43 -5.71
C ASP A 120 13.64 -10.78 -4.98
N GLY A 121 12.61 -11.61 -5.18
CA GLY A 121 12.44 -12.91 -4.49
C GLY A 121 11.61 -12.84 -3.21
N VAL A 122 11.23 -11.62 -2.79
CA VAL A 122 10.21 -11.37 -1.76
C VAL A 122 8.85 -11.31 -2.44
N THR A 123 7.88 -12.11 -2.00
CA THR A 123 6.51 -12.10 -2.53
C THR A 123 5.50 -12.28 -1.41
N SER A 124 4.99 -11.17 -0.90
CA SER A 124 3.96 -11.18 0.13
C SER A 124 2.57 -11.34 -0.48
N VAL A 125 1.64 -11.82 0.36
CA VAL A 125 0.20 -11.91 0.06
C VAL A 125 -0.61 -11.69 1.34
N ARG A 126 -1.44 -10.65 1.38
CA ARG A 126 -2.35 -10.36 2.50
C ARG A 126 -3.70 -9.84 1.99
N THR A 127 -4.76 -9.97 2.78
CA THR A 127 -6.07 -9.37 2.49
C THR A 127 -6.17 -8.00 3.17
N TYR A 128 -7.20 -7.20 2.87
CA TYR A 128 -7.36 -5.85 3.40
C TYR A 128 -8.85 -5.59 3.70
N LYS A 129 -9.19 -5.39 4.97
CA LYS A 129 -10.54 -5.14 5.48
C LYS A 129 -11.02 -3.73 5.12
N ARG A 130 -11.86 -3.63 4.08
CA ARG A 130 -12.53 -2.39 3.64
C ARG A 130 -13.60 -1.96 4.65
N ILE A 131 -13.43 -0.80 5.30
CA ILE A 131 -14.39 -0.19 6.26
C ILE A 131 -14.33 1.36 6.08
N MET A 1 -18.63 1.15 -6.10
CA MET A 1 -17.48 0.82 -6.98
C MET A 1 -16.94 2.03 -7.75
N ALA A 2 -17.77 2.90 -8.35
CA ALA A 2 -17.39 4.11 -9.11
C ALA A 2 -16.74 5.25 -8.28
N SER A 3 -15.80 4.89 -7.39
CA SER A 3 -15.08 5.76 -6.45
C SER A 3 -13.91 5.02 -5.79
N ILE A 4 -13.97 3.68 -5.69
CA ILE A 4 -13.06 2.77 -4.96
C ILE A 4 -12.49 3.33 -3.63
N GLU A 5 -13.29 4.10 -2.90
CA GLU A 5 -12.82 4.89 -1.76
C GLU A 5 -13.22 4.29 -0.41
N GLY A 6 -12.49 4.64 0.64
CA GLY A 6 -12.67 4.11 1.99
C GLY A 6 -11.33 3.85 2.70
N LYS A 7 -11.38 3.16 3.84
CA LYS A 7 -10.21 2.80 4.66
C LYS A 7 -10.11 1.27 4.76
N TYR A 8 -9.00 0.71 4.31
CA TYR A 8 -8.78 -0.73 4.21
C TYR A 8 -7.63 -1.14 5.14
N LYS A 9 -7.95 -1.72 6.32
CA LYS A 9 -6.93 -2.21 7.27
C LYS A 9 -6.21 -3.46 6.73
N LEU A 10 -4.93 -3.63 7.07
CA LEU A 10 -4.24 -4.90 6.80
C LEU A 10 -4.86 -6.10 7.53
N GLU A 11 -4.83 -7.25 6.89
CA GLU A 11 -5.41 -8.52 7.33
C GLU A 11 -4.61 -9.67 6.68
N LYS A 12 -4.98 -10.92 6.96
CA LYS A 12 -4.27 -12.18 6.68
C LYS A 12 -2.89 -12.28 7.36
N SER A 13 -1.98 -11.37 7.01
CA SER A 13 -0.60 -11.27 7.48
C SER A 13 0.22 -12.58 7.30
N GLU A 14 1.03 -12.61 6.24
CA GLU A 14 1.90 -13.74 5.89
C GLU A 14 3.09 -13.23 5.07
N LYS A 15 4.31 -13.68 5.43
CA LYS A 15 5.61 -13.13 4.96
C LYS A 15 5.82 -11.63 5.19
N PHE A 16 5.00 -10.96 5.98
CA PHE A 16 5.14 -9.54 6.32
C PHE A 16 6.55 -9.20 6.85
N ASP A 17 7.11 -9.94 7.79
CA ASP A 17 8.44 -9.69 8.36
C ASP A 17 9.55 -9.71 7.29
N GLU A 18 9.38 -10.53 6.24
CA GLU A 18 10.27 -10.62 5.09
C GLU A 18 10.03 -9.50 4.05
N PHE A 19 8.76 -9.15 3.80
CA PHE A 19 8.36 -8.06 2.89
C PHE A 19 8.63 -6.66 3.43
N LEU A 20 8.40 -6.43 4.72
CA LEU A 20 8.63 -5.14 5.39
C LEU A 20 10.10 -4.74 5.36
N ASP A 21 11.01 -5.72 5.25
CA ASP A 21 12.43 -5.52 4.93
C ASP A 21 12.63 -4.62 3.71
N LYS A 22 11.74 -4.73 2.70
CA LYS A 22 11.72 -3.97 1.45
C LYS A 22 10.82 -2.73 1.51
N LEU A 23 9.70 -2.80 2.24
CA LEU A 23 8.82 -1.65 2.52
C LEU A 23 9.52 -0.55 3.35
N GLY A 24 10.63 -0.90 4.02
CA GLY A 24 11.48 -0.01 4.81
C GLY A 24 11.21 -0.09 6.31
N VAL A 25 10.11 -0.74 6.67
CA VAL A 25 9.54 -0.80 8.02
C VAL A 25 9.78 -2.20 8.65
N GLY A 26 8.94 -2.66 9.58
CA GLY A 26 9.14 -3.94 10.30
C GLY A 26 8.86 -3.85 11.80
N PHE A 27 8.50 -2.67 12.29
CA PHE A 27 8.19 -2.40 13.69
C PHE A 27 6.67 -2.44 13.91
N MET A 28 5.96 -1.32 13.74
CA MET A 28 4.51 -1.22 13.93
C MET A 28 3.72 -2.09 12.94
N VAL A 29 4.27 -2.34 11.74
CA VAL A 29 3.60 -3.19 10.74
C VAL A 29 3.73 -4.68 11.10
N LYS A 30 4.79 -5.12 11.80
CA LYS A 30 4.88 -6.47 12.40
C LYS A 30 3.88 -6.64 13.55
N THR A 31 3.79 -5.68 14.47
CA THR A 31 2.82 -5.78 15.58
C THR A 31 1.39 -5.74 15.07
N ALA A 32 1.11 -4.95 14.04
CA ALA A 32 -0.14 -4.95 13.30
C ALA A 32 -0.40 -6.23 12.49
N ALA A 33 0.63 -6.90 11.99
CA ALA A 33 0.48 -8.17 11.31
C ALA A 33 -0.20 -9.21 12.23
N LYS A 34 0.10 -9.20 13.53
CA LYS A 34 -0.61 -9.96 14.56
C LYS A 34 -2.06 -9.49 14.81
N THR A 35 -2.39 -8.22 14.56
CA THR A 35 -3.74 -7.65 14.81
C THR A 35 -4.05 -6.39 13.97
N LEU A 36 -5.12 -6.41 13.18
CA LEU A 36 -5.53 -5.29 12.31
C LEU A 36 -5.57 -3.94 13.05
N LYS A 37 -5.17 -2.86 12.36
CA LYS A 37 -5.11 -1.46 12.87
C LYS A 37 -4.66 -0.44 11.80
N PRO A 38 -3.52 -0.65 11.13
CA PRO A 38 -3.06 0.27 10.10
C PRO A 38 -3.82 0.09 8.79
N THR A 39 -4.21 1.20 8.19
CA THR A 39 -5.16 1.26 7.07
C THR A 39 -4.73 2.31 6.04
N PHE A 40 -5.35 2.32 4.87
CA PHE A 40 -5.01 3.19 3.75
C PHE A 40 -6.29 3.86 3.27
N GLU A 41 -6.44 5.15 3.55
CA GLU A 41 -7.49 5.96 2.92
C GLU A 41 -7.15 6.15 1.45
N VAL A 42 -7.93 5.50 0.60
CA VAL A 42 -7.97 5.75 -0.83
C VAL A 42 -9.12 6.71 -1.11
N ALA A 43 -8.85 7.78 -1.85
CA ALA A 43 -9.87 8.72 -2.33
C ALA A 43 -9.54 9.15 -3.77
N ILE A 44 -10.55 9.06 -4.63
CA ILE A 44 -10.43 9.26 -6.07
C ILE A 44 -11.42 10.37 -6.45
N GLU A 45 -10.90 11.60 -6.54
CA GLU A 45 -11.64 12.83 -6.88
C GLU A 45 -11.97 12.92 -8.38
N ASN A 46 -12.32 11.78 -8.99
CA ASN A 46 -12.59 11.59 -10.42
C ASN A 46 -11.40 11.99 -11.36
N ASP A 47 -10.21 12.20 -10.80
CA ASP A 47 -8.99 12.68 -11.46
C ASP A 47 -7.81 12.73 -10.46
N GLN A 48 -7.96 13.56 -9.41
CA GLN A 48 -6.97 13.63 -8.33
C GLN A 48 -7.06 12.40 -7.44
N TYR A 49 -5.93 11.71 -7.27
CA TYR A 49 -5.78 10.51 -6.46
C TYR A 49 -5.13 10.89 -5.12
N ILE A 50 -5.72 10.45 -4.02
CA ILE A 50 -5.18 10.66 -2.68
C ILE A 50 -4.95 9.29 -2.06
N PHE A 51 -3.67 8.97 -1.84
CA PHE A 51 -3.17 7.68 -1.37
C PHE A 51 -2.56 7.86 0.00
N ARG A 52 -3.44 7.86 1.00
CA ARG A 52 -3.08 7.92 2.42
C ARG A 52 -2.63 6.54 2.89
N SER A 53 -1.64 6.51 3.77
CA SER A 53 -1.05 5.29 4.34
C SER A 53 -0.91 5.44 5.84
N LEU A 54 -1.95 5.10 6.60
CA LEU A 54 -1.97 5.09 8.07
C LEU A 54 -1.30 3.82 8.64
N SER A 55 -0.17 3.43 8.05
CA SER A 55 0.55 2.18 8.32
C SER A 55 2.02 2.47 8.58
N THR A 56 2.93 1.65 8.05
CA THR A 56 4.32 1.99 7.74
C THR A 56 5.04 2.74 8.87
N PHE A 57 5.00 2.19 10.08
CA PHE A 57 5.43 2.79 11.36
C PHE A 57 4.67 4.06 11.79
N LYS A 58 4.48 5.03 10.89
CA LYS A 58 3.70 6.24 11.11
C LYS A 58 2.81 6.56 9.90
N ASN A 59 1.66 7.19 10.15
CA ASN A 59 0.77 7.63 9.08
C ASN A 59 1.42 8.69 8.16
N THR A 60 1.04 8.68 6.88
CA THR A 60 1.45 9.68 5.89
C THR A 60 0.34 9.92 4.87
N GLU A 61 -0.01 11.17 4.63
CA GLU A 61 -0.87 11.56 3.50
C GLU A 61 -0.03 11.93 2.27
N ALA A 62 -0.48 11.46 1.10
CA ALA A 62 0.10 11.78 -0.20
C ALA A 62 -1.02 11.99 -1.22
N LYS A 63 -0.91 13.04 -2.04
CA LYS A 63 -1.93 13.41 -3.03
C LYS A 63 -1.27 13.76 -4.37
N PHE A 64 -1.70 13.08 -5.43
CA PHE A 64 -1.06 13.09 -6.74
C PHE A 64 -2.06 12.77 -7.87
N LYS A 65 -1.59 12.74 -9.12
CA LYS A 65 -2.34 12.23 -10.28
C LYS A 65 -2.24 10.69 -10.35
N LEU A 66 -2.93 10.09 -11.30
CA LEU A 66 -2.82 8.67 -11.66
C LEU A 66 -1.44 8.34 -12.24
N GLY A 67 -0.79 7.28 -11.72
CA GLY A 67 0.48 6.76 -12.25
C GLY A 67 1.68 7.69 -12.07
N GLU A 68 1.57 8.66 -11.17
CA GLU A 68 2.62 9.61 -10.82
C GLU A 68 3.84 8.91 -10.23
N GLU A 69 4.96 8.91 -10.97
CA GLU A 69 6.25 8.41 -10.49
C GLU A 69 7.12 9.56 -9.97
N PHE A 70 7.37 9.55 -8.67
CA PHE A 70 8.20 10.53 -7.95
C PHE A 70 9.09 9.85 -6.91
N GLU A 71 9.99 10.59 -6.26
CA GLU A 71 10.83 10.12 -5.16
C GLU A 71 10.90 11.21 -4.07
N GLU A 72 10.17 11.01 -2.97
CA GLU A 72 10.07 11.97 -1.84
C GLU A 72 9.68 11.26 -0.55
N ASP A 73 9.80 11.96 0.59
CA ASP A 73 9.52 11.43 1.93
C ASP A 73 8.13 10.78 2.07
N ARG A 74 8.11 9.47 2.32
CA ARG A 74 6.91 8.64 2.44
C ARG A 74 7.14 7.53 3.47
N ALA A 75 6.17 6.62 3.63
CA ALA A 75 6.18 5.55 4.62
C ALA A 75 6.57 6.03 6.03
N ASP A 76 7.48 5.31 6.71
CA ASP A 76 7.99 5.64 8.04
C ASP A 76 8.74 6.97 8.15
N GLY A 77 9.14 7.56 7.01
CA GLY A 77 10.01 8.74 6.94
C GLY A 77 11.22 8.51 6.03
N LYS A 78 11.00 7.78 4.93
CA LYS A 78 12.04 7.43 3.94
C LYS A 78 11.66 7.98 2.58
N ARG A 79 12.55 8.80 2.00
CA ARG A 79 12.37 9.34 0.64
C ARG A 79 12.82 8.31 -0.39
N VAL A 80 11.86 7.74 -1.13
CA VAL A 80 12.12 6.71 -2.13
C VAL A 80 11.08 6.75 -3.24
N LYS A 81 11.32 6.06 -4.36
CA LYS A 81 10.38 6.01 -5.49
C LYS A 81 8.98 5.61 -5.04
N THR A 82 8.00 6.24 -5.62
CA THR A 82 6.58 6.06 -5.36
C THR A 82 5.84 6.25 -6.68
N VAL A 83 5.28 5.16 -7.21
CA VAL A 83 4.48 5.11 -8.44
C VAL A 83 3.30 4.18 -8.21
N ILE A 84 2.09 4.73 -8.20
CA ILE A 84 0.84 3.99 -7.97
C ILE A 84 -0.15 4.32 -9.07
N GLN A 85 -0.68 3.28 -9.72
CA GLN A 85 -1.60 3.40 -10.86
C GLN A 85 -2.73 2.37 -10.77
N LYS A 86 -3.86 2.74 -11.39
CA LYS A 86 -5.16 2.07 -11.33
C LYS A 86 -5.58 1.57 -12.71
N GLU A 87 -5.88 0.28 -12.79
CA GLU A 87 -6.46 -0.40 -13.94
C GLU A 87 -7.98 -0.51 -13.77
N GLY A 88 -8.74 0.20 -14.62
CA GLY A 88 -10.20 0.09 -14.74
C GLY A 88 -11.01 0.08 -13.44
N ASP A 89 -10.56 0.82 -12.41
CA ASP A 89 -11.18 0.90 -11.08
C ASP A 89 -11.30 -0.48 -10.39
N ASN A 90 -10.29 -1.35 -10.59
CA ASN A 90 -10.26 -2.73 -10.08
C ASN A 90 -8.90 -3.12 -9.46
N LYS A 91 -7.79 -2.86 -10.15
CA LYS A 91 -6.42 -3.24 -9.72
C LYS A 91 -5.54 -2.01 -9.58
N PHE A 92 -4.68 -1.98 -8.54
CA PHE A 92 -3.84 -0.85 -8.16
C PHE A 92 -2.42 -1.38 -7.92
N VAL A 93 -1.54 -1.27 -8.91
CA VAL A 93 -0.12 -1.58 -8.69
C VAL A 93 0.60 -0.38 -8.08
N GLN A 94 1.49 -0.64 -7.13
CA GLN A 94 2.37 0.33 -6.51
C GLN A 94 3.80 -0.22 -6.50
N THR A 95 4.76 0.55 -7.02
CA THR A 95 6.18 0.15 -7.05
C THR A 95 7.04 1.23 -6.37
N GLN A 96 8.05 0.80 -5.62
CA GLN A 96 8.92 1.68 -4.84
C GLN A 96 10.37 1.16 -4.85
N PHE A 97 11.34 2.06 -4.68
CA PHE A 97 12.78 1.73 -4.69
C PHE A 97 13.35 1.33 -3.32
N GLY A 98 12.47 1.10 -2.33
CA GLY A 98 12.76 0.96 -0.89
C GLY A 98 14.13 0.39 -0.51
N ASP A 99 14.44 -0.80 -1.04
CA ASP A 99 15.79 -1.38 -1.03
C ASP A 99 16.37 -1.49 -2.46
N LYS A 100 15.54 -1.89 -3.44
CA LYS A 100 15.91 -1.99 -4.85
C LYS A 100 14.72 -1.74 -5.78
N GLU A 101 13.65 -2.53 -5.65
CA GLU A 101 12.39 -2.43 -6.42
C GLU A 101 11.34 -3.41 -5.85
N VAL A 102 10.48 -2.94 -4.93
CA VAL A 102 9.32 -3.71 -4.46
C VAL A 102 8.12 -3.40 -5.36
N LYS A 103 7.63 -4.41 -6.10
CA LYS A 103 6.38 -4.31 -6.87
C LYS A 103 5.25 -4.87 -6.03
N ILE A 104 4.15 -4.15 -5.87
CA ILE A 104 2.98 -4.59 -5.11
C ILE A 104 1.73 -4.36 -5.94
N ILE A 105 0.75 -5.24 -5.81
CA ILE A 105 -0.53 -5.20 -6.51
C ILE A 105 -1.65 -5.29 -5.48
N ARG A 106 -2.68 -4.46 -5.60
CA ARG A 106 -3.89 -4.49 -4.78
C ARG A 106 -5.13 -4.57 -5.66
N GLU A 107 -6.02 -5.54 -5.45
CA GLU A 107 -7.23 -5.70 -6.28
C GLU A 107 -8.51 -5.65 -5.43
N PHE A 108 -9.37 -4.67 -5.71
CA PHE A 108 -10.66 -4.44 -5.07
C PHE A 108 -11.71 -5.48 -5.47
N ASN A 109 -11.80 -6.57 -4.69
CA ASN A 109 -12.83 -7.60 -4.85
C ASN A 109 -14.25 -7.06 -4.58
N GLY A 110 -14.41 -6.19 -3.57
CA GLY A 110 -15.67 -5.50 -3.24
C GLY A 110 -15.85 -5.25 -1.75
N ASP A 111 -15.56 -6.25 -0.92
CA ASP A 111 -15.60 -6.18 0.56
C ASP A 111 -14.21 -6.29 1.20
N GLU A 112 -13.21 -6.71 0.41
CA GLU A 112 -11.80 -6.74 0.77
C GLU A 112 -10.92 -6.45 -0.46
N VAL A 113 -9.61 -6.33 -0.25
CA VAL A 113 -8.60 -6.16 -1.30
C VAL A 113 -7.50 -7.22 -1.15
N VAL A 114 -7.04 -7.82 -2.25
CA VAL A 114 -5.92 -8.78 -2.23
C VAL A 114 -4.59 -8.08 -2.53
N VAL A 115 -3.65 -8.12 -1.59
CA VAL A 115 -2.28 -7.60 -1.73
C VAL A 115 -1.34 -8.70 -2.20
N THR A 116 -0.57 -8.41 -3.24
CA THR A 116 0.45 -9.27 -3.85
C THR A 116 1.73 -8.46 -4.02
N ALA A 117 2.64 -8.53 -3.04
CA ALA A 117 3.97 -7.93 -3.14
C ALA A 117 4.97 -8.92 -3.76
N SER A 118 5.96 -8.40 -4.48
CA SER A 118 7.00 -9.16 -5.16
C SER A 118 8.23 -8.25 -5.43
N CYS A 119 9.12 -8.16 -4.45
CA CYS A 119 10.45 -7.57 -4.60
C CYS A 119 11.43 -8.49 -5.37
N ASP A 120 12.71 -8.16 -5.33
CA ASP A 120 13.85 -8.87 -5.95
C ASP A 120 13.79 -10.40 -5.82
N GLY A 121 13.43 -10.91 -4.63
CA GLY A 121 13.20 -12.33 -4.36
C GLY A 121 12.36 -12.53 -3.09
N VAL A 122 11.45 -11.58 -2.81
CA VAL A 122 10.61 -11.50 -1.61
C VAL A 122 9.17 -11.24 -2.06
N THR A 123 8.33 -12.27 -1.95
CA THR A 123 6.92 -12.22 -2.34
C THR A 123 6.05 -12.29 -1.08
N SER A 124 5.04 -11.42 -1.01
CA SER A 124 4.11 -11.33 0.12
C SER A 124 2.67 -11.42 -0.34
N VAL A 125 1.81 -11.87 0.56
CA VAL A 125 0.39 -12.12 0.29
C VAL A 125 -0.39 -11.81 1.55
N ARG A 126 -1.17 -10.73 1.46
CA ARG A 126 -1.98 -10.18 2.56
C ARG A 126 -3.35 -9.79 2.02
N THR A 127 -4.35 -9.71 2.89
CA THR A 127 -5.71 -9.28 2.50
C THR A 127 -6.04 -7.99 3.25
N TYR A 128 -6.94 -7.16 2.73
CA TYR A 128 -7.20 -5.81 3.22
C TYR A 128 -8.69 -5.64 3.52
N LYS A 129 -9.05 -5.52 4.79
CA LYS A 129 -10.44 -5.46 5.28
C LYS A 129 -11.02 -4.06 5.08
N ARG A 130 -11.96 -3.91 4.14
CA ARG A 130 -12.67 -2.64 3.87
C ARG A 130 -13.55 -2.22 5.05
N ILE A 131 -13.38 -0.98 5.51
CA ILE A 131 -14.07 -0.36 6.65
C ILE A 131 -14.43 1.11 6.37
N MET A 1 -14.35 6.96 -8.85
CA MET A 1 -15.06 6.31 -7.73
C MET A 1 -15.78 5.04 -8.20
N ALA A 2 -15.18 3.86 -7.97
CA ALA A 2 -15.70 2.55 -8.41
C ALA A 2 -15.83 1.57 -7.23
N SER A 3 -16.28 2.06 -6.07
CA SER A 3 -16.27 1.37 -4.76
C SER A 3 -14.86 0.94 -4.30
N ILE A 4 -13.83 1.65 -4.80
CA ILE A 4 -12.40 1.50 -4.42
C ILE A 4 -11.92 2.65 -3.50
N GLU A 5 -12.85 3.35 -2.83
CA GLU A 5 -12.54 4.40 -1.84
C GLU A 5 -12.95 3.97 -0.41
N GLY A 6 -12.35 4.55 0.64
CA GLY A 6 -12.66 4.26 2.06
C GLY A 6 -11.42 4.10 2.95
N LYS A 7 -11.61 3.60 4.18
CA LYS A 7 -10.57 3.38 5.23
C LYS A 7 -10.26 1.89 5.39
N TYR A 8 -9.12 1.47 4.85
CA TYR A 8 -8.79 0.08 4.59
C TYR A 8 -7.77 -0.44 5.59
N LYS A 9 -7.92 -1.66 6.11
CA LYS A 9 -7.07 -2.20 7.17
C LYS A 9 -6.64 -3.64 6.85
N LEU A 10 -5.53 -4.07 7.44
CA LEU A 10 -4.96 -5.42 7.29
C LEU A 10 -6.02 -6.51 7.61
N GLU A 11 -6.06 -7.60 6.84
CA GLU A 11 -7.03 -8.70 7.06
C GLU A 11 -6.49 -10.09 6.70
N LYS A 12 -5.18 -10.31 6.89
CA LYS A 12 -4.52 -11.62 6.73
C LYS A 12 -3.22 -11.70 7.51
N SER A 13 -2.27 -10.85 7.12
CA SER A 13 -0.82 -10.96 7.35
C SER A 13 -0.22 -12.34 7.03
N GLU A 14 0.67 -12.37 6.04
CA GLU A 14 1.49 -13.54 5.70
C GLU A 14 2.68 -13.11 4.86
N LYS A 15 3.86 -13.68 5.12
CA LYS A 15 5.17 -13.20 4.63
C LYS A 15 5.46 -11.72 4.95
N PHE A 16 4.71 -11.11 5.87
CA PHE A 16 4.90 -9.72 6.28
C PHE A 16 6.33 -9.48 6.78
N ASP A 17 6.85 -10.29 7.71
CA ASP A 17 8.22 -10.15 8.24
C ASP A 17 9.32 -10.17 7.18
N GLU A 18 9.07 -10.79 6.02
CA GLU A 18 9.94 -10.79 4.84
C GLU A 18 9.69 -9.58 3.92
N PHE A 19 8.43 -9.23 3.64
CA PHE A 19 8.05 -8.01 2.90
C PHE A 19 8.50 -6.72 3.58
N LEU A 20 8.40 -6.64 4.90
CA LEU A 20 8.78 -5.47 5.70
C LEU A 20 10.28 -5.14 5.59
N ASP A 21 11.11 -6.13 5.23
CA ASP A 21 12.50 -5.94 4.82
C ASP A 21 12.59 -4.91 3.66
N LYS A 22 11.71 -5.04 2.66
CA LYS A 22 11.58 -4.19 1.48
C LYS A 22 10.81 -2.89 1.76
N LEU A 23 9.87 -2.88 2.70
CA LEU A 23 9.10 -1.69 3.08
C LEU A 23 9.90 -0.69 3.93
N GLY A 24 10.84 -1.16 4.76
CA GLY A 24 11.77 -0.31 5.53
C GLY A 24 11.29 0.08 6.94
N VAL A 25 10.13 -0.43 7.35
CA VAL A 25 9.54 -0.28 8.69
C VAL A 25 10.27 -1.12 9.77
N GLY A 26 9.78 -1.08 11.01
CA GLY A 26 10.31 -1.81 12.17
C GLY A 26 9.25 -2.63 12.93
N PHE A 27 9.58 -3.01 14.17
CA PHE A 27 8.76 -3.86 15.04
C PHE A 27 7.30 -3.39 15.15
N MET A 28 7.05 -2.07 15.22
CA MET A 28 5.70 -1.47 15.26
C MET A 28 4.77 -1.85 14.09
N VAL A 29 5.33 -2.34 12.98
CA VAL A 29 4.60 -2.81 11.79
C VAL A 29 4.76 -4.32 11.59
N LYS A 30 5.83 -4.93 12.12
CA LYS A 30 5.90 -6.40 12.28
C LYS A 30 4.80 -6.91 13.22
N THR A 31 4.52 -6.21 14.33
CA THR A 31 3.43 -6.55 15.27
C THR A 31 2.05 -6.27 14.69
N ALA A 32 1.95 -5.30 13.77
CA ALA A 32 0.74 -5.08 12.98
C ALA A 32 0.34 -6.28 12.09
N ALA A 33 1.22 -7.26 11.87
CA ALA A 33 0.81 -8.54 11.32
C ALA A 33 -0.29 -9.22 12.17
N LYS A 34 -0.26 -9.07 13.50
CA LYS A 34 -1.26 -9.67 14.42
C LYS A 34 -2.44 -8.75 14.75
N THR A 35 -2.35 -7.46 14.45
CA THR A 35 -3.42 -6.46 14.66
C THR A 35 -3.47 -5.44 13.54
N LEU A 36 -4.64 -5.25 12.95
CA LEU A 36 -4.95 -4.33 11.84
C LEU A 36 -4.83 -2.81 12.16
N LYS A 37 -3.89 -2.43 13.03
CA LYS A 37 -3.36 -1.07 13.26
C LYS A 37 -3.05 -0.26 11.98
N PRO A 38 -2.38 -0.81 10.95
CA PRO A 38 -2.06 -0.07 9.75
C PRO A 38 -3.32 0.07 8.90
N THR A 39 -3.61 1.32 8.54
CA THR A 39 -4.78 1.71 7.75
C THR A 39 -4.31 2.37 6.46
N PHE A 40 -5.15 2.43 5.44
CA PHE A 40 -4.93 3.15 4.18
C PHE A 40 -6.24 3.84 3.79
N GLU A 41 -6.27 5.16 3.78
CA GLU A 41 -7.41 5.89 3.22
C GLU A 41 -7.15 6.13 1.74
N VAL A 42 -8.15 5.85 0.90
CA VAL A 42 -8.08 6.07 -0.52
C VAL A 42 -9.29 6.89 -0.93
N ALA A 43 -9.04 8.06 -1.52
CA ALA A 43 -10.07 8.97 -2.00
C ALA A 43 -9.82 9.23 -3.49
N ILE A 44 -10.63 8.56 -4.32
CA ILE A 44 -10.54 8.56 -5.79
C ILE A 44 -11.61 9.51 -6.30
N GLU A 45 -11.22 10.77 -6.44
CA GLU A 45 -12.10 11.86 -6.84
C GLU A 45 -11.87 12.12 -8.34
N ASN A 46 -12.93 12.27 -9.13
CA ASN A 46 -12.84 12.54 -10.58
C ASN A 46 -12.19 13.90 -10.88
N ASP A 47 -10.85 13.95 -10.84
CA ASP A 47 -9.92 15.08 -11.03
C ASP A 47 -8.50 14.73 -10.50
N GLN A 48 -8.39 14.02 -9.37
CA GLN A 48 -7.13 13.69 -8.70
C GLN A 48 -7.22 12.48 -7.75
N TYR A 49 -6.08 11.89 -7.43
CA TYR A 49 -5.98 10.72 -6.53
C TYR A 49 -5.35 11.14 -5.21
N ILE A 50 -5.92 10.66 -4.10
CA ILE A 50 -5.46 10.91 -2.73
C ILE A 50 -5.17 9.56 -2.08
N PHE A 51 -3.87 9.24 -2.00
CA PHE A 51 -3.30 8.01 -1.47
C PHE A 51 -2.78 8.24 -0.03
N ARG A 52 -3.66 8.06 0.95
CA ARG A 52 -3.32 8.17 2.38
C ARG A 52 -2.81 6.82 2.88
N SER A 53 -1.64 6.82 3.49
CA SER A 53 -1.01 5.64 4.09
C SER A 53 -0.94 5.85 5.59
N LEU A 54 -1.91 5.34 6.33
CA LEU A 54 -2.00 5.38 7.80
C LEU A 54 -1.34 4.14 8.43
N SER A 55 -0.20 3.74 7.86
CA SER A 55 0.55 2.52 8.20
C SER A 55 2.01 2.88 8.46
N THR A 56 2.97 2.17 7.85
CA THR A 56 4.40 2.51 7.75
C THR A 56 5.03 3.17 9.00
N PHE A 57 4.73 2.63 10.18
CA PHE A 57 4.97 3.18 11.53
C PHE A 57 4.26 4.53 11.84
N LYS A 58 4.19 5.45 10.88
CA LYS A 58 3.54 6.76 10.97
C LYS A 58 2.68 7.07 9.75
N ASN A 59 1.50 7.63 9.99
CA ASN A 59 0.60 8.03 8.91
C ASN A 59 1.20 9.13 8.00
N THR A 60 0.76 9.18 6.75
CA THR A 60 1.16 10.18 5.76
C THR A 60 0.04 10.39 4.74
N GLU A 61 -0.21 11.64 4.37
CA GLU A 61 -1.15 12.02 3.32
C GLU A 61 -0.39 12.44 2.05
N ALA A 62 -0.75 11.82 0.93
CA ALA A 62 -0.20 12.13 -0.39
C ALA A 62 -1.37 12.30 -1.38
N LYS A 63 -1.34 13.37 -2.18
CA LYS A 63 -2.39 13.72 -3.12
C LYS A 63 -1.82 14.48 -4.31
N PHE A 64 -2.14 13.98 -5.50
CA PHE A 64 -1.56 14.46 -6.77
C PHE A 64 -2.43 14.03 -7.96
N LYS A 65 -2.32 12.77 -8.40
CA LYS A 65 -2.96 12.16 -9.58
C LYS A 65 -2.65 10.66 -9.67
N LEU A 66 -3.23 9.97 -10.65
CA LEU A 66 -2.93 8.58 -10.99
C LEU A 66 -1.69 8.53 -11.91
N GLY A 67 -0.77 7.58 -11.64
CA GLY A 67 0.44 7.38 -12.43
C GLY A 67 1.54 8.42 -12.15
N GLU A 68 1.36 9.23 -11.10
CA GLU A 68 2.43 10.05 -10.50
C GLU A 68 3.67 9.18 -10.22
N GLU A 69 4.88 9.72 -10.40
CA GLU A 69 6.12 9.03 -10.03
C GLU A 69 7.11 10.05 -9.45
N PHE A 70 7.41 9.89 -8.16
CA PHE A 70 8.31 10.75 -7.40
C PHE A 70 9.25 9.91 -6.53
N GLU A 71 10.27 10.54 -5.95
CA GLU A 71 11.22 9.92 -5.03
C GLU A 71 11.61 10.95 -3.94
N GLU A 72 10.90 10.93 -2.82
CA GLU A 72 11.14 11.81 -1.66
C GLU A 72 10.96 11.06 -0.33
N ASP A 73 11.41 11.66 0.78
CA ASP A 73 11.30 11.11 2.14
C ASP A 73 9.83 10.88 2.56
N ARG A 74 9.41 9.61 2.51
CA ARG A 74 8.03 9.11 2.71
C ARG A 74 8.06 7.92 3.69
N ALA A 75 6.88 7.34 3.94
CA ALA A 75 6.69 6.29 4.95
C ALA A 75 7.27 6.71 6.31
N ASP A 76 7.84 5.78 7.08
CA ASP A 76 8.51 6.03 8.37
C ASP A 76 9.51 7.20 8.29
N GLY A 77 10.38 7.17 7.28
CA GLY A 77 11.44 8.15 7.08
C GLY A 77 12.47 7.67 6.04
N LYS A 78 12.00 7.23 4.86
CA LYS A 78 12.82 6.65 3.78
C LYS A 78 12.54 7.33 2.44
N ARG A 79 13.59 7.80 1.76
CA ARG A 79 13.49 8.41 0.42
C ARG A 79 13.66 7.34 -0.65
N VAL A 80 12.54 6.98 -1.29
CA VAL A 80 12.47 5.95 -2.34
C VAL A 80 11.39 6.30 -3.36
N LYS A 81 11.41 5.64 -4.53
CA LYS A 81 10.38 5.83 -5.56
C LYS A 81 8.98 5.54 -5.02
N THR A 82 8.00 6.21 -5.59
CA THR A 82 6.58 6.07 -5.25
C THR A 82 5.73 6.38 -6.47
N VAL A 83 5.11 5.33 -7.02
CA VAL A 83 4.18 5.38 -8.15
C VAL A 83 3.00 4.46 -7.90
N ILE A 84 1.80 4.99 -8.10
CA ILE A 84 0.50 4.35 -7.84
C ILE A 84 -0.35 4.49 -9.12
N GLN A 85 -0.84 3.37 -9.64
CA GLN A 85 -1.57 3.30 -10.90
C GLN A 85 -2.70 2.28 -10.83
N LYS A 86 -3.79 2.53 -11.55
CA LYS A 86 -5.02 1.72 -11.52
C LYS A 86 -5.32 1.20 -12.93
N GLU A 87 -5.59 -0.10 -13.01
CA GLU A 87 -5.88 -0.83 -14.24
C GLU A 87 -7.39 -1.18 -14.23
N GLY A 88 -8.15 -0.48 -15.08
CA GLY A 88 -9.60 -0.65 -15.26
C GLY A 88 -10.46 -0.59 -13.98
N ASP A 89 -10.10 0.28 -13.03
CA ASP A 89 -10.77 0.44 -11.71
C ASP A 89 -11.06 -0.88 -10.98
N ASN A 90 -10.08 -1.78 -11.02
CA ASN A 90 -10.17 -3.14 -10.47
C ASN A 90 -8.83 -3.68 -9.97
N LYS A 91 -7.73 -3.41 -10.68
CA LYS A 91 -6.37 -3.89 -10.38
C LYS A 91 -5.42 -2.70 -10.26
N PHE A 92 -5.22 -2.22 -9.04
CA PHE A 92 -4.23 -1.20 -8.75
C PHE A 92 -2.85 -1.87 -8.58
N VAL A 93 -1.79 -1.24 -9.12
CA VAL A 93 -0.39 -1.62 -8.84
C VAL A 93 0.44 -0.44 -8.36
N GLN A 94 1.44 -0.73 -7.53
CA GLN A 94 2.37 0.20 -6.92
C GLN A 94 3.79 -0.32 -7.09
N THR A 95 4.72 0.60 -7.33
CA THR A 95 6.16 0.29 -7.37
C THR A 95 6.89 1.28 -6.48
N GLN A 96 7.76 0.77 -5.58
CA GLN A 96 8.60 1.61 -4.73
C GLN A 96 10.04 1.08 -4.65
N PHE A 97 11.02 1.99 -4.62
CA PHE A 97 12.45 1.65 -4.53
C PHE A 97 12.89 1.35 -3.08
N GLY A 98 11.94 0.91 -2.22
CA GLY A 98 12.06 0.65 -0.78
C GLY A 98 13.44 0.12 -0.36
N ASP A 99 13.87 -0.92 -1.06
CA ASP A 99 15.26 -1.41 -1.09
C ASP A 99 15.82 -1.51 -2.53
N LYS A 100 14.97 -1.83 -3.53
CA LYS A 100 15.37 -1.98 -4.95
C LYS A 100 14.25 -1.79 -5.99
N GLU A 101 13.03 -2.26 -5.72
CA GLU A 101 11.81 -2.22 -6.56
C GLU A 101 10.79 -3.27 -6.09
N VAL A 102 10.08 -2.96 -5.00
CA VAL A 102 8.93 -3.77 -4.56
C VAL A 102 7.73 -3.51 -5.49
N LYS A 103 6.95 -4.55 -5.82
CA LYS A 103 5.75 -4.49 -6.66
C LYS A 103 4.53 -4.89 -5.85
N ILE A 104 3.73 -3.92 -5.42
CA ILE A 104 2.44 -4.14 -4.73
C ILE A 104 1.36 -4.24 -5.80
N ILE A 105 0.77 -5.40 -5.97
CA ILE A 105 -0.50 -5.60 -6.69
C ILE A 105 -1.64 -5.54 -5.67
N ARG A 106 -2.81 -5.02 -6.07
CA ARG A 106 -4.06 -4.98 -5.31
C ARG A 106 -5.25 -5.13 -6.26
N GLU A 107 -5.87 -6.32 -6.27
CA GLU A 107 -7.08 -6.58 -7.06
C GLU A 107 -8.35 -6.62 -6.20
N PHE A 108 -9.36 -5.83 -6.56
CA PHE A 108 -10.72 -5.82 -6.03
C PHE A 108 -11.41 -7.18 -6.16
N ASN A 109 -11.96 -7.68 -5.04
CA ASN A 109 -12.69 -8.94 -4.99
C ASN A 109 -14.19 -8.76 -4.68
N GLY A 110 -14.53 -7.84 -3.76
CA GLY A 110 -15.93 -7.45 -3.47
C GLY A 110 -16.07 -6.72 -2.13
N ASP A 111 -15.74 -7.42 -1.03
CA ASP A 111 -15.69 -6.88 0.35
C ASP A 111 -14.24 -6.58 0.79
N GLU A 112 -13.29 -7.19 0.07
CA GLU A 112 -11.84 -7.17 0.31
C GLU A 112 -11.04 -7.07 -1.01
N VAL A 113 -9.72 -7.04 -0.88
CA VAL A 113 -8.72 -6.99 -1.98
C VAL A 113 -7.53 -7.88 -1.63
N VAL A 114 -6.98 -8.55 -2.64
CA VAL A 114 -5.75 -9.36 -2.53
C VAL A 114 -4.50 -8.48 -2.75
N VAL A 115 -3.77 -8.14 -1.69
CA VAL A 115 -2.44 -7.50 -1.83
C VAL A 115 -1.40 -8.58 -2.14
N THR A 116 -0.50 -8.28 -3.09
CA THR A 116 0.62 -9.13 -3.51
C THR A 116 1.87 -8.27 -3.60
N ALA A 117 2.75 -8.30 -2.59
CA ALA A 117 3.99 -7.51 -2.59
C ALA A 117 5.19 -8.36 -3.04
N SER A 118 5.54 -8.30 -4.32
CA SER A 118 6.62 -9.05 -4.94
C SER A 118 7.82 -8.15 -5.26
N CYS A 119 8.92 -8.31 -4.52
CA CYS A 119 10.22 -7.65 -4.77
C CYS A 119 11.21 -8.62 -5.44
N ASP A 120 12.50 -8.30 -5.37
CA ASP A 120 13.63 -9.05 -5.97
C ASP A 120 13.58 -10.58 -5.78
N GLY A 121 13.25 -11.03 -4.57
CA GLY A 121 13.08 -12.43 -4.19
C GLY A 121 12.25 -12.60 -2.92
N VAL A 122 11.27 -11.71 -2.75
CA VAL A 122 10.39 -11.57 -1.58
C VAL A 122 8.97 -11.43 -2.08
N THR A 123 8.12 -12.44 -1.86
CA THR A 123 6.73 -12.47 -2.32
C THR A 123 5.81 -12.53 -1.10
N SER A 124 5.01 -11.48 -0.93
CA SER A 124 4.03 -11.33 0.15
C SER A 124 2.61 -11.51 -0.36
N VAL A 125 1.70 -11.80 0.56
CA VAL A 125 0.28 -11.97 0.27
C VAL A 125 -0.53 -11.66 1.53
N ARG A 126 -1.29 -10.56 1.49
CA ARG A 126 -2.15 -10.11 2.59
C ARG A 126 -3.44 -9.50 2.08
N THR A 127 -4.56 -10.14 2.33
CA THR A 127 -5.89 -9.55 2.06
C THR A 127 -6.10 -8.31 2.94
N TYR A 128 -6.83 -7.29 2.46
CA TYR A 128 -7.27 -6.12 3.24
C TYR A 128 -8.82 -6.08 3.24
N LYS A 129 -9.44 -5.61 4.34
CA LYS A 129 -10.90 -5.42 4.47
C LYS A 129 -11.26 -3.93 4.48
N ARG A 130 -12.30 -3.55 3.72
CA ARG A 130 -12.80 -2.18 3.59
C ARG A 130 -13.81 -1.80 4.68
N ILE A 131 -13.56 -0.67 5.37
CA ILE A 131 -14.37 -0.11 6.47
C ILE A 131 -14.71 1.37 6.21
#